data_1X5W
#
_entry.id   1X5W
#
loop_
_entity.id
_entity.type
_entity.pdbx_description
1 polymer 'Zinc finger protein 64, isoforms 1'
2 non-polymer 'ZINC ION'
#
_entity_poly.entity_id   1
_entity_poly.type   'polypeptide(L)'
_entity_poly.pdbx_seq_one_letter_code
;GSSGSSGHPEKCSECSYSCSSKAALRIHERIHCTDRPFKCNYCSFDTKQPSNLSKHMKKFHGDMSGPSSG
;
_entity_poly.pdbx_strand_id   A
#
# COMPACT_ATOMS: atom_id res chain seq x y z
N GLY A 1 -10.04 17.59 4.80
CA GLY A 1 -8.86 18.17 4.19
C GLY A 1 -8.36 19.39 4.94
N SER A 2 -7.29 19.22 5.71
CA SER A 2 -6.72 20.32 6.48
C SER A 2 -5.95 21.28 5.58
N SER A 3 -4.98 20.74 4.84
CA SER A 3 -4.17 21.56 3.93
C SER A 3 -5.01 22.05 2.76
N GLY A 4 -4.89 23.35 2.46
CA GLY A 4 -5.64 23.93 1.36
C GLY A 4 -5.39 23.21 0.04
N SER A 5 -6.17 23.56 -0.97
CA SER A 5 -6.03 22.93 -2.29
C SER A 5 -6.27 23.96 -3.39
N SER A 6 -5.37 23.96 -4.37
CA SER A 6 -5.48 24.90 -5.49
C SER A 6 -6.69 24.57 -6.36
N GLY A 7 -6.86 23.28 -6.66
CA GLY A 7 -7.98 22.85 -7.47
C GLY A 7 -7.54 22.24 -8.79
N HIS A 8 -6.53 21.37 -8.72
CA HIS A 8 -6.02 20.71 -9.91
C HIS A 8 -7.12 19.99 -10.67
N PRO A 9 -6.96 19.84 -11.98
CA PRO A 9 -7.94 19.17 -12.84
C PRO A 9 -8.00 17.67 -12.58
N GLU A 10 -6.97 17.13 -11.93
CA GLU A 10 -6.91 15.71 -11.62
C GLU A 10 -6.25 15.48 -10.27
N LYS A 11 -6.63 14.38 -9.61
CA LYS A 11 -6.08 14.04 -8.31
C LYS A 11 -5.98 12.53 -8.14
N CYS A 12 -5.28 12.10 -7.10
CA CYS A 12 -5.12 10.68 -6.82
C CYS A 12 -6.07 10.22 -5.71
N SER A 13 -6.70 9.07 -5.91
CA SER A 13 -7.63 8.52 -4.93
C SER A 13 -6.89 7.85 -3.79
N GLU A 14 -5.68 7.38 -4.07
CA GLU A 14 -4.86 6.71 -3.07
C GLU A 14 -4.28 7.71 -2.08
N CYS A 15 -3.66 8.76 -2.60
CA CYS A 15 -3.06 9.79 -1.78
C CYS A 15 -3.51 11.18 -2.22
N SER A 16 -3.03 12.20 -1.52
CA SER A 16 -3.38 13.58 -1.84
C SER A 16 -2.47 14.13 -2.94
N TYR A 17 -2.12 13.28 -3.90
CA TYR A 17 -1.26 13.68 -5.00
C TYR A 17 -2.08 14.08 -6.22
N SER A 18 -1.92 15.34 -6.65
CA SER A 18 -2.66 15.84 -7.80
C SER A 18 -1.71 16.49 -8.81
N CYS A 19 -2.06 16.41 -10.08
CA CYS A 19 -1.23 16.98 -11.14
C CYS A 19 -2.09 17.76 -12.13
N SER A 20 -1.44 18.56 -12.97
CA SER A 20 -2.14 19.37 -13.96
C SER A 20 -2.51 18.53 -15.19
N SER A 21 -1.51 17.88 -15.77
CA SER A 21 -1.72 17.05 -16.95
C SER A 21 -2.21 15.66 -16.55
N LYS A 22 -3.36 15.27 -17.07
CA LYS A 22 -3.94 13.97 -16.77
C LYS A 22 -2.89 12.86 -16.91
N ALA A 23 -2.34 12.73 -18.11
CA ALA A 23 -1.33 11.71 -18.37
C ALA A 23 -0.30 11.66 -17.24
N ALA A 24 0.09 12.84 -16.76
CA ALA A 24 1.07 12.93 -15.69
C ALA A 24 0.61 12.13 -14.46
N LEU A 25 -0.64 12.35 -14.07
CA LEU A 25 -1.19 11.66 -12.90
C LEU A 25 -0.98 10.16 -13.01
N ARG A 26 -1.41 9.57 -14.12
CA ARG A 26 -1.27 8.14 -14.35
C ARG A 26 0.14 7.68 -14.00
N ILE A 27 1.14 8.41 -14.49
CA ILE A 27 2.54 8.08 -14.23
C ILE A 27 2.82 8.02 -12.73
N HIS A 28 2.20 8.95 -11.98
CA HIS A 28 2.39 9.00 -10.53
C HIS A 28 1.84 7.75 -9.87
N GLU A 29 0.67 7.30 -10.34
CA GLU A 29 0.04 6.10 -9.78
C GLU A 29 1.05 4.97 -9.61
N ARG A 30 2.05 4.95 -10.48
CA ARG A 30 3.09 3.93 -10.42
C ARG A 30 3.66 3.82 -9.01
N ILE A 31 3.79 4.95 -8.32
CA ILE A 31 4.32 4.98 -6.97
C ILE A 31 3.67 3.90 -6.11
N HIS A 32 2.41 3.59 -6.40
CA HIS A 32 1.68 2.58 -5.64
C HIS A 32 1.86 1.21 -6.27
N CYS A 33 3.10 0.86 -6.60
CA CYS A 33 3.42 -0.42 -7.20
C CYS A 33 4.08 -1.35 -6.19
N THR A 34 4.03 -2.65 -6.47
CA THR A 34 4.63 -3.65 -5.59
C THR A 34 5.14 -4.85 -6.38
N ASP A 35 6.29 -5.37 -5.97
CA ASP A 35 6.89 -6.52 -6.64
C ASP A 35 6.66 -7.79 -5.83
N ARG A 36 6.57 -7.65 -4.51
CA ARG A 36 6.35 -8.78 -3.63
C ARG A 36 4.87 -9.14 -3.56
N PRO A 37 4.54 -10.38 -3.95
CA PRO A 37 3.17 -10.88 -3.93
C PRO A 37 2.63 -11.08 -2.52
N PHE A 38 3.46 -11.64 -1.65
CA PHE A 38 3.07 -11.88 -0.27
C PHE A 38 3.06 -10.58 0.53
N LYS A 39 1.87 -10.19 0.99
CA LYS A 39 1.73 -8.96 1.78
C LYS A 39 1.08 -9.24 3.13
N CYS A 40 1.42 -8.44 4.12
CA CYS A 40 0.88 -8.60 5.46
C CYS A 40 -0.50 -7.96 5.57
N ASN A 41 -1.27 -8.40 6.56
CA ASN A 41 -2.61 -7.88 6.79
C ASN A 41 -2.62 -6.86 7.91
N TYR A 42 -1.75 -7.06 8.90
CA TYR A 42 -1.66 -6.17 10.04
C TYR A 42 -0.90 -4.89 9.68
N CYS A 43 0.30 -5.06 9.12
CA CYS A 43 1.12 -3.93 8.71
C CYS A 43 1.38 -3.95 7.21
N SER A 44 2.11 -2.94 6.73
CA SER A 44 2.42 -2.84 5.31
C SER A 44 3.73 -3.56 5.00
N PHE A 45 3.89 -4.75 5.56
CA PHE A 45 5.10 -5.54 5.35
C PHE A 45 4.91 -6.52 4.19
N ASP A 46 5.72 -6.36 3.15
CA ASP A 46 5.64 -7.22 1.98
C ASP A 46 6.97 -7.93 1.73
N THR A 47 6.92 -9.24 1.52
CA THR A 47 8.12 -10.03 1.28
C THR A 47 7.95 -10.92 0.06
N LYS A 48 9.04 -11.15 -0.66
CA LYS A 48 9.02 -11.99 -1.86
C LYS A 48 9.19 -13.46 -1.49
N GLN A 49 8.74 -13.82 -0.30
CA GLN A 49 8.85 -15.20 0.17
C GLN A 49 7.67 -15.56 1.08
N PRO A 50 7.19 -16.80 0.94
CA PRO A 50 6.06 -17.31 1.74
C PRO A 50 6.43 -17.50 3.21
N SER A 51 7.67 -17.90 3.45
CA SER A 51 8.15 -18.13 4.82
C SER A 51 8.44 -16.80 5.51
N ASN A 52 9.08 -15.88 4.78
CA ASN A 52 9.42 -14.58 5.33
C ASN A 52 8.20 -13.91 5.96
N LEU A 53 7.05 -14.10 5.34
CA LEU A 53 5.80 -13.53 5.84
C LEU A 53 5.28 -14.31 7.04
N SER A 54 5.26 -15.63 6.91
CA SER A 54 4.78 -16.49 7.99
C SER A 54 5.47 -16.16 9.30
N LYS A 55 6.79 -16.34 9.33
CA LYS A 55 7.57 -16.05 10.53
C LYS A 55 7.37 -14.60 10.98
N HIS A 56 7.17 -13.71 10.02
CA HIS A 56 6.96 -12.29 10.32
C HIS A 56 5.64 -12.09 11.07
N MET A 57 4.64 -12.87 10.71
CA MET A 57 3.32 -12.78 11.35
C MET A 57 3.46 -12.89 12.86
N LYS A 58 4.22 -13.87 13.32
CA LYS A 58 4.42 -14.08 14.74
C LYS A 58 5.56 -13.21 15.27
N LYS A 59 6.58 -13.01 14.43
CA LYS A 59 7.73 -12.19 14.82
C LYS A 59 7.28 -10.85 15.39
N PHE A 60 6.31 -10.23 14.73
CA PHE A 60 5.79 -8.94 15.17
C PHE A 60 4.40 -9.10 15.77
N HIS A 61 3.50 -9.72 15.01
CA HIS A 61 2.13 -9.93 15.45
C HIS A 61 1.96 -11.33 16.04
N GLY A 62 2.76 -11.64 17.06
CA GLY A 62 2.69 -12.95 17.70
C GLY A 62 2.07 -12.89 19.07
N ASP A 63 2.52 -11.94 19.88
CA ASP A 63 2.00 -11.78 21.24
C ASP A 63 0.81 -10.82 21.26
N MET A 64 -0.05 -10.94 20.25
CA MET A 64 -1.22 -10.09 20.15
C MET A 64 -2.50 -10.90 20.38
N SER A 65 -3.56 -10.21 20.81
CA SER A 65 -4.84 -10.87 21.07
C SER A 65 -5.64 -11.03 19.79
N GLY A 66 -5.35 -12.09 19.05
CA GLY A 66 -6.05 -12.33 17.80
C GLY A 66 -7.17 -13.35 17.96
N PRO A 67 -6.81 -14.63 18.02
CA PRO A 67 -7.78 -15.73 18.18
C PRO A 67 -8.43 -15.73 19.56
N SER A 68 -9.68 -16.19 19.62
CA SER A 68 -10.42 -16.25 20.88
C SER A 68 -10.18 -17.58 21.58
N SER A 69 -8.92 -18.02 21.60
CA SER A 69 -8.57 -19.29 22.24
C SER A 69 -7.19 -19.19 22.88
N GLY A 70 -7.10 -19.58 24.15
CA GLY A 70 -5.84 -19.55 24.86
C GLY A 70 -5.93 -18.81 26.17
N GLY A 1 -1.37 24.20 8.90
CA GLY A 1 -0.20 23.35 9.06
C GLY A 1 -0.55 21.88 8.97
N SER A 2 -0.34 21.29 7.80
CA SER A 2 -0.64 19.88 7.60
C SER A 2 -1.87 19.46 8.38
N SER A 3 -2.89 20.31 8.39
CA SER A 3 -4.12 20.03 9.11
C SER A 3 -5.27 19.75 8.14
N GLY A 4 -4.98 18.97 7.10
CA GLY A 4 -5.99 18.64 6.12
C GLY A 4 -5.83 19.42 4.83
N SER A 5 -6.93 20.00 4.35
CA SER A 5 -6.90 20.77 3.11
C SER A 5 -6.51 19.90 1.93
N SER A 6 -7.04 18.68 1.89
CA SER A 6 -6.74 17.74 0.82
C SER A 6 -7.28 18.25 -0.51
N GLY A 7 -6.54 19.14 -1.15
CA GLY A 7 -6.97 19.69 -2.42
C GLY A 7 -5.93 19.50 -3.51
N HIS A 8 -5.91 18.31 -4.12
CA HIS A 8 -4.96 18.01 -5.18
C HIS A 8 -5.63 18.07 -6.54
N PRO A 9 -4.82 18.26 -7.60
CA PRO A 9 -5.32 18.33 -8.97
C PRO A 9 -5.82 16.98 -9.48
N GLU A 10 -5.09 15.93 -9.17
CA GLU A 10 -5.47 14.58 -9.59
C GLU A 10 -5.57 13.64 -8.39
N LYS A 11 -6.38 12.60 -8.52
CA LYS A 11 -6.57 11.62 -7.46
C LYS A 11 -6.81 10.23 -8.02
N CYS A 12 -6.63 9.21 -7.20
CA CYS A 12 -6.84 7.83 -7.62
C CYS A 12 -8.19 7.32 -7.15
N SER A 13 -8.91 6.65 -8.04
CA SER A 13 -10.23 6.11 -7.73
C SER A 13 -10.10 4.83 -6.91
N GLU A 14 -8.99 4.13 -7.08
CA GLU A 14 -8.76 2.89 -6.36
C GLU A 14 -8.47 3.16 -4.88
N CYS A 15 -7.52 4.05 -4.62
CA CYS A 15 -7.17 4.41 -3.25
C CYS A 15 -7.14 5.92 -3.07
N SER A 16 -6.81 6.37 -1.86
CA SER A 16 -6.75 7.79 -1.55
C SER A 16 -5.40 8.38 -1.96
N TYR A 17 -4.85 7.89 -3.06
CA TYR A 17 -3.56 8.37 -3.55
C TYR A 17 -3.74 9.52 -4.53
N SER A 18 -3.20 10.67 -4.18
CA SER A 18 -3.30 11.86 -5.03
C SER A 18 -1.94 12.53 -5.19
N CYS A 19 -1.63 12.91 -6.43
CA CYS A 19 -0.35 13.56 -6.73
C CYS A 19 -0.57 14.90 -7.43
N SER A 20 0.49 15.67 -7.60
CA SER A 20 0.41 16.97 -8.25
C SER A 20 0.87 16.87 -9.71
N SER A 21 0.46 15.80 -10.37
CA SER A 21 0.83 15.57 -11.77
C SER A 21 0.11 14.36 -12.34
N LYS A 22 -0.61 14.57 -13.43
CA LYS A 22 -1.35 13.49 -14.08
C LYS A 22 -0.41 12.34 -14.45
N ALA A 23 0.73 12.69 -15.05
CA ALA A 23 1.71 11.68 -15.45
C ALA A 23 2.11 10.80 -14.28
N ALA A 24 2.40 11.42 -13.14
CA ALA A 24 2.79 10.69 -11.95
C ALA A 24 1.70 9.71 -11.51
N LEU A 25 0.48 10.23 -11.39
CA LEU A 25 -0.66 9.42 -10.98
C LEU A 25 -0.70 8.10 -11.76
N ARG A 26 -0.33 8.18 -13.03
CA ARG A 26 -0.33 7.00 -13.89
C ARG A 26 0.70 5.98 -13.40
N ILE A 27 1.84 6.47 -12.93
CA ILE A 27 2.90 5.60 -12.43
C ILE A 27 2.48 4.92 -11.14
N HIS A 28 1.63 5.57 -10.37
CA HIS A 28 1.15 5.03 -9.10
C HIS A 28 0.18 3.88 -9.34
N GLU A 29 -0.67 4.01 -10.36
CA GLU A 29 -1.64 2.99 -10.69
C GLU A 29 -0.98 1.61 -10.72
N ARG A 30 0.30 1.58 -11.03
CA ARG A 30 1.05 0.32 -11.09
C ARG A 30 0.87 -0.48 -9.81
N ILE A 31 0.77 0.23 -8.69
CA ILE A 31 0.61 -0.41 -7.38
C ILE A 31 -0.46 -1.49 -7.45
N HIS A 32 -1.55 -1.21 -8.17
CA HIS A 32 -2.64 -2.15 -8.31
C HIS A 32 -2.37 -3.14 -9.45
N CYS A 33 -1.62 -4.18 -9.15
CA CYS A 33 -1.30 -5.19 -10.16
C CYS A 33 -0.67 -6.42 -9.50
N THR A 34 -0.94 -7.59 -10.07
CA THR A 34 -0.41 -8.84 -9.54
C THR A 34 1.10 -8.91 -9.70
N ASP A 35 1.82 -8.21 -8.83
CA ASP A 35 3.27 -8.19 -8.87
C ASP A 35 3.86 -9.33 -8.04
N ARG A 36 3.33 -9.52 -6.84
CA ARG A 36 3.80 -10.57 -5.95
C ARG A 36 2.64 -11.45 -5.48
N PRO A 37 2.87 -12.76 -5.43
CA PRO A 37 1.86 -13.72 -4.99
C PRO A 37 1.56 -13.63 -3.51
N PHE A 38 2.46 -12.97 -2.77
CA PHE A 38 2.30 -12.81 -1.33
C PHE A 38 2.31 -11.33 -0.95
N LYS A 39 1.13 -10.74 -0.81
CA LYS A 39 1.02 -9.33 -0.45
C LYS A 39 0.40 -9.18 0.94
N CYS A 40 0.56 -7.99 1.53
CA CYS A 40 0.02 -7.72 2.85
C CYS A 40 -1.33 -7.03 2.74
N ASN A 41 -2.25 -7.39 3.63
CA ASN A 41 -3.59 -6.81 3.64
C ASN A 41 -3.69 -5.71 4.68
N TYR A 42 -2.55 -5.25 5.18
CA TYR A 42 -2.51 -4.19 6.18
C TYR A 42 -1.75 -2.98 5.66
N CYS A 43 -0.66 -3.23 4.94
CA CYS A 43 0.16 -2.16 4.38
C CYS A 43 0.50 -2.44 2.93
N SER A 44 1.21 -1.51 2.30
CA SER A 44 1.60 -1.64 0.91
C SER A 44 2.87 -2.50 0.77
N PHE A 45 2.89 -3.61 1.49
CA PHE A 45 4.04 -4.51 1.47
C PHE A 45 3.76 -5.72 0.58
N ASP A 46 4.73 -6.10 -0.24
CA ASP A 46 4.59 -7.24 -1.13
C ASP A 46 5.91 -7.98 -1.27
N THR A 47 5.87 -9.30 -1.10
CA THR A 47 7.07 -10.13 -1.21
C THR A 47 6.83 -11.33 -2.11
N LYS A 48 7.88 -11.77 -2.79
CA LYS A 48 7.78 -12.91 -3.70
C LYS A 48 7.61 -14.20 -2.93
N GLN A 49 8.31 -14.31 -1.80
CA GLN A 49 8.23 -15.50 -0.97
C GLN A 49 7.28 -15.29 0.21
N PRO A 50 6.66 -16.39 0.68
CA PRO A 50 5.71 -16.33 1.80
C PRO A 50 6.40 -16.03 3.13
N SER A 51 7.47 -16.76 3.41
CA SER A 51 8.21 -16.58 4.66
C SER A 51 8.43 -15.09 4.93
N ASN A 52 8.88 -14.37 3.91
CA ASN A 52 9.14 -12.93 4.04
C ASN A 52 7.91 -12.21 4.58
N LEU A 53 6.75 -12.52 4.01
CA LEU A 53 5.50 -11.90 4.45
C LEU A 53 5.11 -12.35 5.85
N SER A 54 4.84 -13.64 5.99
CA SER A 54 4.46 -14.20 7.29
C SER A 54 5.25 -13.55 8.41
N LYS A 55 6.56 -13.44 8.22
CA LYS A 55 7.43 -12.84 9.23
C LYS A 55 7.19 -11.33 9.32
N HIS A 56 6.90 -10.71 8.19
CA HIS A 56 6.64 -9.28 8.14
C HIS A 56 5.36 -8.94 8.90
N MET A 57 4.36 -9.80 8.78
CA MET A 57 3.08 -9.58 9.45
C MET A 57 3.26 -9.55 10.96
N LYS A 58 3.87 -10.60 11.50
CA LYS A 58 4.12 -10.68 12.94
C LYS A 58 5.10 -9.61 13.40
N LYS A 59 6.11 -9.36 12.57
CA LYS A 59 7.12 -8.35 12.89
C LYS A 59 6.48 -7.02 13.26
N PHE A 60 5.72 -6.47 12.31
CA PHE A 60 5.03 -5.20 12.53
C PHE A 60 3.62 -5.41 13.07
N HIS A 61 2.78 -6.06 12.25
CA HIS A 61 1.41 -6.33 12.64
C HIS A 61 1.34 -7.55 13.55
N GLY A 62 2.16 -7.57 14.59
CA GLY A 62 2.18 -8.68 15.50
C GLY A 62 1.28 -8.46 16.71
N ASP A 63 1.42 -7.30 17.34
CA ASP A 63 0.62 -6.96 18.51
C ASP A 63 -0.87 -7.02 18.17
N MET A 64 -1.28 -6.27 17.16
CA MET A 64 -2.68 -6.24 16.74
C MET A 64 -3.15 -7.63 16.33
N SER A 65 -4.32 -8.02 16.83
CA SER A 65 -4.88 -9.33 16.52
C SER A 65 -3.89 -10.44 16.85
N GLY A 66 -3.24 -10.32 18.01
CA GLY A 66 -2.27 -11.33 18.41
C GLY A 66 -2.46 -11.74 19.86
N PRO A 67 -2.31 -13.06 20.12
CA PRO A 67 -2.46 -13.61 21.47
C PRO A 67 -1.31 -13.20 22.39
N SER A 68 -0.08 -13.40 21.93
CA SER A 68 1.09 -13.04 22.72
C SER A 68 2.38 -13.26 21.91
N SER A 69 3.24 -12.26 21.93
CA SER A 69 4.50 -12.33 21.20
C SER A 69 5.50 -11.30 21.71
N GLY A 70 6.50 -11.77 22.44
CA GLY A 70 7.51 -10.88 22.99
C GLY A 70 6.93 -9.90 24.00
N GLY A 1 -5.55 33.58 9.62
CA GLY A 1 -4.97 32.45 8.91
C GLY A 1 -5.94 31.30 8.77
N SER A 2 -7.04 31.54 8.06
CA SER A 2 -8.06 30.52 7.85
C SER A 2 -7.47 29.31 7.12
N SER A 3 -7.39 28.18 7.81
CA SER A 3 -6.84 26.96 7.22
C SER A 3 -7.95 25.93 7.00
N GLY A 4 -7.81 25.14 5.93
CA GLY A 4 -8.79 24.13 5.62
C GLY A 4 -8.18 22.88 5.04
N SER A 5 -8.68 22.45 3.88
CA SER A 5 -8.19 21.25 3.22
C SER A 5 -7.81 21.56 1.77
N SER A 6 -6.57 21.98 1.56
CA SER A 6 -6.09 22.30 0.23
C SER A 6 -5.02 21.31 -0.23
N GLY A 7 -4.77 21.26 -1.53
CA GLY A 7 -3.78 20.36 -2.07
C GLY A 7 -3.85 20.24 -3.58
N HIS A 8 -3.03 19.36 -4.15
CA HIS A 8 -3.01 19.16 -5.59
C HIS A 8 -4.41 18.94 -6.12
N PRO A 9 -4.59 19.21 -7.43
CA PRO A 9 -5.89 19.05 -8.10
C PRO A 9 -6.29 17.58 -8.25
N GLU A 10 -5.32 16.73 -8.56
CA GLU A 10 -5.58 15.31 -8.73
C GLU A 10 -4.85 14.49 -7.66
N LYS A 11 -5.46 13.39 -7.24
CA LYS A 11 -4.87 12.52 -6.23
C LYS A 11 -5.10 11.05 -6.56
N CYS A 12 -4.31 10.18 -5.95
CA CYS A 12 -4.43 8.75 -6.18
C CYS A 12 -5.34 8.10 -5.13
N SER A 13 -6.26 7.26 -5.60
CA SER A 13 -7.19 6.58 -4.69
C SER A 13 -6.48 5.47 -3.91
N GLU A 14 -5.44 4.92 -4.51
CA GLU A 14 -4.67 3.86 -3.87
C GLU A 14 -3.86 4.40 -2.70
N CYS A 15 -2.98 5.36 -2.99
CA CYS A 15 -2.14 5.97 -1.97
C CYS A 15 -2.38 7.47 -1.89
N SER A 16 -1.59 8.15 -1.05
CA SER A 16 -1.72 9.58 -0.88
C SER A 16 -0.87 10.34 -1.91
N TYR A 17 -0.66 9.71 -3.05
CA TYR A 17 0.13 10.32 -4.12
C TYR A 17 -0.72 11.25 -4.97
N SER A 18 -0.25 12.48 -5.15
CA SER A 18 -0.96 13.47 -5.95
C SER A 18 -0.03 14.14 -6.95
N CYS A 19 -0.58 14.51 -8.10
CA CYS A 19 0.20 15.17 -9.14
C CYS A 19 -0.55 16.37 -9.72
N SER A 20 0.16 17.19 -10.48
CA SER A 20 -0.44 18.38 -11.08
C SER A 20 -1.16 18.03 -12.38
N SER A 21 -0.47 17.29 -13.25
CA SER A 21 -1.03 16.90 -14.54
C SER A 21 -1.76 15.56 -14.42
N LYS A 22 -2.85 15.42 -15.17
CA LYS A 22 -3.64 14.20 -15.14
C LYS A 22 -2.84 13.02 -15.71
N ALA A 23 -2.25 13.21 -16.87
CA ALA A 23 -1.45 12.17 -17.51
C ALA A 23 -0.35 11.68 -16.57
N ALA A 24 0.30 12.61 -15.88
CA ALA A 24 1.37 12.26 -14.95
C ALA A 24 0.89 11.23 -13.93
N LEU A 25 -0.20 11.54 -13.25
CA LEU A 25 -0.76 10.64 -12.24
C LEU A 25 -0.90 9.22 -12.79
N ARG A 26 -1.56 9.10 -13.95
CA ARG A 26 -1.76 7.81 -14.59
C ARG A 26 -0.50 6.95 -14.49
N ILE A 27 0.63 7.55 -14.85
CA ILE A 27 1.92 6.85 -14.81
C ILE A 27 2.18 6.28 -13.42
N HIS A 28 2.21 7.16 -12.42
CA HIS A 28 2.45 6.75 -11.05
C HIS A 28 1.67 5.50 -10.70
N GLU A 29 0.42 5.43 -11.17
CA GLU A 29 -0.44 4.28 -10.90
C GLU A 29 0.35 2.98 -11.06
N ARG A 30 1.22 2.94 -12.06
CA ARG A 30 2.03 1.75 -12.31
C ARG A 30 2.56 1.16 -11.01
N ILE A 31 2.97 2.03 -10.09
CA ILE A 31 3.49 1.59 -8.80
C ILE A 31 2.70 0.41 -8.25
N HIS A 32 1.37 0.48 -8.40
CA HIS A 32 0.50 -0.59 -7.91
C HIS A 32 0.33 -1.67 -8.98
N CYS A 33 1.37 -2.48 -9.16
CA CYS A 33 1.33 -3.56 -10.16
C CYS A 33 1.76 -4.88 -9.53
N THR A 34 1.37 -5.98 -10.16
CA THR A 34 1.70 -7.31 -9.68
C THR A 34 3.21 -7.50 -9.56
N ASP A 35 3.76 -7.17 -8.40
CA ASP A 35 5.18 -7.30 -8.17
C ASP A 35 5.48 -8.45 -7.21
N ARG A 36 4.91 -8.35 -6.01
CA ARG A 36 5.11 -9.39 -4.99
C ARG A 36 3.92 -10.36 -4.96
N PRO A 37 4.23 -11.66 -5.07
CA PRO A 37 3.20 -12.70 -5.06
C PRO A 37 2.58 -12.87 -3.68
N PHE A 38 3.41 -12.96 -2.65
CA PHE A 38 2.93 -13.12 -1.29
C PHE A 38 2.41 -11.80 -0.73
N LYS A 39 1.25 -11.85 -0.07
CA LYS A 39 0.65 -10.66 0.51
C LYS A 39 0.13 -10.95 1.91
N CYS A 40 0.07 -9.91 2.74
CA CYS A 40 -0.43 -10.06 4.11
C CYS A 40 -1.93 -9.82 4.18
N ASN A 41 -2.63 -10.68 4.92
CA ASN A 41 -4.08 -10.56 5.06
C ASN A 41 -4.44 -9.56 6.16
N TYR A 42 -3.50 -9.36 7.10
CA TYR A 42 -3.73 -8.44 8.20
C TYR A 42 -3.55 -6.99 7.74
N CYS A 43 -2.48 -6.74 7.00
CA CYS A 43 -2.18 -5.40 6.50
C CYS A 43 -1.85 -5.44 5.01
N SER A 44 -1.62 -4.27 4.43
CA SER A 44 -1.28 -4.17 3.02
C SER A 44 0.21 -4.38 2.80
N PHE A 45 0.76 -5.39 3.45
CA PHE A 45 2.18 -5.70 3.32
C PHE A 45 2.41 -6.85 2.34
N ASP A 46 3.26 -6.61 1.35
CA ASP A 46 3.56 -7.63 0.35
C ASP A 46 5.07 -7.86 0.25
N THR A 47 5.47 -9.13 0.30
CA THR A 47 6.87 -9.48 0.22
C THR A 47 7.12 -10.52 -0.87
N LYS A 48 8.28 -10.45 -1.51
CA LYS A 48 8.63 -11.38 -2.57
C LYS A 48 8.86 -12.78 -2.01
N GLN A 49 9.57 -12.86 -0.89
CA GLN A 49 9.85 -14.14 -0.25
C GLN A 49 8.79 -14.47 0.80
N PRO A 50 8.49 -15.77 0.95
CA PRO A 50 7.50 -16.24 1.92
C PRO A 50 7.98 -16.09 3.36
N SER A 51 9.24 -16.41 3.60
CA SER A 51 9.81 -16.31 4.94
C SER A 51 9.61 -14.91 5.51
N ASN A 52 9.74 -13.90 4.65
CA ASN A 52 9.57 -12.52 5.07
C ASN A 52 8.16 -12.27 5.58
N LEU A 53 7.19 -12.94 4.96
CA LEU A 53 5.79 -12.80 5.36
C LEU A 53 5.52 -13.51 6.67
N SER A 54 5.56 -14.84 6.64
CA SER A 54 5.31 -15.64 7.84
C SER A 54 5.88 -14.95 9.08
N LYS A 55 7.16 -14.63 9.04
CA LYS A 55 7.82 -13.98 10.16
C LYS A 55 7.19 -12.61 10.43
N HIS A 56 6.90 -11.88 9.37
CA HIS A 56 6.29 -10.56 9.49
C HIS A 56 4.97 -10.63 10.25
N MET A 57 4.20 -11.68 9.97
CA MET A 57 2.91 -11.87 10.63
C MET A 57 3.07 -11.96 12.13
N LYS A 58 3.93 -12.89 12.58
CA LYS A 58 4.18 -13.08 14.01
C LYS A 58 4.89 -11.87 14.60
N LYS A 59 5.76 -11.25 13.80
CA LYS A 59 6.52 -10.09 14.25
C LYS A 59 5.57 -8.95 14.61
N PHE A 60 4.77 -8.51 13.64
CA PHE A 60 3.83 -7.43 13.88
C PHE A 60 2.54 -7.95 14.51
N HIS A 61 1.87 -8.86 13.82
CA HIS A 61 0.63 -9.44 14.30
C HIS A 61 0.91 -10.66 15.18
N GLY A 62 1.78 -10.49 16.17
CA GLY A 62 2.11 -11.58 17.06
C GLY A 62 1.10 -11.75 18.18
N ASP A 63 1.05 -10.77 19.07
CA ASP A 63 0.12 -10.80 20.20
C ASP A 63 -1.33 -10.78 19.71
N MET A 64 -1.80 -11.94 19.24
CA MET A 64 -3.17 -12.05 18.75
C MET A 64 -3.71 -13.45 18.97
N SER A 65 -5.01 -13.55 19.26
CA SER A 65 -5.64 -14.84 19.50
C SER A 65 -6.75 -15.10 18.48
N GLY A 66 -7.47 -16.20 18.66
CA GLY A 66 -8.54 -16.54 17.74
C GLY A 66 -8.26 -17.83 16.98
N PRO A 67 -8.29 -18.96 17.69
CA PRO A 67 -8.04 -20.28 17.10
C PRO A 67 -9.17 -20.71 16.16
N SER A 68 -10.35 -20.14 16.37
CA SER A 68 -11.51 -20.47 15.55
C SER A 68 -12.39 -19.25 15.32
N SER A 69 -12.53 -18.84 14.07
CA SER A 69 -13.33 -17.68 13.72
C SER A 69 -14.82 -18.01 13.83
N GLY A 70 -15.65 -16.96 13.84
CA GLY A 70 -17.08 -17.15 13.94
C GLY A 70 -17.62 -16.76 15.29
N GLY A 1 3.05 19.93 12.93
CA GLY A 1 2.04 19.24 12.15
C GLY A 1 2.61 18.58 10.92
N SER A 2 2.52 19.25 9.78
CA SER A 2 3.03 18.70 8.53
C SER A 2 2.34 17.39 8.18
N SER A 3 1.01 17.36 8.35
CA SER A 3 0.23 16.17 8.06
C SER A 3 0.63 15.57 6.71
N GLY A 4 0.77 16.43 5.71
CA GLY A 4 1.14 15.97 4.38
C GLY A 4 1.04 17.06 3.34
N SER A 5 2.06 17.93 3.29
CA SER A 5 2.08 19.02 2.33
C SER A 5 1.44 18.61 1.01
N SER A 6 0.32 19.24 0.68
CA SER A 6 -0.40 18.93 -0.55
C SER A 6 -0.66 20.20 -1.36
N GLY A 7 -1.00 20.03 -2.63
CA GLY A 7 -1.28 21.17 -3.48
C GLY A 7 -1.90 20.76 -4.80
N HIS A 8 -1.22 19.90 -5.55
CA HIS A 8 -1.73 19.43 -6.83
C HIS A 8 -3.19 19.03 -6.73
N PRO A 9 -3.92 19.15 -7.86
CA PRO A 9 -5.34 18.80 -7.92
C PRO A 9 -5.58 17.30 -7.81
N GLU A 10 -4.53 16.52 -8.07
CA GLU A 10 -4.62 15.07 -8.01
C GLU A 10 -3.42 14.48 -7.30
N LYS A 11 -3.63 13.42 -6.54
CA LYS A 11 -2.56 12.75 -5.80
C LYS A 11 -2.82 11.26 -5.69
N CYS A 12 -1.83 10.53 -5.18
CA CYS A 12 -1.96 9.08 -5.01
C CYS A 12 -2.28 8.72 -3.57
N SER A 13 -3.25 7.82 -3.39
CA SER A 13 -3.65 7.40 -2.06
C SER A 13 -2.62 6.47 -1.45
N GLU A 14 -1.92 5.73 -2.30
CA GLU A 14 -0.89 4.80 -1.84
C GLU A 14 0.31 5.55 -1.25
N CYS A 15 0.88 6.45 -2.04
CA CYS A 15 2.02 7.23 -1.59
C CYS A 15 1.74 8.73 -1.73
N SER A 16 2.71 9.54 -1.32
CA SER A 16 2.57 11.00 -1.39
C SER A 16 2.97 11.51 -2.77
N TYR A 17 2.64 10.75 -3.81
CA TYR A 17 2.97 11.14 -5.17
C TYR A 17 1.80 11.85 -5.84
N SER A 18 1.97 13.15 -6.07
CA SER A 18 0.93 13.95 -6.70
C SER A 18 1.48 14.75 -7.88
N CYS A 19 0.66 14.93 -8.90
CA CYS A 19 1.07 15.68 -10.08
C CYS A 19 -0.02 16.65 -10.53
N SER A 20 0.37 17.66 -11.29
CA SER A 20 -0.58 18.65 -11.78
C SER A 20 -1.27 18.17 -13.05
N SER A 21 -1.66 16.90 -13.06
CA SER A 21 -2.32 16.31 -14.21
C SER A 21 -2.83 14.90 -13.89
N LYS A 22 -4.14 14.74 -13.86
CA LYS A 22 -4.75 13.45 -13.56
C LYS A 22 -4.16 12.36 -14.45
N ALA A 23 -3.91 12.70 -15.71
CA ALA A 23 -3.35 11.76 -16.67
C ALA A 23 -1.99 11.24 -16.19
N ALA A 24 -1.13 12.16 -15.76
CA ALA A 24 0.20 11.80 -15.28
C ALA A 24 0.11 10.85 -14.09
N LEU A 25 -0.76 11.17 -13.14
CA LEU A 25 -0.95 10.35 -11.95
C LEU A 25 -1.19 8.89 -12.32
N ARG A 26 -2.12 8.67 -13.25
CA ARG A 26 -2.45 7.32 -13.70
C ARG A 26 -1.18 6.56 -14.07
N ILE A 27 -0.29 7.20 -14.81
CA ILE A 27 0.96 6.57 -15.23
C ILE A 27 1.78 6.16 -14.02
N HIS A 28 1.80 7.00 -12.99
CA HIS A 28 2.55 6.71 -11.78
C HIS A 28 1.97 5.52 -11.04
N GLU A 29 0.64 5.44 -10.99
CA GLU A 29 -0.04 4.34 -10.32
C GLU A 29 0.61 3.01 -10.65
N ARG A 30 1.09 2.89 -11.89
CA ARG A 30 1.73 1.66 -12.34
C ARG A 30 2.75 1.16 -11.30
N ILE A 31 3.45 2.09 -10.67
CA ILE A 31 4.44 1.75 -9.66
C ILE A 31 3.92 0.66 -8.73
N HIS A 32 2.65 0.76 -8.37
CA HIS A 32 2.03 -0.23 -7.49
C HIS A 32 1.43 -1.37 -8.29
N CYS A 33 2.19 -1.88 -9.26
CA CYS A 33 1.73 -2.98 -10.10
C CYS A 33 2.17 -4.32 -9.53
N THR A 34 1.28 -5.31 -9.58
CA THR A 34 1.58 -6.64 -9.07
C THR A 34 3.03 -7.02 -9.34
N ASP A 35 3.81 -7.14 -8.27
CA ASP A 35 5.22 -7.50 -8.39
C ASP A 35 5.58 -8.61 -7.41
N ARG A 36 5.44 -8.32 -6.12
CA ARG A 36 5.75 -9.30 -5.09
C ARG A 36 4.71 -10.42 -5.05
N PRO A 37 5.18 -11.67 -5.16
CA PRO A 37 4.31 -12.85 -5.14
C PRO A 37 3.69 -13.09 -3.77
N PHE A 38 4.50 -12.98 -2.74
CA PHE A 38 4.02 -13.19 -1.37
C PHE A 38 3.28 -11.97 -0.85
N LYS A 39 1.99 -12.11 -0.63
CA LYS A 39 1.17 -11.01 -0.14
C LYS A 39 0.47 -11.40 1.16
N CYS A 40 0.18 -10.40 2.00
CA CYS A 40 -0.47 -10.63 3.27
C CYS A 40 -1.99 -10.59 3.12
N ASN A 41 -2.69 -11.36 3.95
CA ASN A 41 -4.14 -11.41 3.90
C ASN A 41 -4.76 -10.39 4.86
N TYR A 42 -4.10 -10.19 6.00
CA TYR A 42 -4.58 -9.24 6.99
C TYR A 42 -4.42 -7.81 6.51
N CYS A 43 -3.20 -7.45 6.10
CA CYS A 43 -2.92 -6.11 5.61
C CYS A 43 -2.40 -6.15 4.18
N SER A 44 -2.19 -4.98 3.59
CA SER A 44 -1.69 -4.89 2.23
C SER A 44 -0.17 -4.92 2.19
N PHE A 45 0.41 -5.87 2.92
CA PHE A 45 1.86 -6.02 2.98
C PHE A 45 2.33 -7.08 1.99
N ASP A 46 3.19 -6.67 1.05
CA ASP A 46 3.71 -7.59 0.05
C ASP A 46 5.23 -7.58 0.06
N THR A 47 5.83 -8.77 0.17
CA THR A 47 7.28 -8.91 0.21
C THR A 47 7.75 -9.93 -0.80
N LYS A 48 8.93 -9.70 -1.38
CA LYS A 48 9.50 -10.61 -2.37
C LYS A 48 10.27 -11.73 -1.68
N GLN A 49 9.78 -12.17 -0.52
CA GLN A 49 10.43 -13.23 0.23
C GLN A 49 9.42 -13.95 1.13
N PRO A 50 9.53 -15.29 1.20
CA PRO A 50 8.64 -16.11 2.01
C PRO A 50 8.89 -15.92 3.51
N SER A 51 10.16 -15.94 3.90
CA SER A 51 10.53 -15.76 5.30
C SER A 51 10.13 -14.38 5.80
N ASN A 52 10.05 -13.42 4.88
CA ASN A 52 9.68 -12.05 5.23
C ASN A 52 8.20 -11.97 5.59
N LEU A 53 7.38 -12.75 4.91
CA LEU A 53 5.95 -12.76 5.16
C LEU A 53 5.62 -13.58 6.41
N SER A 54 6.07 -14.83 6.45
CA SER A 54 5.83 -15.70 7.58
C SER A 54 6.00 -14.95 8.90
N LYS A 55 7.13 -14.27 9.04
CA LYS A 55 7.41 -13.50 10.25
C LYS A 55 6.46 -12.32 10.38
N HIS A 56 6.48 -11.43 9.39
CA HIS A 56 5.61 -10.26 9.40
C HIS A 56 4.23 -10.60 9.96
N MET A 57 3.78 -11.82 9.69
CA MET A 57 2.48 -12.28 10.17
C MET A 57 2.45 -12.31 11.69
N LYS A 58 3.43 -12.97 12.29
CA LYS A 58 3.51 -13.08 13.74
C LYS A 58 3.91 -11.74 14.36
N LYS A 59 4.86 -11.06 13.73
CA LYS A 59 5.33 -9.77 14.21
C LYS A 59 4.17 -8.81 14.46
N PHE A 60 3.34 -8.63 13.43
CA PHE A 60 2.19 -7.74 13.53
C PHE A 60 0.96 -8.50 14.01
N HIS A 61 0.48 -9.43 13.18
CA HIS A 61 -0.69 -10.22 13.51
C HIS A 61 -0.29 -11.47 14.31
N GLY A 62 0.46 -11.26 15.39
CA GLY A 62 0.89 -12.36 16.22
C GLY A 62 -0.14 -12.77 17.24
N ASP A 63 -0.79 -13.92 17.02
CA ASP A 63 -1.81 -14.41 17.94
C ASP A 63 -3.10 -13.60 17.81
N MET A 64 -3.48 -13.32 16.56
CA MET A 64 -4.70 -12.56 16.30
C MET A 64 -5.80 -13.46 15.75
N SER A 65 -5.99 -14.61 16.39
CA SER A 65 -7.01 -15.57 15.97
C SER A 65 -7.99 -15.85 17.11
N GLY A 66 -7.46 -16.33 18.24
CA GLY A 66 -8.30 -16.64 19.37
C GLY A 66 -8.93 -15.40 19.98
N PRO A 67 -8.25 -14.80 20.97
CA PRO A 67 -8.73 -13.60 21.64
C PRO A 67 -8.69 -12.36 20.74
N SER A 68 -9.86 -11.95 20.28
CA SER A 68 -9.96 -10.78 19.41
C SER A 68 -10.35 -9.54 20.20
N SER A 69 -11.42 -9.66 20.98
CA SER A 69 -11.90 -8.55 21.79
C SER A 69 -10.78 -7.97 22.67
N GLY A 70 -10.23 -6.84 22.24
CA GLY A 70 -9.16 -6.22 23.00
C GLY A 70 -7.79 -6.50 22.40
N GLY A 1 -3.93 21.92 13.85
CA GLY A 1 -4.98 21.82 12.87
C GLY A 1 -4.61 22.47 11.54
N SER A 2 -5.08 21.89 10.45
CA SER A 2 -4.78 22.41 9.12
C SER A 2 -6.02 23.07 8.50
N SER A 3 -5.81 23.83 7.43
CA SER A 3 -6.90 24.51 6.76
C SER A 3 -7.13 23.93 5.37
N GLY A 4 -7.09 22.61 5.28
CA GLY A 4 -7.29 21.94 3.99
C GLY A 4 -6.05 21.98 3.12
N SER A 5 -5.64 20.82 2.63
CA SER A 5 -4.46 20.73 1.78
C SER A 5 -4.80 20.03 0.46
N SER A 6 -5.46 20.77 -0.43
CA SER A 6 -5.85 20.22 -1.73
C SER A 6 -5.36 21.12 -2.86
N GLY A 7 -4.80 20.50 -3.90
CA GLY A 7 -4.29 21.26 -5.02
C GLY A 7 -3.18 20.53 -5.75
N HIS A 8 -3.52 19.86 -6.83
CA HIS A 8 -2.54 19.13 -7.63
C HIS A 8 -2.78 19.32 -9.12
N PRO A 9 -1.71 19.17 -9.92
CA PRO A 9 -1.79 19.31 -11.37
C PRO A 9 -2.56 18.18 -12.03
N GLU A 10 -2.45 16.98 -11.46
CA GLU A 10 -3.14 15.82 -11.99
C GLU A 10 -4.03 15.17 -10.93
N LYS A 11 -5.02 14.42 -11.38
CA LYS A 11 -5.94 13.75 -10.47
C LYS A 11 -6.38 12.41 -11.04
N CYS A 12 -6.67 11.46 -10.14
CA CYS A 12 -7.10 10.13 -10.56
C CYS A 12 -8.59 10.13 -10.91
N SER A 13 -8.92 9.54 -12.05
CA SER A 13 -10.31 9.47 -12.50
C SER A 13 -11.09 8.44 -11.69
N GLU A 14 -10.38 7.48 -11.10
CA GLU A 14 -11.00 6.44 -10.29
C GLU A 14 -11.36 6.96 -8.90
N CYS A 15 -10.36 7.48 -8.20
CA CYS A 15 -10.56 8.02 -6.85
C CYS A 15 -10.10 9.46 -6.76
N SER A 16 -10.16 10.02 -5.57
CA SER A 16 -9.74 11.40 -5.34
C SER A 16 -8.24 11.49 -5.10
N TYR A 17 -7.51 10.50 -5.61
CA TYR A 17 -6.06 10.46 -5.45
C TYR A 17 -5.37 11.34 -6.49
N SER A 18 -4.50 12.23 -6.02
CA SER A 18 -3.78 13.13 -6.91
C SER A 18 -2.31 13.23 -6.50
N CYS A 19 -1.43 13.37 -7.50
CA CYS A 19 0.00 13.47 -7.25
C CYS A 19 0.61 14.60 -8.06
N SER A 20 1.87 14.91 -7.79
CA SER A 20 2.57 15.98 -8.50
C SER A 20 3.43 15.41 -9.62
N SER A 21 2.91 14.39 -10.29
CA SER A 21 3.64 13.75 -11.39
C SER A 21 2.71 12.83 -12.19
N LYS A 22 2.52 13.16 -13.46
CA LYS A 22 1.67 12.37 -14.33
C LYS A 22 2.01 10.89 -14.23
N ALA A 23 3.21 10.54 -14.67
CA ALA A 23 3.66 9.15 -14.63
C ALA A 23 3.34 8.51 -13.28
N ALA A 24 3.67 9.22 -12.21
CA ALA A 24 3.43 8.73 -10.85
C ALA A 24 1.98 8.25 -10.70
N LEU A 25 1.04 9.12 -11.04
CA LEU A 25 -0.37 8.79 -10.94
C LEU A 25 -0.66 7.43 -11.57
N ARG A 26 -0.13 7.20 -12.77
CA ARG A 26 -0.34 5.95 -13.46
C ARG A 26 -0.07 4.76 -12.54
N ILE A 27 1.08 4.77 -11.89
CA ILE A 27 1.45 3.70 -10.98
C ILE A 27 0.41 3.53 -9.87
N HIS A 28 -0.04 4.66 -9.33
CA HIS A 28 -1.03 4.64 -8.27
C HIS A 28 -2.27 3.85 -8.68
N GLU A 29 -2.65 3.98 -9.95
CA GLU A 29 -3.80 3.28 -10.47
C GLU A 29 -3.80 1.81 -10.05
N ARG A 30 -2.60 1.27 -9.83
CA ARG A 30 -2.45 -0.11 -9.42
C ARG A 30 -3.33 -0.43 -8.22
N ILE A 31 -3.47 0.54 -7.33
CA ILE A 31 -4.29 0.37 -6.13
C ILE A 31 -5.64 -0.25 -6.48
N HIS A 32 -6.14 0.06 -7.67
CA HIS A 32 -7.42 -0.47 -8.13
C HIS A 32 -7.25 -1.86 -8.73
N CYS A 33 -6.49 -1.92 -9.83
CA CYS A 33 -6.25 -3.18 -10.52
C CYS A 33 -5.63 -4.21 -9.57
N THR A 34 -4.42 -3.93 -9.12
CA THR A 34 -3.72 -4.83 -8.20
C THR A 34 -2.52 -4.15 -7.57
N ASP A 35 -2.52 -4.07 -6.24
CA ASP A 35 -1.42 -3.45 -5.51
C ASP A 35 -0.51 -4.50 -4.89
N ARG A 36 -1.04 -5.26 -3.95
CA ARG A 36 -0.28 -6.30 -3.27
C ARG A 36 -1.06 -7.62 -3.24
N PRO A 37 -0.52 -8.63 -3.95
CA PRO A 37 -1.15 -9.95 -4.03
C PRO A 37 -1.07 -10.70 -2.71
N PHE A 38 -0.10 -10.33 -1.88
CA PHE A 38 0.10 -10.97 -0.58
C PHE A 38 -0.35 -10.06 0.55
N LYS A 39 -1.29 -10.54 1.36
CA LYS A 39 -1.80 -9.77 2.48
C LYS A 39 -1.73 -10.58 3.78
N CYS A 40 -1.78 -9.88 4.91
CA CYS A 40 -1.72 -10.53 6.21
C CYS A 40 -3.12 -10.87 6.72
N ASN A 41 -3.23 -11.98 7.44
CA ASN A 41 -4.51 -12.41 7.97
C ASN A 41 -4.72 -11.88 9.39
N TYR A 42 -3.62 -11.52 10.04
CA TYR A 42 -3.67 -11.00 11.40
C TYR A 42 -3.98 -9.50 11.40
N CYS A 43 -3.17 -8.74 10.66
CA CYS A 43 -3.34 -7.30 10.56
C CYS A 43 -3.56 -6.87 9.12
N SER A 44 -3.76 -5.57 8.92
CA SER A 44 -3.98 -5.04 7.58
C SER A 44 -2.66 -4.76 6.87
N PHE A 45 -1.70 -5.67 7.07
CA PHE A 45 -0.39 -5.53 6.45
C PHE A 45 -0.35 -6.24 5.10
N ASP A 46 -0.05 -5.48 4.05
CA ASP A 46 0.02 -6.03 2.70
C ASP A 46 1.36 -5.71 2.06
N THR A 47 2.05 -6.75 1.58
CA THR A 47 3.35 -6.59 0.95
C THR A 47 3.35 -7.17 -0.46
N LYS A 48 4.15 -6.58 -1.34
CA LYS A 48 4.24 -7.05 -2.72
C LYS A 48 5.07 -8.33 -2.79
N GLN A 49 6.24 -8.31 -2.17
CA GLN A 49 7.12 -9.48 -2.17
C GLN A 49 6.66 -10.51 -1.15
N PRO A 50 6.69 -11.79 -1.55
CA PRO A 50 6.28 -12.90 -0.68
C PRO A 50 7.26 -13.14 0.46
N SER A 51 8.50 -12.69 0.29
CA SER A 51 9.53 -12.85 1.30
C SER A 51 9.35 -11.83 2.42
N ASN A 52 8.66 -10.74 2.11
CA ASN A 52 8.41 -9.69 3.10
C ASN A 52 7.34 -10.12 4.10
N LEU A 53 6.28 -10.74 3.60
CA LEU A 53 5.19 -11.20 4.45
C LEU A 53 5.68 -12.27 5.43
N SER A 54 6.29 -13.32 4.89
CA SER A 54 6.80 -14.41 5.71
C SER A 54 7.69 -13.89 6.82
N LYS A 55 8.33 -12.75 6.57
CA LYS A 55 9.21 -12.13 7.55
C LYS A 55 8.43 -11.22 8.49
N HIS A 56 7.35 -10.64 7.98
CA HIS A 56 6.52 -9.75 8.78
C HIS A 56 5.62 -10.54 9.72
N MET A 57 5.25 -11.74 9.31
CA MET A 57 4.39 -12.60 10.12
C MET A 57 5.09 -13.00 11.42
N LYS A 58 6.33 -13.45 11.30
CA LYS A 58 7.11 -13.87 12.46
C LYS A 58 7.65 -12.65 13.21
N LYS A 59 7.93 -11.58 12.49
CA LYS A 59 8.43 -10.36 13.08
C LYS A 59 7.43 -9.78 14.08
N PHE A 60 6.16 -9.73 13.67
CA PHE A 60 5.11 -9.20 14.52
C PHE A 60 4.36 -10.33 15.22
N HIS A 61 3.84 -11.27 14.43
CA HIS A 61 3.10 -12.40 14.96
C HIS A 61 4.00 -13.62 15.12
N GLY A 62 5.13 -13.44 15.79
CA GLY A 62 6.06 -14.53 15.99
C GLY A 62 5.72 -15.38 17.20
N ASP A 63 5.66 -14.74 18.36
CA ASP A 63 5.34 -15.44 19.60
C ASP A 63 3.83 -15.65 19.73
N MET A 64 3.21 -16.13 18.66
CA MET A 64 1.78 -16.38 18.65
C MET A 64 1.47 -17.83 18.31
N SER A 65 0.19 -18.18 18.34
CA SER A 65 -0.24 -19.55 18.03
C SER A 65 -0.08 -19.85 16.55
N GLY A 66 -0.19 -21.12 16.19
CA GLY A 66 -0.06 -21.52 14.80
C GLY A 66 0.46 -22.94 14.65
N PRO A 67 0.57 -23.40 13.39
CA PRO A 67 1.05 -24.75 13.09
C PRO A 67 2.54 -24.90 13.38
N SER A 68 3.34 -23.92 12.96
CA SER A 68 4.78 -23.96 13.18
C SER A 68 5.10 -24.11 14.65
N SER A 69 4.63 -23.17 15.47
CA SER A 69 4.87 -23.21 16.90
C SER A 69 4.53 -24.57 17.47
N GLY A 70 5.51 -25.16 18.17
CA GLY A 70 5.29 -26.47 18.76
C GLY A 70 6.49 -26.94 19.57
N GLY A 1 6.09 28.45 7.81
CA GLY A 1 6.99 28.67 6.71
C GLY A 1 6.54 27.97 5.44
N SER A 2 6.76 28.62 4.30
CA SER A 2 6.36 28.05 3.01
C SER A 2 7.34 26.94 2.58
N SER A 3 8.62 27.29 2.50
CA SER A 3 9.64 26.34 2.10
C SER A 3 9.15 25.47 0.95
N GLY A 4 8.47 26.09 -0.02
CA GLY A 4 7.97 25.36 -1.16
C GLY A 4 6.71 24.57 -0.83
N SER A 5 5.55 25.16 -1.09
CA SER A 5 4.28 24.51 -0.82
C SER A 5 4.21 23.14 -1.49
N SER A 6 4.46 23.11 -2.79
CA SER A 6 4.43 21.85 -3.54
C SER A 6 3.17 21.06 -3.23
N GLY A 7 2.03 21.77 -3.15
CA GLY A 7 0.78 21.11 -2.86
C GLY A 7 0.08 20.61 -4.11
N HIS A 8 0.49 19.44 -4.57
CA HIS A 8 -0.11 18.84 -5.77
C HIS A 8 -1.57 18.48 -5.53
N PRO A 9 -2.40 18.66 -6.56
CA PRO A 9 -3.84 18.36 -6.48
C PRO A 9 -4.11 16.85 -6.41
N GLU A 10 -3.18 16.06 -6.95
CA GLU A 10 -3.32 14.61 -6.95
C GLU A 10 -2.14 13.96 -6.22
N LYS A 11 -2.37 12.78 -5.67
CA LYS A 11 -1.34 12.04 -4.95
C LYS A 11 -1.51 10.53 -5.13
N CYS A 12 -0.47 9.78 -4.81
CA CYS A 12 -0.51 8.33 -4.94
C CYS A 12 -0.73 7.68 -3.58
N SER A 13 -1.72 6.79 -3.51
CA SER A 13 -2.04 6.10 -2.27
C SER A 13 -1.04 4.98 -1.99
N GLU A 14 -0.40 4.50 -3.06
CA GLU A 14 0.58 3.42 -2.94
C GLU A 14 1.88 3.94 -2.34
N CYS A 15 2.44 4.97 -2.97
CA CYS A 15 3.69 5.56 -2.50
C CYS A 15 3.57 7.08 -2.39
N SER A 16 4.69 7.73 -2.08
CA SER A 16 4.70 9.19 -1.94
C SER A 16 4.85 9.86 -3.31
N TYR A 17 4.11 9.35 -4.29
CA TYR A 17 4.16 9.90 -5.63
C TYR A 17 2.95 10.79 -5.90
N SER A 18 3.21 12.05 -6.25
CA SER A 18 2.16 13.01 -6.53
C SER A 18 2.42 13.75 -7.84
N CYS A 19 1.35 14.06 -8.56
CA CYS A 19 1.47 14.78 -9.83
C CYS A 19 0.51 15.95 -9.89
N SER A 20 0.56 16.70 -10.99
CA SER A 20 -0.31 17.87 -11.16
C SER A 20 -1.61 17.47 -11.85
N SER A 21 -1.49 16.74 -12.95
CA SER A 21 -2.66 16.29 -13.70
C SER A 21 -3.13 14.92 -13.23
N LYS A 22 -4.43 14.69 -13.31
CA LYS A 22 -5.01 13.41 -12.88
C LYS A 22 -4.60 12.29 -13.83
N ALA A 23 -4.75 12.53 -15.12
CA ALA A 23 -4.39 11.54 -16.13
C ALA A 23 -2.94 11.08 -15.96
N ALA A 24 -2.05 12.04 -15.69
CA ALA A 24 -0.64 11.73 -15.50
C ALA A 24 -0.45 10.67 -14.42
N LEU A 25 -0.95 10.95 -13.22
CA LEU A 25 -0.83 10.02 -12.11
C LEU A 25 -1.19 8.60 -12.55
N ARG A 26 -2.39 8.43 -13.08
CA ARG A 26 -2.86 7.14 -13.54
C ARG A 26 -1.72 6.34 -14.16
N ILE A 27 -0.95 7.00 -15.01
CA ILE A 27 0.18 6.34 -15.67
C ILE A 27 1.21 5.84 -14.66
N HIS A 28 1.55 6.70 -13.71
CA HIS A 28 2.52 6.35 -12.68
C HIS A 28 2.09 5.08 -11.94
N GLU A 29 0.80 4.98 -11.65
CA GLU A 29 0.26 3.82 -10.95
C GLU A 29 0.82 2.52 -11.54
N ARG A 30 1.10 2.54 -12.85
CA ARG A 30 1.62 1.37 -13.53
C ARG A 30 2.82 0.80 -12.79
N ILE A 31 3.64 1.69 -12.23
CA ILE A 31 4.82 1.27 -11.48
C ILE A 31 4.50 0.14 -10.51
N HIS A 32 3.23 0.07 -10.11
CA HIS A 32 2.78 -0.96 -9.18
C HIS A 32 2.09 -2.10 -9.93
N CYS A 33 2.85 -2.85 -10.70
CA CYS A 33 2.30 -3.97 -11.47
C CYS A 33 2.82 -5.30 -10.93
N THR A 34 2.02 -5.95 -10.09
CA THR A 34 2.40 -7.22 -9.50
C THR A 34 3.91 -7.30 -9.25
N ASP A 35 4.45 -6.22 -8.69
CA ASP A 35 5.88 -6.16 -8.40
C ASP A 35 6.25 -7.17 -7.32
N ARG A 36 5.49 -7.19 -6.24
CA ARG A 36 5.75 -8.11 -5.14
C ARG A 36 4.98 -9.41 -5.32
N PRO A 37 5.71 -10.53 -5.42
CA PRO A 37 5.12 -11.85 -5.61
C PRO A 37 4.38 -12.34 -4.37
N PHE A 38 4.82 -11.88 -3.20
CA PHE A 38 4.20 -12.26 -1.94
C PHE A 38 3.48 -11.07 -1.30
N LYS A 39 2.22 -11.28 -0.93
CA LYS A 39 1.43 -10.23 -0.30
C LYS A 39 0.66 -10.77 0.89
N CYS A 40 0.23 -9.87 1.77
CA CYS A 40 -0.51 -10.25 2.96
C CYS A 40 -2.01 -10.30 2.67
N ASN A 41 -2.74 -11.09 3.46
CA ASN A 41 -4.18 -11.21 3.29
C ASN A 41 -4.92 -10.38 4.32
N TYR A 42 -4.36 -10.27 5.53
CA TYR A 42 -4.97 -9.50 6.59
C TYR A 42 -4.85 -8.00 6.33
N CYS A 43 -3.63 -7.58 6.00
CA CYS A 43 -3.37 -6.16 5.72
C CYS A 43 -2.82 -5.98 4.31
N SER A 44 -2.45 -4.75 3.98
CA SER A 44 -1.91 -4.45 2.66
C SER A 44 -0.38 -4.48 2.68
N PHE A 45 0.18 -5.48 3.35
CA PHE A 45 1.62 -5.63 3.44
C PHE A 45 2.15 -6.57 2.37
N ASP A 46 3.00 -6.04 1.49
CA ASP A 46 3.58 -6.84 0.42
C ASP A 46 5.10 -6.86 0.51
N THR A 47 5.67 -8.06 0.53
CA THR A 47 7.12 -8.22 0.62
C THR A 47 7.64 -9.14 -0.48
N LYS A 48 8.86 -8.88 -0.92
CA LYS A 48 9.48 -9.70 -1.97
C LYS A 48 10.00 -11.01 -1.41
N GLN A 49 10.68 -10.94 -0.27
CA GLN A 49 11.23 -12.13 0.38
C GLN A 49 10.15 -12.87 1.15
N PRO A 50 10.09 -14.20 0.97
CA PRO A 50 9.11 -15.05 1.64
C PRO A 50 9.38 -15.17 3.13
N SER A 51 10.56 -14.75 3.56
CA SER A 51 10.93 -14.81 4.96
C SER A 51 10.32 -13.65 5.75
N ASN A 52 10.05 -12.56 5.05
CA ASN A 52 9.46 -11.38 5.68
C ASN A 52 7.99 -11.62 6.01
N LEU A 53 7.21 -11.98 4.99
CA LEU A 53 5.80 -12.25 5.18
C LEU A 53 5.55 -13.15 6.38
N SER A 54 6.18 -14.33 6.35
CA SER A 54 6.03 -15.30 7.43
C SER A 54 6.15 -14.61 8.79
N LYS A 55 7.35 -14.15 9.11
CA LYS A 55 7.59 -13.48 10.39
C LYS A 55 6.67 -12.26 10.54
N HIS A 56 6.27 -11.69 9.42
CA HIS A 56 5.39 -10.52 9.42
C HIS A 56 3.97 -10.91 9.83
N MET A 57 3.59 -12.13 9.50
CA MET A 57 2.26 -12.62 9.85
C MET A 57 2.09 -12.72 11.36
N LYS A 58 3.04 -13.36 12.02
CA LYS A 58 3.00 -13.51 13.47
C LYS A 58 3.33 -12.21 14.17
N LYS A 59 4.20 -11.41 13.56
CA LYS A 59 4.61 -10.13 14.12
C LYS A 59 3.41 -9.22 14.32
N PHE A 60 2.70 -8.93 13.23
CA PHE A 60 1.53 -8.06 13.29
C PHE A 60 0.28 -8.87 13.62
N HIS A 61 0.00 -9.88 12.80
CA HIS A 61 -1.16 -10.73 13.00
C HIS A 61 -0.80 -11.97 13.80
N GLY A 62 -0.20 -11.77 14.98
CA GLY A 62 0.20 -12.88 15.81
C GLY A 62 -0.97 -13.46 16.59
N ASP A 63 -0.71 -14.54 17.32
CA ASP A 63 -1.75 -15.19 18.11
C ASP A 63 -2.91 -15.62 17.23
N MET A 64 -2.59 -16.11 16.03
CA MET A 64 -3.61 -16.56 15.08
C MET A 64 -3.34 -17.99 14.64
N SER A 65 -2.92 -18.83 15.58
CA SER A 65 -2.63 -20.22 15.29
C SER A 65 -3.91 -21.03 15.14
N GLY A 66 -4.28 -21.33 13.90
CA GLY A 66 -5.50 -22.09 13.64
C GLY A 66 -5.48 -22.75 12.28
N PRO A 67 -4.87 -23.93 12.20
CA PRO A 67 -4.77 -24.69 10.94
C PRO A 67 -6.12 -25.26 10.51
N SER A 68 -6.90 -24.44 9.81
CA SER A 68 -8.22 -24.86 9.34
C SER A 68 -8.35 -24.61 7.83
N SER A 69 -8.94 -25.58 7.14
CA SER A 69 -9.14 -25.48 5.70
C SER A 69 -10.60 -25.67 5.33
N GLY A 70 -11.11 -24.82 4.45
CA GLY A 70 -12.50 -24.92 4.03
C GLY A 70 -12.79 -26.22 3.31
N GLY A 1 -2.13 29.22 12.65
CA GLY A 1 -3.26 28.35 12.91
C GLY A 1 -3.56 27.41 11.76
N SER A 2 -4.74 26.80 11.78
CA SER A 2 -5.14 25.87 10.73
C SER A 2 -5.85 26.61 9.60
N SER A 3 -5.08 26.98 8.57
CA SER A 3 -5.64 27.70 7.43
C SER A 3 -4.87 27.36 6.16
N GLY A 4 -5.52 27.55 5.01
CA GLY A 4 -4.89 27.26 3.74
C GLY A 4 -5.33 25.93 3.16
N SER A 5 -6.48 25.93 2.50
CA SER A 5 -7.01 24.71 1.90
C SER A 5 -6.75 24.68 0.40
N SER A 6 -5.56 24.21 0.02
CA SER A 6 -5.18 24.12 -1.38
C SER A 6 -4.41 22.85 -1.67
N GLY A 7 -4.94 22.02 -2.56
CA GLY A 7 -4.29 20.78 -2.90
C GLY A 7 -3.82 20.73 -4.35
N HIS A 8 -4.18 19.68 -5.06
CA HIS A 8 -3.79 19.53 -6.45
C HIS A 8 -5.02 19.33 -7.34
N PRO A 9 -4.89 19.68 -8.63
CA PRO A 9 -5.97 19.55 -9.60
C PRO A 9 -6.28 18.09 -9.92
N GLU A 10 -5.40 17.20 -9.53
CA GLU A 10 -5.58 15.78 -9.78
C GLU A 10 -5.09 14.95 -8.59
N LYS A 11 -5.81 13.88 -8.29
CA LYS A 11 -5.46 13.00 -7.18
C LYS A 11 -5.61 11.53 -7.57
N CYS A 12 -5.23 10.64 -6.67
CA CYS A 12 -5.33 9.20 -6.93
C CYS A 12 -6.46 8.58 -6.12
N SER A 13 -7.26 7.74 -6.77
CA SER A 13 -8.38 7.09 -6.11
C SER A 13 -7.90 5.95 -5.20
N GLU A 14 -6.76 5.37 -5.56
CA GLU A 14 -6.17 4.28 -4.78
C GLU A 14 -5.59 4.80 -3.48
N CYS A 15 -4.65 5.73 -3.58
CA CYS A 15 -4.02 6.31 -2.40
C CYS A 15 -4.18 7.83 -2.38
N SER A 16 -3.55 8.47 -1.40
CA SER A 16 -3.63 9.92 -1.26
C SER A 16 -2.54 10.61 -2.09
N TYR A 17 -2.19 9.99 -3.21
CA TYR A 17 -1.16 10.54 -4.09
C TYR A 17 -1.77 11.54 -5.08
N SER A 18 -1.27 12.77 -5.03
CA SER A 18 -1.76 13.82 -5.92
C SER A 18 -0.61 14.47 -6.68
N CYS A 19 -0.84 14.77 -7.95
CA CYS A 19 0.17 15.40 -8.79
C CYS A 19 -0.42 16.54 -9.60
N SER A 20 0.42 17.52 -9.93
CA SER A 20 -0.04 18.67 -10.70
C SER A 20 0.00 18.38 -12.20
N SER A 21 -0.39 17.16 -12.57
CA SER A 21 -0.40 16.76 -13.96
C SER A 21 -1.16 15.44 -14.13
N LYS A 22 -2.23 15.49 -14.92
CA LYS A 22 -3.05 14.31 -15.18
C LYS A 22 -2.20 13.15 -15.69
N ALA A 23 -1.39 13.42 -16.72
CA ALA A 23 -0.53 12.41 -17.29
C ALA A 23 0.29 11.70 -16.22
N ALA A 24 1.07 12.48 -15.46
CA ALA A 24 1.90 11.94 -14.40
C ALA A 24 1.09 11.04 -13.49
N LEU A 25 -0.07 11.53 -13.05
CA LEU A 25 -0.94 10.78 -12.15
C LEU A 25 -1.15 9.35 -12.68
N ARG A 26 -1.39 9.24 -13.98
CA ARG A 26 -1.61 7.94 -14.60
C ARG A 26 -0.40 7.03 -14.39
N ILE A 27 0.77 7.52 -14.77
CA ILE A 27 2.01 6.74 -14.62
C ILE A 27 2.19 6.28 -13.18
N HIS A 28 1.71 7.07 -12.24
CA HIS A 28 1.81 6.74 -10.82
C HIS A 28 0.93 5.55 -10.47
N GLU A 29 -0.27 5.52 -11.06
CA GLU A 29 -1.21 4.43 -10.81
C GLU A 29 -0.52 3.08 -10.93
N ARG A 30 0.52 3.01 -11.74
CA ARG A 30 1.27 1.78 -11.94
C ARG A 30 1.75 1.21 -10.61
N ILE A 31 2.07 2.10 -9.68
CA ILE A 31 2.55 1.69 -8.36
C ILE A 31 1.62 0.64 -7.75
N HIS A 32 0.35 0.69 -8.14
CA HIS A 32 -0.64 -0.26 -7.62
C HIS A 32 -0.81 -1.44 -8.59
N CYS A 33 0.08 -2.41 -8.50
CA CYS A 33 0.02 -3.59 -9.35
C CYS A 33 0.15 -4.87 -8.55
N THR A 34 -0.04 -6.01 -9.21
CA THR A 34 0.05 -7.31 -8.54
C THR A 34 1.32 -8.03 -8.94
N ASP A 35 2.42 -7.72 -8.26
CA ASP A 35 3.70 -8.35 -8.53
C ASP A 35 4.04 -9.40 -7.48
N ARG A 36 4.06 -8.96 -6.21
CA ARG A 36 4.37 -9.86 -5.11
C ARG A 36 3.41 -11.05 -5.09
N PRO A 37 3.97 -12.27 -5.14
CA PRO A 37 3.18 -13.50 -5.12
C PRO A 37 2.53 -13.76 -3.78
N PHE A 38 3.19 -13.34 -2.70
CA PHE A 38 2.66 -13.52 -1.36
C PHE A 38 2.13 -12.20 -0.80
N LYS A 39 1.13 -12.30 0.08
CA LYS A 39 0.53 -11.12 0.68
C LYS A 39 0.11 -11.40 2.12
N CYS A 40 -0.01 -10.35 2.91
CA CYS A 40 -0.40 -10.48 4.31
C CYS A 40 -1.91 -10.38 4.46
N ASN A 41 -2.46 -11.11 5.43
CA ASN A 41 -3.89 -11.12 5.67
C ASN A 41 -4.28 -10.06 6.70
N TYR A 42 -3.37 -9.81 7.64
CA TYR A 42 -3.61 -8.81 8.68
C TYR A 42 -3.59 -7.41 8.11
N CYS A 43 -2.56 -7.11 7.32
CA CYS A 43 -2.42 -5.79 6.71
C CYS A 43 -2.16 -5.93 5.20
N SER A 44 -1.91 -4.80 4.56
CA SER A 44 -1.65 -4.77 3.12
C SER A 44 -0.16 -4.94 2.84
N PHE A 45 0.48 -5.84 3.58
CA PHE A 45 1.91 -6.10 3.41
C PHE A 45 2.14 -7.29 2.49
N ASP A 46 2.89 -7.07 1.42
CA ASP A 46 3.19 -8.14 0.47
C ASP A 46 4.69 -8.27 0.25
N THR A 47 5.21 -9.48 0.42
CA THR A 47 6.63 -9.73 0.26
C THR A 47 6.87 -10.86 -0.76
N LYS A 48 7.98 -10.77 -1.47
CA LYS A 48 8.33 -11.77 -2.48
C LYS A 48 8.64 -13.11 -1.81
N GLN A 49 9.49 -13.07 -0.78
CA GLN A 49 9.88 -14.27 -0.06
C GLN A 49 8.77 -14.71 0.90
N PRO A 50 8.49 -16.02 0.92
CA PRO A 50 7.46 -16.60 1.78
C PRO A 50 7.85 -16.56 3.26
N SER A 51 9.10 -16.89 3.54
CA SER A 51 9.60 -16.89 4.90
C SER A 51 9.46 -15.51 5.54
N ASN A 52 9.72 -14.48 4.75
CA ASN A 52 9.61 -13.10 5.23
C ASN A 52 8.22 -12.80 5.75
N LEU A 53 7.21 -13.20 4.97
CA LEU A 53 5.82 -12.98 5.35
C LEU A 53 5.52 -13.57 6.73
N SER A 54 5.78 -14.86 6.88
CA SER A 54 5.54 -15.54 8.15
C SER A 54 6.20 -14.79 9.30
N LYS A 55 7.45 -14.37 9.09
CA LYS A 55 8.19 -13.63 10.11
C LYS A 55 7.55 -12.27 10.36
N HIS A 56 7.12 -11.61 9.28
CA HIS A 56 6.50 -10.29 9.39
C HIS A 56 5.19 -10.37 10.17
N MET A 57 4.38 -11.38 9.87
CA MET A 57 3.10 -11.57 10.54
C MET A 57 3.30 -11.69 12.05
N LYS A 58 4.17 -12.60 12.46
CA LYS A 58 4.44 -12.81 13.88
C LYS A 58 5.21 -11.63 14.46
N LYS A 59 6.11 -11.05 13.66
CA LYS A 59 6.90 -9.92 14.10
C LYS A 59 6.01 -8.76 14.53
N PHE A 60 5.03 -8.44 13.70
CA PHE A 60 4.11 -7.34 14.00
C PHE A 60 2.83 -7.88 14.65
N HIS A 61 2.09 -8.67 13.88
CA HIS A 61 0.83 -9.25 14.38
C HIS A 61 1.11 -10.42 15.32
N GLY A 62 2.00 -10.19 16.29
CA GLY A 62 2.33 -11.23 17.24
C GLY A 62 1.79 -10.96 18.62
N ASP A 63 1.99 -9.74 19.10
CA ASP A 63 1.51 -9.34 20.43
C ASP A 63 0.03 -9.67 20.58
N MET A 64 -0.75 -9.39 19.55
CA MET A 64 -2.19 -9.65 19.58
C MET A 64 -2.46 -11.13 19.84
N SER A 65 -3.28 -11.40 20.85
CA SER A 65 -3.63 -12.76 21.22
C SER A 65 -5.12 -13.02 21.02
N GLY A 66 -5.49 -13.44 19.81
CA GLY A 66 -6.88 -13.72 19.51
C GLY A 66 -7.39 -14.97 20.21
N PRO A 67 -7.15 -16.13 19.58
CA PRO A 67 -7.58 -17.42 20.13
C PRO A 67 -6.79 -17.82 21.38
N SER A 68 -7.36 -18.70 22.18
CA SER A 68 -6.71 -19.16 23.39
C SER A 68 -5.61 -20.17 23.08
N SER A 69 -4.41 -19.66 22.84
CA SER A 69 -3.26 -20.52 22.53
C SER A 69 -2.10 -20.24 23.47
N GLY A 70 -1.75 -18.97 23.62
CA GLY A 70 -0.66 -18.59 24.50
C GLY A 70 -1.10 -18.43 25.94
N GLY A 1 9.11 19.73 -1.87
CA GLY A 1 8.25 20.33 -0.86
C GLY A 1 7.83 19.33 0.20
N SER A 2 7.66 19.82 1.42
CA SER A 2 7.26 18.96 2.54
C SER A 2 5.89 18.33 2.28
N SER A 3 4.91 19.17 1.99
CA SER A 3 3.55 18.69 1.73
C SER A 3 3.06 19.19 0.37
N GLY A 4 3.22 20.48 0.13
CA GLY A 4 2.78 21.06 -1.12
C GLY A 4 1.63 22.03 -0.96
N SER A 5 1.11 22.55 -2.07
CA SER A 5 0.01 23.49 -2.04
C SER A 5 -1.25 22.88 -2.65
N SER A 6 -2.41 23.24 -2.09
CA SER A 6 -3.68 22.72 -2.58
C SER A 6 -4.12 23.46 -3.84
N GLY A 7 -4.17 22.74 -4.96
CA GLY A 7 -4.58 23.34 -6.22
C GLY A 7 -4.04 22.60 -7.42
N HIS A 8 -4.65 21.44 -7.71
CA HIS A 8 -4.22 20.62 -8.84
C HIS A 8 -5.42 20.20 -9.68
N PRO A 9 -5.24 20.17 -11.00
CA PRO A 9 -6.30 19.78 -11.94
C PRO A 9 -6.63 18.29 -11.86
N GLU A 10 -5.67 17.50 -11.39
CA GLU A 10 -5.86 16.07 -11.27
C GLU A 10 -5.63 15.61 -9.83
N LYS A 11 -6.30 14.53 -9.44
CA LYS A 11 -6.17 13.99 -8.09
C LYS A 11 -6.31 12.47 -8.09
N CYS A 12 -5.72 11.83 -7.09
CA CYS A 12 -5.78 10.38 -6.98
C CYS A 12 -6.85 9.95 -5.98
N SER A 13 -7.74 9.07 -6.42
CA SER A 13 -8.83 8.58 -5.57
C SER A 13 -8.30 7.58 -4.55
N GLU A 14 -7.19 6.92 -4.88
CA GLU A 14 -6.59 5.93 -3.99
C GLU A 14 -5.97 6.61 -2.77
N CYS A 15 -5.09 7.58 -3.02
CA CYS A 15 -4.43 8.30 -1.95
C CYS A 15 -4.53 9.81 -2.16
N SER A 16 -3.87 10.57 -1.30
CA SER A 16 -3.90 12.03 -1.39
C SER A 16 -2.84 12.53 -2.36
N TYR A 17 -2.65 11.79 -3.45
CA TYR A 17 -1.67 12.17 -4.47
C TYR A 17 -2.33 12.92 -5.62
N SER A 18 -1.89 14.16 -5.82
CA SER A 18 -2.44 14.99 -6.89
C SER A 18 -1.33 15.54 -7.78
N CYS A 19 -1.56 15.49 -9.10
CA CYS A 19 -0.58 15.97 -10.05
C CYS A 19 -1.21 16.98 -11.02
N SER A 20 -0.37 17.65 -11.80
CA SER A 20 -0.84 18.65 -12.76
C SER A 20 -1.12 18.00 -14.12
N SER A 21 -0.11 17.33 -14.66
CA SER A 21 -0.24 16.68 -15.96
C SER A 21 -0.97 15.35 -15.82
N LYS A 22 -2.04 15.18 -16.61
CA LYS A 22 -2.83 13.95 -16.58
C LYS A 22 -1.93 12.73 -16.73
N ALA A 23 -1.17 12.70 -17.82
CA ALA A 23 -0.27 11.58 -18.09
C ALA A 23 0.56 11.25 -16.86
N ALA A 24 1.04 12.28 -16.18
CA ALA A 24 1.86 12.10 -14.98
C ALA A 24 1.14 11.21 -13.96
N LEU A 25 -0.05 11.63 -13.56
CA LEU A 25 -0.82 10.88 -12.58
C LEU A 25 -0.87 9.40 -12.94
N ARG A 26 -1.32 9.10 -14.16
CA ARG A 26 -1.40 7.73 -14.63
C ARG A 26 -0.21 6.91 -14.13
N ILE A 27 0.98 7.50 -14.21
CA ILE A 27 2.19 6.82 -13.77
C ILE A 27 2.13 6.50 -12.27
N HIS A 28 1.89 7.53 -11.47
CA HIS A 28 1.81 7.36 -10.02
C HIS A 28 0.85 6.22 -9.67
N GLU A 29 -0.27 6.15 -10.37
CA GLU A 29 -1.26 5.11 -10.12
C GLU A 29 -0.60 3.75 -9.98
N ARG A 30 0.51 3.56 -10.69
CA ARG A 30 1.25 2.30 -10.65
C ARG A 30 1.51 1.86 -9.21
N ILE A 31 1.76 2.84 -8.34
CA ILE A 31 2.03 2.57 -6.94
C ILE A 31 1.01 1.58 -6.37
N HIS A 32 -0.22 1.65 -6.88
CA HIS A 32 -1.28 0.76 -6.42
C HIS A 32 -1.41 -0.44 -7.35
N CYS A 33 -0.30 -1.10 -7.64
CA CYS A 33 -0.29 -2.27 -8.51
C CYS A 33 0.11 -3.52 -7.74
N THR A 34 -0.07 -4.68 -8.38
CA THR A 34 0.27 -5.95 -7.76
C THR A 34 1.78 -6.19 -7.76
N ASP A 35 2.47 -5.54 -6.82
CA ASP A 35 3.92 -5.67 -6.72
C ASP A 35 4.28 -6.95 -5.98
N ARG A 36 3.75 -7.12 -4.78
CA ARG A 36 4.03 -8.31 -3.98
C ARG A 36 2.79 -9.19 -3.86
N PRO A 37 2.96 -10.48 -4.21
CA PRO A 37 1.87 -11.46 -4.16
C PRO A 37 1.44 -11.79 -2.74
N PHE A 38 2.39 -11.67 -1.80
CA PHE A 38 2.11 -11.96 -0.40
C PHE A 38 1.90 -10.67 0.39
N LYS A 39 0.89 -10.66 1.24
CA LYS A 39 0.58 -9.48 2.06
C LYS A 39 0.14 -9.89 3.46
N CYS A 40 0.08 -8.93 4.36
CA CYS A 40 -0.33 -9.18 5.73
C CYS A 40 -1.81 -8.85 5.94
N ASN A 41 -2.41 -9.48 6.94
CA ASN A 41 -3.82 -9.25 7.24
C ASN A 41 -3.98 -8.29 8.41
N TYR A 42 -3.08 -8.38 9.37
CA TYR A 42 -3.12 -7.52 10.55
C TYR A 42 -2.75 -6.09 10.19
N CYS A 43 -1.64 -5.93 9.47
CA CYS A 43 -1.18 -4.61 9.06
C CYS A 43 -1.00 -4.55 7.54
N SER A 44 -0.64 -3.37 7.05
CA SER A 44 -0.44 -3.17 5.61
C SER A 44 0.98 -3.55 5.21
N PHE A 45 1.45 -4.69 5.71
CA PHE A 45 2.78 -5.18 5.41
C PHE A 45 2.75 -6.19 4.27
N ASP A 46 3.47 -5.89 3.20
CA ASP A 46 3.52 -6.78 2.04
C ASP A 46 4.97 -7.09 1.66
N THR A 47 5.25 -8.37 1.42
CA THR A 47 6.60 -8.80 1.05
C THR A 47 6.57 -9.68 -0.19
N LYS A 48 7.63 -9.61 -0.99
CA LYS A 48 7.72 -10.41 -2.20
C LYS A 48 7.94 -11.88 -1.88
N GLN A 49 8.83 -12.15 -0.92
CA GLN A 49 9.13 -13.51 -0.52
C GLN A 49 8.07 -14.03 0.46
N PRO A 50 7.75 -15.33 0.35
CA PRO A 50 6.75 -15.98 1.20
C PRO A 50 7.24 -16.12 2.64
N SER A 51 8.45 -16.62 2.81
CA SER A 51 9.03 -16.81 4.14
C SER A 51 9.06 -15.49 4.91
N ASN A 52 9.46 -14.43 4.22
CA ASN A 52 9.55 -13.11 4.84
C ASN A 52 8.26 -12.79 5.61
N LEU A 53 7.12 -13.15 5.02
CA LEU A 53 5.83 -12.89 5.66
C LEU A 53 5.62 -13.82 6.86
N SER A 54 5.51 -15.12 6.58
CA SER A 54 5.31 -16.10 7.64
C SER A 54 6.07 -15.72 8.89
N LYS A 55 7.37 -15.44 8.74
CA LYS A 55 8.21 -15.06 9.87
C LYS A 55 7.75 -13.74 10.46
N HIS A 56 7.40 -12.79 9.59
CA HIS A 56 6.94 -11.47 10.04
C HIS A 56 5.68 -11.61 10.90
N MET A 57 4.73 -12.40 10.43
CA MET A 57 3.48 -12.61 11.15
C MET A 57 3.75 -13.06 12.58
N LYS A 58 4.61 -14.07 12.72
CA LYS A 58 4.95 -14.60 14.04
C LYS A 58 5.87 -13.63 14.79
N LYS A 59 6.71 -12.92 14.05
CA LYS A 59 7.63 -11.97 14.64
C LYS A 59 6.89 -10.81 15.29
N PHE A 60 6.19 -10.03 14.49
CA PHE A 60 5.42 -8.90 15.00
C PHE A 60 4.08 -9.34 15.56
N HIS A 61 3.28 -10.00 14.71
CA HIS A 61 1.96 -10.48 15.12
C HIS A 61 2.08 -11.87 15.74
N GLY A 62 3.05 -12.05 16.63
CA GLY A 62 3.24 -13.33 17.28
C GLY A 62 2.24 -13.58 18.39
N ASP A 63 2.37 -12.83 19.47
CA ASP A 63 1.47 -12.98 20.61
C ASP A 63 0.02 -12.89 20.17
N MET A 64 -0.28 -11.96 19.28
CA MET A 64 -1.63 -11.78 18.78
C MET A 64 -2.30 -13.14 18.53
N SER A 65 -3.24 -13.50 19.39
CA SER A 65 -3.96 -14.77 19.26
C SER A 65 -4.95 -14.72 18.10
N GLY A 66 -5.67 -13.62 18.00
CA GLY A 66 -6.65 -13.47 16.93
C GLY A 66 -7.87 -14.34 17.14
N PRO A 67 -8.88 -14.17 16.27
CA PRO A 67 -10.12 -14.94 16.35
C PRO A 67 -9.92 -16.40 15.97
N SER A 68 -10.14 -17.30 16.92
CA SER A 68 -9.98 -18.72 16.69
C SER A 68 -11.34 -19.39 16.43
N SER A 69 -11.37 -20.29 15.45
CA SER A 69 -12.61 -20.99 15.10
C SER A 69 -12.47 -22.48 15.38
N GLY A 70 -11.50 -23.12 14.72
CA GLY A 70 -11.28 -24.53 14.91
C GLY A 70 -10.69 -24.86 16.27
N GLY A 1 -21.78 19.67 -0.35
CA GLY A 1 -20.62 19.08 0.31
C GLY A 1 -19.97 18.00 -0.54
N SER A 2 -18.67 18.15 -0.79
CA SER A 2 -17.93 17.19 -1.59
C SER A 2 -17.68 15.91 -0.80
N SER A 3 -18.32 14.82 -1.22
CA SER A 3 -18.17 13.54 -0.55
C SER A 3 -17.21 12.63 -1.33
N GLY A 4 -17.37 12.61 -2.65
CA GLY A 4 -16.51 11.78 -3.48
C GLY A 4 -15.67 12.61 -4.44
N SER A 5 -14.94 11.93 -5.32
CA SER A 5 -14.08 12.61 -6.28
C SER A 5 -14.77 13.85 -6.83
N SER A 6 -13.97 14.87 -7.16
CA SER A 6 -14.50 16.12 -7.69
C SER A 6 -14.12 16.28 -9.16
N GLY A 7 -14.25 15.20 -9.92
CA GLY A 7 -13.91 15.25 -11.33
C GLY A 7 -12.51 15.78 -11.58
N HIS A 8 -11.57 14.87 -11.78
CA HIS A 8 -10.18 15.26 -12.03
C HIS A 8 -9.86 15.18 -13.52
N PRO A 9 -8.78 15.88 -13.93
CA PRO A 9 -8.36 15.90 -15.33
C PRO A 9 -7.78 14.57 -15.79
N GLU A 10 -7.14 13.86 -14.86
CA GLU A 10 -6.55 12.56 -15.17
C GLU A 10 -7.06 11.49 -14.22
N LYS A 11 -6.99 10.23 -14.67
CA LYS A 11 -7.46 9.12 -13.86
C LYS A 11 -6.60 7.88 -14.10
N CYS A 12 -6.68 6.91 -13.20
CA CYS A 12 -5.91 5.68 -13.32
C CYS A 12 -6.70 4.63 -14.10
N SER A 13 -6.02 3.94 -15.02
CA SER A 13 -6.66 2.92 -15.83
C SER A 13 -6.57 1.56 -15.14
N GLU A 14 -6.25 1.57 -13.85
CA GLU A 14 -6.14 0.34 -13.08
C GLU A 14 -7.10 0.35 -11.90
N CYS A 15 -7.07 1.42 -11.13
CA CYS A 15 -7.95 1.56 -9.97
C CYS A 15 -8.70 2.89 -10.00
N SER A 16 -9.50 3.13 -8.98
CA SER A 16 -10.28 4.37 -8.88
C SER A 16 -9.43 5.51 -8.34
N TYR A 17 -8.17 5.55 -8.76
CA TYR A 17 -7.26 6.60 -8.32
C TYR A 17 -7.11 7.69 -9.37
N SER A 18 -7.47 8.91 -9.01
CA SER A 18 -7.38 10.04 -9.92
C SER A 18 -6.69 11.23 -9.26
N CYS A 19 -5.86 11.93 -10.02
CA CYS A 19 -5.13 13.09 -9.51
C CYS A 19 -5.32 14.29 -10.43
N SER A 20 -4.83 15.44 -9.98
CA SER A 20 -4.95 16.67 -10.76
C SER A 20 -3.80 16.81 -11.74
N SER A 21 -2.57 16.69 -11.23
CA SER A 21 -1.38 16.81 -12.07
C SER A 21 -1.01 15.45 -12.66
N LYS A 22 -0.78 15.42 -13.96
CA LYS A 22 -0.40 14.19 -14.66
C LYS A 22 0.78 13.52 -13.97
N ALA A 23 1.92 14.19 -13.95
CA ALA A 23 3.12 13.66 -13.31
C ALA A 23 2.77 12.81 -12.10
N ALA A 24 2.05 13.42 -11.15
CA ALA A 24 1.65 12.72 -9.93
C ALA A 24 1.10 11.33 -10.26
N LEU A 25 -0.01 11.30 -10.99
CA LEU A 25 -0.63 10.04 -11.36
C LEU A 25 0.41 9.01 -11.79
N ARG A 26 1.33 9.44 -12.66
CA ARG A 26 2.38 8.56 -13.15
C ARG A 26 3.07 7.84 -12.00
N ILE A 27 3.42 8.60 -10.97
CA ILE A 27 4.09 8.03 -9.80
C ILE A 27 3.20 7.00 -9.11
N HIS A 28 1.89 7.21 -9.20
CA HIS A 28 0.93 6.30 -8.57
C HIS A 28 0.89 4.97 -9.32
N GLU A 29 0.88 5.04 -10.65
CA GLU A 29 0.84 3.84 -11.47
C GLU A 29 1.91 2.84 -11.05
N ARG A 30 2.89 3.32 -10.28
CA ARG A 30 3.98 2.48 -9.81
C ARG A 30 3.45 1.37 -8.90
N ILE A 31 2.35 1.67 -8.22
CA ILE A 31 1.74 0.69 -7.30
C ILE A 31 1.44 -0.62 -8.02
N HIS A 32 1.09 -0.51 -9.30
CA HIS A 32 0.77 -1.70 -10.10
C HIS A 32 2.00 -2.17 -10.86
N CYS A 33 3.18 -1.90 -10.32
CA CYS A 33 4.42 -2.30 -10.96
C CYS A 33 5.27 -3.16 -10.00
N THR A 34 5.47 -2.66 -8.79
CA THR A 34 6.25 -3.37 -7.79
C THR A 34 5.95 -4.87 -7.81
N ASP A 35 6.97 -5.69 -7.57
CA ASP A 35 6.80 -7.13 -7.56
C ASP A 35 6.08 -7.59 -6.30
N ARG A 36 6.43 -6.99 -5.17
CA ARG A 36 5.81 -7.33 -3.89
C ARG A 36 4.86 -6.24 -3.43
N PRO A 37 3.55 -6.46 -3.62
CA PRO A 37 2.52 -5.50 -3.23
C PRO A 37 2.38 -5.37 -1.71
N PHE A 38 2.69 -6.46 -1.01
CA PHE A 38 2.60 -6.48 0.45
C PHE A 38 3.85 -5.89 1.08
N LYS A 39 3.67 -4.95 1.99
CA LYS A 39 4.79 -4.31 2.67
C LYS A 39 4.63 -4.41 4.18
N CYS A 40 5.75 -4.31 4.90
CA CYS A 40 5.74 -4.39 6.35
C CYS A 40 5.65 -3.00 6.98
N ASN A 41 5.08 -2.94 8.17
CA ASN A 41 4.92 -1.68 8.88
C ASN A 41 6.15 -1.37 9.73
N TYR A 42 6.72 -2.40 10.33
CA TYR A 42 7.91 -2.24 11.17
C TYR A 42 9.14 -1.88 10.32
N CYS A 43 9.50 -2.80 9.43
CA CYS A 43 10.66 -2.60 8.56
C CYS A 43 10.21 -2.46 7.11
N SER A 44 11.16 -2.11 6.24
CA SER A 44 10.88 -1.96 4.82
C SER A 44 10.88 -3.30 4.10
N PHE A 45 10.36 -4.32 4.77
CA PHE A 45 10.31 -5.67 4.20
C PHE A 45 9.05 -5.84 3.34
N ASP A 46 9.26 -6.10 2.05
CA ASP A 46 8.16 -6.29 1.13
C ASP A 46 8.19 -7.69 0.52
N THR A 47 7.10 -8.43 0.67
CA THR A 47 7.01 -9.78 0.14
C THR A 47 5.85 -9.90 -0.84
N LYS A 48 6.01 -10.80 -1.82
CA LYS A 48 4.97 -11.02 -2.82
C LYS A 48 3.76 -11.72 -2.21
N GLN A 49 3.98 -12.92 -1.68
CA GLN A 49 2.91 -13.68 -1.07
C GLN A 49 2.50 -13.07 0.27
N PRO A 50 1.19 -13.09 0.53
CA PRO A 50 0.63 -12.54 1.78
C PRO A 50 0.98 -13.39 2.99
N SER A 51 1.17 -14.68 2.77
CA SER A 51 1.51 -15.60 3.85
C SER A 51 2.91 -15.33 4.38
N ASN A 52 3.87 -15.21 3.46
CA ASN A 52 5.25 -14.95 3.84
C ASN A 52 5.34 -13.79 4.82
N LEU A 53 4.63 -12.71 4.51
CA LEU A 53 4.63 -11.52 5.36
C LEU A 53 4.28 -11.89 6.80
N SER A 54 3.23 -12.68 6.97
CA SER A 54 2.79 -13.10 8.30
C SER A 54 3.93 -13.79 9.05
N LYS A 55 4.51 -14.80 8.42
CA LYS A 55 5.62 -15.54 9.02
C LYS A 55 6.79 -14.61 9.34
N HIS A 56 7.01 -13.63 8.46
CA HIS A 56 8.10 -12.69 8.66
C HIS A 56 7.84 -11.79 9.87
N MET A 57 6.59 -11.37 10.03
CA MET A 57 6.20 -10.51 11.14
C MET A 57 6.49 -11.19 12.47
N LYS A 58 6.00 -12.42 12.63
CA LYS A 58 6.21 -13.18 13.86
C LYS A 58 7.67 -13.62 13.98
N LYS A 59 8.25 -14.03 12.86
CA LYS A 59 9.64 -14.48 12.84
C LYS A 59 10.56 -13.41 13.40
N PHE A 60 10.55 -12.24 12.77
CA PHE A 60 11.39 -11.13 13.21
C PHE A 60 10.73 -10.36 14.35
N HIS A 61 9.58 -9.77 14.07
CA HIS A 61 8.84 -9.01 15.07
C HIS A 61 8.00 -9.93 15.94
N GLY A 62 8.60 -11.01 16.41
CA GLY A 62 7.90 -11.96 17.25
C GLY A 62 7.87 -11.54 18.71
N ASP A 63 9.05 -11.42 19.30
CA ASP A 63 9.16 -11.02 20.70
C ASP A 63 9.21 -9.50 20.84
N MET A 64 8.04 -8.87 20.77
CA MET A 64 7.95 -7.42 20.88
C MET A 64 6.64 -7.01 21.54
N SER A 65 6.74 -6.50 22.77
CA SER A 65 5.56 -6.07 23.52
C SER A 65 5.95 -5.09 24.61
N GLY A 66 5.10 -4.08 24.82
CA GLY A 66 5.36 -3.08 25.83
C GLY A 66 5.85 -3.68 27.14
N PRO A 67 4.91 -4.19 27.94
CA PRO A 67 5.22 -4.82 29.23
C PRO A 67 5.95 -6.15 29.07
N SER A 68 6.22 -6.80 30.20
CA SER A 68 6.91 -8.08 30.18
C SER A 68 5.96 -9.23 30.53
N SER A 69 5.57 -9.99 29.52
CA SER A 69 4.66 -11.11 29.71
C SER A 69 5.29 -12.18 30.61
N GLY A 70 6.55 -12.49 30.34
CA GLY A 70 7.25 -13.49 31.12
C GLY A 70 7.57 -14.74 30.33
N GLY A 1 -17.26 29.49 -7.43
CA GLY A 1 -18.34 28.56 -7.12
C GLY A 1 -17.85 27.17 -6.81
N SER A 2 -18.59 26.16 -7.26
CA SER A 2 -18.22 24.77 -7.02
C SER A 2 -17.50 24.17 -8.23
N SER A 3 -17.05 22.93 -8.09
CA SER A 3 -16.35 22.26 -9.18
C SER A 3 -16.91 22.67 -10.53
N GLY A 4 -16.05 22.67 -11.55
CA GLY A 4 -16.48 23.04 -12.88
C GLY A 4 -15.40 23.75 -13.67
N SER A 5 -14.70 24.68 -13.02
CA SER A 5 -13.63 25.43 -13.67
C SER A 5 -12.28 24.79 -13.40
N SER A 6 -12.24 23.46 -13.48
CA SER A 6 -11.01 22.72 -13.23
C SER A 6 -10.59 21.94 -14.48
N GLY A 7 -9.29 21.99 -14.79
CA GLY A 7 -8.79 21.28 -15.96
C GLY A 7 -7.30 21.00 -15.87
N HIS A 8 -6.94 19.95 -15.15
CA HIS A 8 -5.54 19.57 -14.98
C HIS A 8 -5.00 18.89 -16.23
N PRO A 9 -3.67 18.84 -16.37
CA PRO A 9 -3.02 18.21 -17.52
C PRO A 9 -3.16 16.69 -17.51
N GLU A 10 -3.59 16.15 -16.38
CA GLU A 10 -3.77 14.71 -16.25
C GLU A 10 -4.86 14.39 -15.22
N LYS A 11 -5.65 13.37 -15.51
CA LYS A 11 -6.73 12.96 -14.60
C LYS A 11 -6.77 11.44 -14.47
N CYS A 12 -7.61 10.96 -13.57
CA CYS A 12 -7.75 9.52 -13.33
C CYS A 12 -9.09 9.02 -13.88
N SER A 13 -9.04 7.89 -14.59
CA SER A 13 -10.25 7.31 -15.16
C SER A 13 -11.08 6.61 -14.09
N GLU A 14 -10.42 6.15 -13.04
CA GLU A 14 -11.09 5.46 -11.95
C GLU A 14 -11.87 6.45 -11.10
N CYS A 15 -11.17 7.43 -10.53
CA CYS A 15 -11.80 8.44 -9.69
C CYS A 15 -11.52 9.84 -10.22
N SER A 16 -11.96 10.86 -9.48
CA SER A 16 -11.76 12.24 -9.88
C SER A 16 -10.42 12.76 -9.39
N TYR A 17 -9.40 11.90 -9.46
CA TYR A 17 -8.06 12.28 -9.03
C TYR A 17 -7.25 12.86 -10.18
N SER A 18 -6.88 14.13 -10.05
CA SER A 18 -6.10 14.80 -11.09
C SER A 18 -4.79 15.34 -10.52
N CYS A 19 -3.72 15.27 -11.31
CA CYS A 19 -2.42 15.75 -10.89
C CYS A 19 -1.82 16.69 -11.94
N SER A 20 -0.68 17.28 -11.61
CA SER A 20 0.00 18.20 -12.51
C SER A 20 0.97 17.46 -13.41
N SER A 21 1.71 16.52 -12.84
CA SER A 21 2.69 15.74 -13.59
C SER A 21 2.21 14.32 -13.78
N LYS A 22 2.07 13.90 -15.04
CA LYS A 22 1.63 12.55 -15.35
C LYS A 22 2.23 11.54 -14.39
N ALA A 23 3.55 11.54 -14.28
CA ALA A 23 4.24 10.62 -13.39
C ALA A 23 3.54 10.52 -12.03
N ALA A 24 3.13 11.67 -11.50
CA ALA A 24 2.45 11.71 -10.22
C ALA A 24 1.20 10.84 -10.23
N LEU A 25 0.37 11.01 -11.26
CA LEU A 25 -0.86 10.22 -11.38
C LEU A 25 -0.58 8.74 -11.20
N ARG A 26 0.37 8.22 -11.99
CA ARG A 26 0.74 6.81 -11.91
C ARG A 26 0.83 6.34 -10.46
N ILE A 27 1.51 7.14 -9.63
CA ILE A 27 1.67 6.81 -8.23
C ILE A 27 0.32 6.64 -7.54
N HIS A 28 -0.63 7.51 -7.88
CA HIS A 28 -1.97 7.47 -7.31
C HIS A 28 -2.73 6.24 -7.81
N GLU A 29 -2.61 5.96 -9.10
CA GLU A 29 -3.29 4.82 -9.70
C GLU A 29 -3.15 3.58 -8.82
N ARG A 30 -2.02 3.48 -8.12
CA ARG A 30 -1.77 2.35 -7.25
C ARG A 30 -2.97 2.07 -6.34
N ILE A 31 -3.60 3.14 -5.88
CA ILE A 31 -4.76 3.01 -5.01
C ILE A 31 -5.71 1.94 -5.50
N HIS A 32 -5.83 1.82 -6.82
CA HIS A 32 -6.71 0.82 -7.43
C HIS A 32 -5.93 -0.45 -7.77
N CYS A 33 -4.96 -0.31 -8.66
CA CYS A 33 -4.14 -1.45 -9.08
C CYS A 33 -3.66 -2.25 -7.87
N THR A 34 -3.01 -3.37 -8.12
CA THR A 34 -2.50 -4.23 -7.06
C THR A 34 -0.98 -4.27 -7.07
N ASP A 35 -0.39 -4.05 -5.90
CA ASP A 35 1.06 -4.06 -5.77
C ASP A 35 1.53 -5.27 -4.96
N ARG A 36 0.90 -5.49 -3.81
CA ARG A 36 1.25 -6.61 -2.95
C ARG A 36 0.06 -7.54 -2.75
N PRO A 37 0.18 -8.78 -3.26
CA PRO A 37 -0.88 -9.78 -3.14
C PRO A 37 -1.07 -10.27 -1.71
N PHE A 38 -0.13 -9.93 -0.85
CA PHE A 38 -0.18 -10.34 0.55
C PHE A 38 0.12 -9.16 1.47
N LYS A 39 -0.57 -9.11 2.61
CA LYS A 39 -0.38 -8.04 3.58
C LYS A 39 -0.27 -8.60 4.99
N CYS A 40 0.17 -7.77 5.92
CA CYS A 40 0.32 -8.17 7.32
C CYS A 40 -0.94 -7.86 8.12
N ASN A 41 -1.17 -8.63 9.18
CA ASN A 41 -2.34 -8.44 10.02
C ASN A 41 -2.02 -7.53 11.21
N TYR A 42 -0.82 -7.71 11.77
CA TYR A 42 -0.39 -6.91 12.90
C TYR A 42 -0.15 -5.46 12.50
N CYS A 43 0.66 -5.27 11.46
CA CYS A 43 0.98 -3.93 10.97
C CYS A 43 0.61 -3.79 9.50
N SER A 44 0.89 -2.63 8.93
CA SER A 44 0.58 -2.37 7.53
C SER A 44 1.75 -2.76 6.63
N PHE A 45 2.30 -3.95 6.88
CA PHE A 45 3.42 -4.45 6.10
C PHE A 45 2.93 -5.37 4.98
N ASP A 46 3.22 -4.99 3.73
CA ASP A 46 2.82 -5.77 2.57
C ASP A 46 4.03 -6.16 1.74
N THR A 47 4.19 -7.46 1.52
CA THR A 47 5.32 -7.97 0.73
C THR A 47 4.83 -8.80 -0.44
N LYS A 48 5.58 -8.76 -1.54
CA LYS A 48 5.22 -9.52 -2.74
C LYS A 48 5.36 -11.01 -2.50
N GLN A 49 6.50 -11.42 -1.97
CA GLN A 49 6.75 -12.83 -1.69
C GLN A 49 5.87 -13.33 -0.54
N PRO A 50 5.24 -14.49 -0.74
CA PRO A 50 4.36 -15.10 0.27
C PRO A 50 5.13 -15.60 1.49
N SER A 51 6.34 -16.11 1.25
CA SER A 51 7.19 -16.62 2.32
C SER A 51 7.63 -15.51 3.25
N ASN A 52 8.12 -14.41 2.67
CA ASN A 52 8.58 -13.27 3.44
C ASN A 52 7.60 -12.95 4.57
N LEU A 53 6.33 -12.75 4.20
CA LEU A 53 5.30 -12.43 5.18
C LEU A 53 5.29 -13.44 6.32
N SER A 54 5.03 -14.70 5.99
CA SER A 54 4.99 -15.76 6.98
C SER A 54 6.05 -15.54 8.06
N LYS A 55 7.28 -15.29 7.61
CA LYS A 55 8.39 -15.06 8.54
C LYS A 55 8.23 -13.72 9.26
N HIS A 56 8.19 -12.64 8.50
CA HIS A 56 8.04 -11.31 9.06
C HIS A 56 7.05 -11.32 10.22
N MET A 57 6.00 -12.14 10.08
CA MET A 57 4.98 -12.24 11.11
C MET A 57 5.60 -12.65 12.45
N LYS A 58 6.34 -13.76 12.43
CA LYS A 58 6.99 -14.26 13.63
C LYS A 58 8.18 -13.39 14.02
N LYS A 59 8.96 -12.99 13.02
CA LYS A 59 10.13 -12.15 13.26
C LYS A 59 9.77 -10.93 14.10
N PHE A 60 8.77 -10.18 13.65
CA PHE A 60 8.32 -8.99 14.38
C PHE A 60 7.23 -9.35 15.38
N HIS A 61 6.22 -10.07 14.91
CA HIS A 61 5.11 -10.46 15.76
C HIS A 61 5.18 -11.95 16.10
N GLY A 62 6.26 -12.34 16.79
CA GLY A 62 6.44 -13.74 17.15
C GLY A 62 6.13 -13.99 18.62
N ASP A 63 6.89 -13.35 19.49
CA ASP A 63 6.71 -13.51 20.93
C ASP A 63 5.32 -13.04 21.36
N MET A 64 4.89 -11.91 20.79
CA MET A 64 3.58 -11.35 21.11
C MET A 64 2.56 -12.46 21.37
N SER A 65 1.80 -12.31 22.45
CA SER A 65 0.80 -13.30 22.82
C SER A 65 -0.57 -12.92 22.25
N GLY A 66 -0.88 -13.46 21.07
CA GLY A 66 -2.16 -13.17 20.45
C GLY A 66 -3.27 -14.09 20.92
N PRO A 67 -4.42 -14.03 20.25
CA PRO A 67 -5.58 -14.86 20.59
C PRO A 67 -5.36 -16.34 20.28
N SER A 68 -4.24 -16.63 19.65
CA SER A 68 -3.90 -18.01 19.28
C SER A 68 -2.77 -18.54 20.15
N SER A 69 -2.55 -19.85 20.10
CA SER A 69 -1.50 -20.48 20.88
C SER A 69 -0.43 -21.10 19.98
N GLY A 70 0.62 -20.33 19.71
CA GLY A 70 1.69 -20.82 18.85
C GLY A 70 2.31 -19.71 18.02
N GLY A 1 -7.57 32.66 -5.22
CA GLY A 1 -6.86 31.63 -5.95
C GLY A 1 -7.58 31.21 -7.20
N SER A 2 -7.47 29.93 -7.54
CA SER A 2 -8.12 29.39 -8.73
C SER A 2 -8.92 28.14 -8.39
N SER A 3 -9.67 27.64 -9.37
CA SER A 3 -10.49 26.46 -9.18
C SER A 3 -10.30 25.47 -10.33
N GLY A 4 -10.91 24.30 -10.21
CA GLY A 4 -10.80 23.28 -11.25
C GLY A 4 -11.65 23.61 -12.46
N SER A 5 -11.26 23.04 -13.61
CA SER A 5 -11.99 23.28 -14.85
C SER A 5 -12.38 21.96 -15.50
N SER A 6 -13.66 21.83 -15.85
CA SER A 6 -14.16 20.61 -16.48
C SER A 6 -13.30 20.23 -17.67
N GLY A 7 -13.24 18.93 -17.97
CA GLY A 7 -12.45 18.45 -19.07
C GLY A 7 -10.96 18.62 -18.85
N HIS A 8 -10.40 17.80 -17.96
CA HIS A 8 -8.98 17.87 -17.65
C HIS A 8 -8.15 17.32 -18.80
N PRO A 9 -6.90 17.82 -18.92
CA PRO A 9 -5.98 17.39 -19.98
C PRO A 9 -5.50 15.95 -19.79
N GLU A 10 -5.37 15.54 -18.53
CA GLU A 10 -4.92 14.19 -18.21
C GLU A 10 -5.95 13.46 -17.34
N LYS A 11 -6.17 12.19 -17.64
CA LYS A 11 -7.13 11.38 -16.89
C LYS A 11 -6.61 9.96 -16.73
N CYS A 12 -6.97 9.33 -15.61
CA CYS A 12 -6.56 7.96 -15.33
C CYS A 12 -7.47 6.96 -16.02
N SER A 13 -6.87 5.96 -16.65
CA SER A 13 -7.63 4.93 -17.36
C SER A 13 -8.16 3.88 -16.39
N GLU A 14 -7.55 3.81 -15.21
CA GLU A 14 -7.95 2.85 -14.20
C GLU A 14 -9.18 3.34 -13.44
N CYS A 15 -9.12 4.58 -12.97
CA CYS A 15 -10.23 5.17 -12.23
C CYS A 15 -10.60 6.54 -12.81
N SER A 16 -11.55 7.21 -12.16
CA SER A 16 -12.00 8.52 -12.62
C SER A 16 -11.16 9.63 -11.98
N TYR A 17 -9.86 9.40 -11.87
CA TYR A 17 -8.95 10.37 -11.29
C TYR A 17 -8.22 11.16 -12.37
N SER A 18 -8.64 12.40 -12.58
CA SER A 18 -8.02 13.25 -13.59
C SER A 18 -7.37 14.47 -12.95
N CYS A 19 -6.17 14.80 -13.40
CA CYS A 19 -5.43 15.95 -12.86
C CYS A 19 -5.14 16.96 -13.96
N SER A 20 -4.42 18.02 -13.60
CA SER A 20 -4.08 19.06 -14.56
C SER A 20 -2.72 18.79 -15.20
N SER A 21 -1.70 18.60 -14.38
CA SER A 21 -0.36 18.33 -14.86
C SER A 21 -0.14 16.84 -15.07
N LYS A 22 0.72 16.50 -16.02
CA LYS A 22 1.02 15.11 -16.32
C LYS A 22 1.79 14.46 -15.18
N ALA A 23 2.75 15.18 -14.64
CA ALA A 23 3.56 14.68 -13.54
C ALA A 23 2.70 14.30 -12.34
N ALA A 24 1.72 15.14 -12.03
CA ALA A 24 0.82 14.90 -10.92
C ALA A 24 0.19 13.52 -11.01
N LEU A 25 -0.44 13.24 -12.14
CA LEU A 25 -1.08 11.94 -12.37
C LEU A 25 -0.14 10.80 -12.01
N ARG A 26 1.05 10.81 -12.63
CA ARG A 26 2.04 9.77 -12.38
C ARG A 26 2.09 9.41 -10.89
N ILE A 27 1.98 10.41 -10.04
CA ILE A 27 2.01 10.20 -8.59
C ILE A 27 0.79 9.41 -8.13
N HIS A 28 -0.36 9.72 -8.73
CA HIS A 28 -1.61 9.05 -8.38
C HIS A 28 -1.62 7.61 -8.90
N GLU A 29 -1.12 7.43 -10.12
CA GLU A 29 -1.07 6.10 -10.72
C GLU A 29 -0.53 5.08 -9.75
N ARG A 30 0.33 5.53 -8.84
CA ARG A 30 0.92 4.64 -7.84
C ARG A 30 -0.15 3.86 -7.09
N ILE A 31 -1.28 4.51 -6.85
CA ILE A 31 -2.40 3.89 -6.14
C ILE A 31 -2.68 2.49 -6.70
N HIS A 32 -2.36 2.30 -7.98
CA HIS A 32 -2.59 1.02 -8.64
C HIS A 32 -1.29 0.23 -8.76
N CYS A 33 -0.54 0.17 -7.67
CA CYS A 33 0.73 -0.54 -7.65
C CYS A 33 0.75 -1.58 -6.53
N THR A 34 0.72 -2.86 -6.92
CA THR A 34 0.73 -3.95 -5.95
C THR A 34 1.72 -5.04 -6.37
N ASP A 35 2.74 -5.25 -5.56
CA ASP A 35 3.76 -6.25 -5.83
C ASP A 35 3.61 -7.45 -4.90
N ARG A 36 3.39 -7.16 -3.62
CA ARG A 36 3.23 -8.21 -2.62
C ARG A 36 1.85 -8.14 -1.97
N PRO A 37 1.05 -9.19 -2.17
CA PRO A 37 -0.31 -9.28 -1.61
C PRO A 37 -0.30 -9.44 -0.10
N PHE A 38 0.87 -9.71 0.46
CA PHE A 38 1.02 -9.89 1.90
C PHE A 38 1.91 -8.82 2.50
N LYS A 39 1.35 -8.03 3.41
CA LYS A 39 2.09 -6.96 4.07
C LYS A 39 2.08 -7.14 5.58
N CYS A 40 3.11 -6.61 6.23
CA CYS A 40 3.23 -6.71 7.69
C CYS A 40 2.44 -5.60 8.38
N ASN A 41 2.00 -5.87 9.60
CA ASN A 41 1.23 -4.89 10.36
C ASN A 41 2.16 -4.03 11.23
N TYR A 42 3.23 -4.65 11.72
CA TYR A 42 4.19 -3.95 12.56
C TYR A 42 5.08 -3.03 11.73
N CYS A 43 5.80 -3.63 10.77
CA CYS A 43 6.68 -2.88 9.90
C CYS A 43 6.17 -2.86 8.47
N SER A 44 6.91 -2.22 7.58
CA SER A 44 6.52 -2.13 6.17
C SER A 44 7.08 -3.31 5.38
N PHE A 45 7.20 -4.45 6.05
CA PHE A 45 7.71 -5.66 5.41
C PHE A 45 6.63 -6.32 4.56
N ASP A 46 6.90 -6.43 3.26
CA ASP A 46 5.95 -7.04 2.33
C ASP A 46 6.58 -8.24 1.62
N THR A 47 5.87 -9.36 1.63
CA THR A 47 6.36 -10.57 0.98
C THR A 47 5.34 -11.12 0.00
N LYS A 48 5.83 -11.75 -1.06
CA LYS A 48 4.97 -12.33 -2.09
C LYS A 48 4.24 -13.57 -1.55
N GLN A 49 5.00 -14.49 -0.97
CA GLN A 49 4.44 -15.71 -0.42
C GLN A 49 3.94 -15.48 1.01
N PRO A 50 2.87 -16.20 1.38
CA PRO A 50 2.27 -16.10 2.71
C PRO A 50 3.17 -16.70 3.80
N SER A 51 3.70 -17.89 3.53
CA SER A 51 4.56 -18.57 4.49
C SER A 51 5.68 -17.65 4.95
N ASN A 52 6.23 -16.88 4.02
CA ASN A 52 7.31 -15.94 4.34
C ASN A 52 6.91 -15.00 5.46
N LEU A 53 5.73 -14.38 5.30
CA LEU A 53 5.23 -13.45 6.31
C LEU A 53 5.04 -14.15 7.65
N SER A 54 4.20 -15.18 7.67
CA SER A 54 3.92 -15.93 8.89
C SER A 54 5.20 -16.11 9.70
N LYS A 55 6.19 -16.78 9.11
CA LYS A 55 7.45 -17.02 9.78
C LYS A 55 8.13 -15.70 10.18
N HIS A 56 7.97 -14.70 9.33
CA HIS A 56 8.56 -13.38 9.59
C HIS A 56 7.92 -12.73 10.82
N MET A 57 6.64 -13.00 11.02
CA MET A 57 5.92 -12.45 12.16
C MET A 57 6.57 -12.86 13.48
N LYS A 58 6.82 -14.15 13.62
CA LYS A 58 7.45 -14.69 14.82
C LYS A 58 8.95 -14.42 14.82
N LYS A 59 9.54 -14.42 13.64
CA LYS A 59 10.97 -14.18 13.50
C LYS A 59 11.39 -12.93 14.25
N PHE A 60 10.92 -11.78 13.78
CA PHE A 60 11.24 -10.51 14.43
C PHE A 60 10.23 -10.17 15.52
N HIS A 61 8.97 -10.05 15.13
CA HIS A 61 7.90 -9.73 16.07
C HIS A 61 7.50 -10.96 16.88
N GLY A 62 8.49 -11.68 17.38
CA GLY A 62 8.22 -12.88 18.16
C GLY A 62 7.42 -12.58 19.42
N ASP A 63 8.01 -12.89 20.57
CA ASP A 63 7.35 -12.65 21.85
C ASP A 63 6.65 -11.30 21.86
N MET A 64 5.34 -11.31 21.55
CA MET A 64 4.56 -10.09 21.53
C MET A 64 3.19 -10.30 22.16
N SER A 65 2.65 -9.26 22.78
CA SER A 65 1.35 -9.34 23.43
C SER A 65 0.24 -8.96 22.46
N GLY A 66 0.34 -9.45 21.22
CA GLY A 66 -0.66 -9.15 20.22
C GLY A 66 -1.73 -10.22 20.13
N PRO A 67 -2.75 -9.97 19.28
CA PRO A 67 -3.85 -10.92 19.09
C PRO A 67 -3.42 -12.18 18.35
N SER A 68 -2.63 -12.00 17.30
CA SER A 68 -2.14 -13.13 16.51
C SER A 68 -1.48 -14.17 17.41
N SER A 69 -1.85 -15.44 17.22
CA SER A 69 -1.29 -16.52 18.00
C SER A 69 -0.67 -17.58 17.10
N GLY A 70 -1.45 -18.07 16.14
CA GLY A 70 -0.96 -19.09 15.23
C GLY A 70 -1.57 -20.45 15.49
N GLY A 1 0.92 14.69 -40.97
CA GLY A 1 -0.06 13.94 -40.21
C GLY A 1 -1.28 14.77 -39.86
N SER A 2 -2.24 14.16 -39.18
CA SER A 2 -3.47 14.84 -38.80
C SER A 2 -3.32 15.48 -37.42
N SER A 3 -2.78 14.73 -36.48
CA SER A 3 -2.59 15.21 -35.13
C SER A 3 -1.56 16.35 -35.09
N GLY A 4 -1.99 17.51 -34.61
CA GLY A 4 -1.11 18.65 -34.54
C GLY A 4 -0.39 18.76 -33.21
N SER A 5 -1.16 18.79 -32.12
CA SER A 5 -0.60 18.89 -30.78
C SER A 5 -1.25 17.87 -29.84
N SER A 6 -0.62 16.70 -29.73
CA SER A 6 -1.12 15.64 -28.86
C SER A 6 -0.03 15.12 -27.94
N GLY A 7 0.21 15.86 -26.86
CA GLY A 7 1.23 15.45 -25.90
C GLY A 7 0.96 15.98 -24.51
N HIS A 8 0.00 15.37 -23.82
CA HIS A 8 -0.36 15.78 -22.47
C HIS A 8 0.87 16.25 -21.70
N PRO A 9 0.68 17.24 -20.82
CA PRO A 9 1.77 17.81 -20.01
C PRO A 9 2.27 16.84 -18.96
N GLU A 10 1.39 15.91 -18.55
CA GLU A 10 1.75 14.93 -17.54
C GLU A 10 1.59 13.51 -18.08
N LYS A 11 2.44 12.60 -17.61
CA LYS A 11 2.39 11.22 -18.05
C LYS A 11 2.80 10.27 -16.92
N CYS A 12 2.36 9.02 -17.01
CA CYS A 12 2.68 8.02 -15.99
C CYS A 12 3.97 7.29 -16.35
N SER A 13 4.78 6.99 -15.34
CA SER A 13 6.04 6.29 -15.55
C SER A 13 5.88 4.79 -15.27
N GLU A 14 4.67 4.29 -15.47
CA GLU A 14 4.39 2.87 -15.24
C GLU A 14 3.57 2.29 -16.39
N CYS A 15 2.58 3.05 -16.85
CA CYS A 15 1.72 2.60 -17.94
C CYS A 15 1.53 3.72 -18.96
N SER A 16 0.71 3.45 -19.98
CA SER A 16 0.45 4.43 -21.03
C SER A 16 -0.65 5.40 -20.59
N TYR A 17 -0.63 5.77 -19.32
CA TYR A 17 -1.62 6.70 -18.78
C TYR A 17 -1.06 8.11 -18.67
N SER A 18 -1.88 9.09 -19.00
CA SER A 18 -1.47 10.49 -18.95
C SER A 18 -2.61 11.38 -18.49
N CYS A 19 -2.28 12.45 -17.77
CA CYS A 19 -3.28 13.38 -17.27
C CYS A 19 -2.94 14.81 -17.65
N SER A 20 -3.76 15.76 -17.20
CA SER A 20 -3.54 17.16 -17.51
C SER A 20 -2.82 17.87 -16.36
N SER A 21 -3.37 17.75 -15.16
CA SER A 21 -2.78 18.37 -13.98
C SER A 21 -2.05 17.34 -13.13
N LYS A 22 -0.81 17.66 -12.76
CA LYS A 22 -0.01 16.75 -11.95
C LYS A 22 -0.85 16.09 -10.86
N ALA A 23 -1.48 16.91 -10.02
CA ALA A 23 -2.32 16.40 -8.95
C ALA A 23 -3.17 15.23 -9.43
N ALA A 24 -3.89 15.44 -10.53
CA ALA A 24 -4.75 14.42 -11.09
C ALA A 24 -3.98 13.11 -11.31
N LEU A 25 -2.79 13.23 -11.90
CA LEU A 25 -1.96 12.07 -12.16
C LEU A 25 -1.69 11.28 -10.88
N ARG A 26 -1.30 11.99 -9.84
CA ARG A 26 -1.02 11.36 -8.56
C ARG A 26 -2.10 10.35 -8.18
N ILE A 27 -3.35 10.80 -8.27
CA ILE A 27 -4.48 9.93 -7.95
C ILE A 27 -4.45 8.65 -8.76
N HIS A 28 -4.15 8.77 -10.05
CA HIS A 28 -4.08 7.61 -10.94
C HIS A 28 -2.98 6.65 -10.48
N GLU A 29 -1.85 7.21 -10.07
CA GLU A 29 -0.73 6.40 -9.62
C GLU A 29 -1.19 5.31 -8.65
N ARG A 30 -2.27 5.60 -7.93
CA ARG A 30 -2.82 4.65 -6.96
C ARG A 30 -3.02 3.28 -7.60
N ILE A 31 -3.36 3.28 -8.88
CA ILE A 31 -3.59 2.05 -9.62
C ILE A 31 -2.42 1.07 -9.43
N HIS A 32 -1.23 1.63 -9.21
CA HIS A 32 -0.04 0.82 -9.02
C HIS A 32 0.27 0.65 -7.53
N CYS A 33 -0.77 0.44 -6.73
CA CYS A 33 -0.61 0.27 -5.29
C CYS A 33 -0.45 -1.21 -4.94
N THR A 34 0.48 -1.88 -5.61
CA THR A 34 0.73 -3.29 -5.37
C THR A 34 2.07 -3.72 -5.94
N ASP A 35 3.01 -4.07 -5.07
CA ASP A 35 4.34 -4.51 -5.50
C ASP A 35 4.64 -5.91 -4.98
N ARG A 36 4.62 -6.06 -3.66
CA ARG A 36 4.90 -7.35 -3.03
C ARG A 36 3.66 -8.24 -3.04
N PRO A 37 3.81 -9.47 -3.54
CA PRO A 37 2.71 -10.44 -3.61
C PRO A 37 2.30 -10.95 -2.24
N PHE A 38 3.19 -10.80 -1.26
CA PHE A 38 2.92 -11.25 0.09
C PHE A 38 2.89 -10.07 1.06
N LYS A 39 1.80 -9.95 1.81
CA LYS A 39 1.65 -8.87 2.78
C LYS A 39 1.03 -9.38 4.08
N CYS A 40 1.22 -8.63 5.15
CA CYS A 40 0.67 -9.00 6.45
C CYS A 40 -0.73 -8.43 6.63
N ASN A 41 -1.48 -9.00 7.58
CA ASN A 41 -2.83 -8.55 7.85
C ASN A 41 -2.91 -7.83 9.19
N TYR A 42 -2.12 -8.28 10.15
CA TYR A 42 -2.10 -7.68 11.48
C TYR A 42 -1.46 -6.28 11.42
N CYS A 43 -0.37 -6.16 10.69
CA CYS A 43 0.33 -4.89 10.55
C CYS A 43 0.62 -4.59 9.09
N SER A 44 1.20 -3.41 8.84
CA SER A 44 1.52 -2.99 7.48
C SER A 44 2.87 -3.55 7.05
N PHE A 45 3.10 -4.83 7.33
CA PHE A 45 4.34 -5.49 6.98
C PHE A 45 4.20 -6.25 5.66
N ASP A 46 4.94 -5.81 4.65
CA ASP A 46 4.90 -6.44 3.33
C ASP A 46 6.27 -6.97 2.94
N THR A 47 6.31 -8.22 2.48
CA THR A 47 7.56 -8.85 2.08
C THR A 47 7.43 -9.51 0.71
N LYS A 48 8.52 -9.52 -0.05
CA LYS A 48 8.51 -10.12 -1.38
C LYS A 48 8.52 -11.64 -1.29
N GLN A 49 9.30 -12.17 -0.35
CA GLN A 49 9.39 -13.61 -0.15
C GLN A 49 8.22 -14.13 0.66
N PRO A 50 7.76 -15.35 0.33
CA PRO A 50 6.64 -15.99 1.03
C PRO A 50 6.99 -16.39 2.46
N SER A 51 8.10 -17.09 2.61
CA SER A 51 8.55 -17.55 3.93
C SER A 51 8.72 -16.36 4.88
N ASN A 52 9.35 -15.31 4.37
CA ASN A 52 9.59 -14.10 5.17
C ASN A 52 8.33 -13.71 5.94
N LEU A 53 7.18 -13.81 5.27
CA LEU A 53 5.90 -13.46 5.90
C LEU A 53 5.54 -14.46 6.99
N SER A 54 5.30 -15.70 6.58
CA SER A 54 4.94 -16.75 7.52
C SER A 54 5.68 -16.58 8.84
N LYS A 55 6.99 -16.38 8.76
CA LYS A 55 7.82 -16.19 9.94
C LYS A 55 7.46 -14.90 10.66
N HIS A 56 7.68 -13.78 9.99
CA HIS A 56 7.38 -12.47 10.57
C HIS A 56 6.09 -12.52 11.38
N MET A 57 5.13 -13.31 10.91
CA MET A 57 3.85 -13.45 11.60
C MET A 57 4.05 -13.96 13.03
N LYS A 58 4.81 -15.04 13.16
CA LYS A 58 5.08 -15.63 14.46
C LYS A 58 6.12 -14.82 15.22
N LYS A 59 7.13 -14.34 14.50
CA LYS A 59 8.19 -13.53 15.11
C LYS A 59 7.62 -12.29 15.77
N PHE A 60 6.90 -11.49 14.99
CA PHE A 60 6.30 -10.26 15.51
C PHE A 60 5.02 -10.56 16.29
N HIS A 61 4.06 -11.21 15.64
CA HIS A 61 2.81 -11.55 16.28
C HIS A 61 2.86 -12.96 16.87
N GLY A 62 3.87 -13.19 17.71
CA GLY A 62 4.03 -14.50 18.33
C GLY A 62 3.38 -14.57 19.69
N ASP A 63 3.53 -13.52 20.48
CA ASP A 63 2.95 -13.47 21.82
C ASP A 63 1.44 -13.38 21.75
N MET A 64 0.93 -12.55 20.83
CA MET A 64 -0.50 -12.38 20.66
C MET A 64 -1.23 -13.71 20.78
N SER A 65 -0.86 -14.65 19.92
CA SER A 65 -1.49 -15.97 19.92
C SER A 65 -1.47 -16.58 21.33
N GLY A 66 -2.66 -16.79 21.88
CA GLY A 66 -2.77 -17.36 23.22
C GLY A 66 -4.00 -16.88 23.96
N PRO A 67 -3.79 -15.99 24.94
CA PRO A 67 -4.88 -15.44 25.75
C PRO A 67 -5.77 -14.49 24.95
N SER A 68 -5.26 -14.02 23.81
CA SER A 68 -6.01 -13.11 22.96
C SER A 68 -6.66 -13.85 21.80
N SER A 69 -5.87 -14.69 21.13
CA SER A 69 -6.36 -15.47 20.00
C SER A 69 -7.82 -15.87 20.20
N GLY A 70 -8.14 -16.31 21.42
CA GLY A 70 -9.49 -16.72 21.73
C GLY A 70 -9.82 -18.10 21.19
N GLY A 1 -20.44 31.51 1.53
CA GLY A 1 -21.16 31.43 0.26
C GLY A 1 -20.76 30.22 -0.55
N SER A 2 -20.16 30.46 -1.72
CA SER A 2 -19.74 29.38 -2.60
C SER A 2 -18.40 29.70 -3.25
N SER A 3 -17.36 28.97 -2.86
CA SER A 3 -16.03 29.18 -3.40
C SER A 3 -15.13 27.97 -3.14
N GLY A 4 -14.33 27.60 -4.13
CA GLY A 4 -13.44 26.47 -3.99
C GLY A 4 -13.40 25.60 -5.22
N SER A 5 -12.36 25.76 -6.03
CA SER A 5 -12.21 24.99 -7.26
C SER A 5 -11.88 23.54 -6.94
N SER A 6 -12.91 22.70 -6.83
CA SER A 6 -12.73 21.29 -6.53
C SER A 6 -12.82 20.45 -7.80
N GLY A 7 -12.28 20.98 -8.90
CA GLY A 7 -12.31 20.26 -10.16
C GLY A 7 -10.95 20.21 -10.83
N HIS A 8 -10.85 19.41 -11.88
CA HIS A 8 -9.59 19.27 -12.61
C HIS A 8 -9.82 18.63 -13.98
N PRO A 9 -8.89 18.87 -14.91
CA PRO A 9 -8.97 18.32 -16.27
C PRO A 9 -8.76 16.82 -16.30
N GLU A 10 -7.85 16.32 -15.46
CA GLU A 10 -7.57 14.90 -15.40
C GLU A 10 -7.76 14.36 -13.98
N LYS A 11 -8.21 13.12 -13.88
CA LYS A 11 -8.43 12.49 -12.58
C LYS A 11 -8.05 11.02 -12.61
N CYS A 12 -7.86 10.43 -11.43
CA CYS A 12 -7.49 9.02 -11.33
C CYS A 12 -8.71 8.15 -11.14
N SER A 13 -8.82 7.10 -11.95
CA SER A 13 -9.95 6.18 -11.86
C SER A 13 -9.81 5.25 -10.66
N GLU A 14 -8.58 5.09 -10.18
CA GLU A 14 -8.32 4.23 -9.04
C GLU A 14 -8.74 4.92 -7.74
N CYS A 15 -8.28 6.15 -7.55
CA CYS A 15 -8.60 6.92 -6.35
C CYS A 15 -9.11 8.31 -6.72
N SER A 16 -9.38 9.12 -5.69
CA SER A 16 -9.88 10.47 -5.91
C SER A 16 -8.71 11.45 -6.10
N TYR A 17 -7.67 11.00 -6.76
CA TYR A 17 -6.49 11.82 -7.00
C TYR A 17 -6.55 12.46 -8.38
N SER A 18 -6.70 13.78 -8.42
CA SER A 18 -6.78 14.51 -9.67
C SER A 18 -5.85 15.72 -9.66
N CYS A 19 -5.19 15.97 -10.79
CA CYS A 19 -4.27 17.10 -10.90
C CYS A 19 -4.49 17.84 -12.21
N SER A 20 -3.92 19.04 -12.30
CA SER A 20 -4.06 19.86 -13.51
C SER A 20 -2.88 19.63 -14.45
N SER A 21 -2.14 18.55 -14.21
CA SER A 21 -0.99 18.22 -15.04
C SER A 21 -1.04 16.77 -15.50
N LYS A 22 -1.55 16.54 -16.71
CA LYS A 22 -1.65 15.20 -17.26
C LYS A 22 -0.45 14.35 -16.86
N ALA A 23 0.73 14.75 -17.32
CA ALA A 23 1.96 14.03 -17.02
C ALA A 23 2.03 13.69 -15.53
N ALA A 24 1.79 14.69 -14.68
CA ALA A 24 1.84 14.50 -13.25
C ALA A 24 1.04 13.27 -12.83
N LEU A 25 -0.21 13.20 -13.27
CA LEU A 25 -1.08 12.08 -12.94
C LEU A 25 -0.38 10.75 -13.22
N ARG A 26 0.14 10.61 -14.43
CA ARG A 26 0.83 9.38 -14.83
C ARG A 26 1.75 8.90 -13.71
N ILE A 27 2.55 9.81 -13.17
CA ILE A 27 3.47 9.48 -12.09
C ILE A 27 2.73 8.95 -10.87
N HIS A 28 1.78 9.75 -10.38
CA HIS A 28 0.99 9.36 -9.21
C HIS A 28 0.51 7.91 -9.34
N GLU A 29 0.11 7.52 -10.55
CA GLU A 29 -0.37 6.17 -10.80
C GLU A 29 0.54 5.14 -10.12
N ARG A 30 1.83 5.44 -10.07
CA ARG A 30 2.80 4.54 -9.46
C ARG A 30 2.30 4.05 -8.10
N ILE A 31 1.64 4.94 -7.37
CA ILE A 31 1.12 4.60 -6.05
C ILE A 31 0.43 3.24 -6.07
N HIS A 32 -0.19 2.90 -7.20
CA HIS A 32 -0.88 1.63 -7.35
C HIS A 32 0.05 0.57 -7.96
N CYS A 33 1.24 0.42 -7.37
CA CYS A 33 2.21 -0.54 -7.86
C CYS A 33 2.42 -1.66 -6.83
N THR A 34 3.01 -2.76 -7.29
CA THR A 34 3.26 -3.91 -6.42
C THR A 34 4.35 -4.80 -7.00
N ASP A 35 5.05 -5.51 -6.12
CA ASP A 35 6.12 -6.41 -6.54
C ASP A 35 5.99 -7.77 -5.87
N ARG A 36 5.59 -7.76 -4.60
CA ARG A 36 5.41 -9.00 -3.84
C ARG A 36 3.94 -9.27 -3.58
N PRO A 37 3.58 -10.57 -3.50
CA PRO A 37 2.20 -10.99 -3.25
C PRO A 37 1.75 -10.67 -1.82
N PHE A 38 2.56 -11.09 -0.85
CA PHE A 38 2.23 -10.85 0.56
C PHE A 38 3.09 -9.72 1.12
N LYS A 39 2.51 -8.95 2.04
CA LYS A 39 3.22 -7.84 2.66
C LYS A 39 3.01 -7.84 4.17
N CYS A 40 3.79 -7.03 4.88
CA CYS A 40 3.69 -6.94 6.32
C CYS A 40 2.94 -5.67 6.73
N ASN A 41 2.18 -5.77 7.83
CA ASN A 41 1.42 -4.63 8.32
C ASN A 41 2.22 -3.86 9.36
N TYR A 42 3.01 -4.57 10.15
CA TYR A 42 3.82 -3.95 11.19
C TYR A 42 4.94 -3.12 10.58
N CYS A 43 5.68 -3.72 9.66
CA CYS A 43 6.79 -3.03 9.00
C CYS A 43 6.64 -3.10 7.48
N SER A 44 7.53 -2.42 6.77
CA SER A 44 7.50 -2.40 5.31
C SER A 44 8.17 -3.65 4.74
N PHE A 45 7.81 -4.80 5.29
CA PHE A 45 8.37 -6.07 4.84
C PHE A 45 7.39 -6.81 3.94
N ASP A 46 7.91 -7.42 2.87
CA ASP A 46 7.08 -8.16 1.94
C ASP A 46 7.82 -9.39 1.42
N THR A 47 7.19 -10.56 1.55
CA THR A 47 7.78 -11.80 1.10
C THR A 47 6.86 -12.52 0.11
N LYS A 48 7.47 -13.28 -0.81
CA LYS A 48 6.71 -14.01 -1.82
C LYS A 48 5.95 -15.16 -1.18
N GLN A 49 6.65 -16.00 -0.43
CA GLN A 49 6.04 -17.14 0.24
C GLN A 49 5.10 -16.68 1.35
N PRO A 50 3.94 -17.33 1.45
CA PRO A 50 2.93 -17.01 2.46
C PRO A 50 3.37 -17.41 3.86
N SER A 51 4.08 -18.53 3.96
CA SER A 51 4.56 -19.02 5.25
C SER A 51 5.64 -18.11 5.80
N ASN A 52 6.54 -17.67 4.92
CA ASN A 52 7.64 -16.79 5.33
C ASN A 52 7.11 -15.60 6.11
N LEU A 53 6.10 -14.93 5.55
CA LEU A 53 5.51 -13.77 6.20
C LEU A 53 5.04 -14.10 7.61
N SER A 54 4.24 -15.15 7.73
CA SER A 54 3.72 -15.58 9.02
C SER A 54 4.85 -15.76 10.03
N LYS A 55 5.96 -16.34 9.57
CA LYS A 55 7.12 -16.56 10.42
C LYS A 55 7.79 -15.24 10.79
N HIS A 56 7.90 -14.35 9.82
CA HIS A 56 8.52 -13.05 10.03
C HIS A 56 7.70 -12.22 11.01
N MET A 57 6.38 -12.28 10.88
CA MET A 57 5.50 -11.53 11.77
C MET A 57 5.73 -11.90 13.23
N LYS A 58 5.65 -13.20 13.51
CA LYS A 58 5.86 -13.69 14.87
C LYS A 58 7.32 -13.53 15.30
N LYS A 59 8.23 -13.79 14.37
CA LYS A 59 9.65 -13.67 14.66
C LYS A 59 9.97 -12.33 15.30
N PHE A 60 9.51 -11.25 14.67
CA PHE A 60 9.75 -9.90 15.18
C PHE A 60 8.53 -9.39 15.93
N HIS A 61 7.38 -9.39 15.26
CA HIS A 61 6.14 -8.93 15.87
C HIS A 61 5.36 -10.10 16.47
N GLY A 62 6.01 -10.83 17.37
CA GLY A 62 5.37 -11.96 18.01
C GLY A 62 4.98 -11.68 19.45
N ASP A 63 3.83 -12.20 19.86
CA ASP A 63 3.36 -11.99 21.23
C ASP A 63 3.14 -10.51 21.51
N MET A 64 2.70 -9.78 20.50
CA MET A 64 2.45 -8.35 20.64
C MET A 64 0.97 -8.07 20.93
N SER A 65 0.35 -8.98 21.68
CA SER A 65 -1.06 -8.84 22.02
C SER A 65 -1.90 -8.55 20.78
N GLY A 66 -1.58 -9.24 19.69
CA GLY A 66 -2.31 -9.06 18.45
C GLY A 66 -3.56 -9.89 18.39
N PRO A 67 -3.39 -11.22 18.22
CA PRO A 67 -4.51 -12.16 18.13
C PRO A 67 -5.22 -12.32 19.47
N SER A 68 -6.44 -12.86 19.43
CA SER A 68 -7.23 -13.07 20.63
C SER A 68 -6.51 -14.01 21.59
N SER A 69 -6.51 -13.67 22.87
CA SER A 69 -5.86 -14.48 23.89
C SER A 69 -6.80 -15.56 24.42
N GLY A 70 -7.98 -15.14 24.85
CA GLY A 70 -8.96 -16.07 25.37
C GLY A 70 -8.47 -16.78 26.61
N GLY A 1 -17.81 22.73 -2.87
CA GLY A 1 -19.26 22.89 -2.94
C GLY A 1 -19.77 22.93 -4.36
N SER A 2 -20.35 24.06 -4.75
CA SER A 2 -20.89 24.22 -6.09
C SER A 2 -20.12 25.29 -6.86
N SER A 3 -19.97 26.46 -6.25
CA SER A 3 -19.26 27.57 -6.88
C SER A 3 -17.77 27.27 -6.96
N GLY A 4 -17.11 27.82 -7.99
CA GLY A 4 -15.69 27.61 -8.16
C GLY A 4 -15.38 26.59 -9.23
N SER A 5 -14.31 26.83 -9.99
CA SER A 5 -13.91 25.94 -11.06
C SER A 5 -13.64 24.54 -10.52
N SER A 6 -14.31 23.54 -11.09
CA SER A 6 -14.13 22.16 -10.66
C SER A 6 -13.59 21.29 -11.80
N GLY A 7 -12.73 20.34 -11.46
CA GLY A 7 -12.16 19.47 -12.46
C GLY A 7 -10.67 19.70 -12.64
N HIS A 8 -10.02 18.77 -13.34
CA HIS A 8 -8.58 18.87 -13.58
C HIS A 8 -8.24 18.45 -15.01
N PRO A 9 -7.06 18.87 -15.48
CA PRO A 9 -6.59 18.56 -16.83
C PRO A 9 -6.24 17.08 -17.00
N GLU A 10 -6.04 16.39 -15.87
CA GLU A 10 -5.69 14.98 -15.89
C GLU A 10 -6.56 14.20 -14.90
N LYS A 11 -7.04 13.04 -15.34
CA LYS A 11 -7.87 12.20 -14.50
C LYS A 11 -7.51 10.72 -14.66
N CYS A 12 -7.64 9.96 -13.59
CA CYS A 12 -7.32 8.54 -13.61
C CYS A 12 -8.42 7.74 -14.30
N SER A 13 -8.02 6.72 -15.06
CA SER A 13 -8.98 5.89 -15.79
C SER A 13 -9.30 4.63 -14.99
N GLU A 14 -9.09 4.68 -13.68
CA GLU A 14 -9.35 3.54 -12.82
C GLU A 14 -10.23 3.95 -11.63
N CYS A 15 -9.93 5.09 -11.05
CA CYS A 15 -10.67 5.59 -9.91
C CYS A 15 -10.99 7.08 -10.07
N SER A 16 -11.57 7.68 -9.04
CA SER A 16 -11.93 9.10 -9.06
C SER A 16 -10.75 9.95 -8.61
N TYR A 17 -9.56 9.58 -9.05
CA TYR A 17 -8.35 10.32 -8.68
C TYR A 17 -7.88 11.19 -9.84
N SER A 18 -7.96 12.51 -9.66
CA SER A 18 -7.54 13.46 -10.69
C SER A 18 -6.64 14.54 -10.10
N CYS A 19 -5.58 14.87 -10.82
CA CYS A 19 -4.64 15.89 -10.37
C CYS A 19 -4.26 16.83 -11.51
N SER A 20 -3.69 17.97 -11.16
CA SER A 20 -3.29 18.96 -12.16
C SER A 20 -1.91 18.63 -12.72
N SER A 21 -1.11 17.92 -11.94
CA SER A 21 0.24 17.54 -12.35
C SER A 21 0.23 16.18 -13.04
N LYS A 22 0.65 16.15 -14.30
CA LYS A 22 0.69 14.92 -15.06
C LYS A 22 1.55 13.88 -14.37
N ALA A 23 2.79 14.25 -14.03
CA ALA A 23 3.70 13.35 -13.35
C ALA A 23 3.10 12.82 -12.07
N ALA A 24 2.50 13.70 -11.28
CA ALA A 24 1.87 13.32 -10.02
C ALA A 24 0.92 12.15 -10.21
N LEU A 25 0.04 12.27 -11.20
CA LEU A 25 -0.92 11.21 -11.50
C LEU A 25 -0.23 9.87 -11.70
N ARG A 26 0.74 9.84 -12.60
CA ARG A 26 1.48 8.62 -12.88
C ARG A 26 1.85 7.89 -11.58
N ILE A 27 2.34 8.65 -10.61
CA ILE A 27 2.73 8.08 -9.33
C ILE A 27 1.54 7.40 -8.65
N HIS A 28 0.38 8.03 -8.71
CA HIS A 28 -0.83 7.48 -8.11
C HIS A 28 -1.22 6.17 -8.78
N GLU A 29 -1.16 6.16 -10.11
CA GLU A 29 -1.52 4.96 -10.88
C GLU A 29 -0.96 3.71 -10.22
N ARG A 30 0.22 3.84 -9.61
CA ARG A 30 0.86 2.72 -8.94
C ARG A 30 -0.13 1.94 -8.08
N ILE A 31 -1.03 2.67 -7.42
CA ILE A 31 -2.04 2.06 -6.58
C ILE A 31 -2.64 0.83 -7.24
N HIS A 32 -2.85 0.92 -8.55
CA HIS A 32 -3.42 -0.19 -9.31
C HIS A 32 -2.32 -1.06 -9.93
N CYS A 33 -1.73 -1.92 -9.12
CA CYS A 33 -0.67 -2.80 -9.58
C CYS A 33 -0.62 -4.09 -8.76
N THR A 34 0.10 -5.08 -9.26
CA THR A 34 0.22 -6.36 -8.58
C THR A 34 1.46 -7.13 -9.05
N ASP A 35 2.41 -7.30 -8.16
CA ASP A 35 3.65 -8.00 -8.48
C ASP A 35 3.77 -9.28 -7.64
N ARG A 36 3.84 -9.11 -6.34
CA ARG A 36 3.98 -10.24 -5.42
C ARG A 36 2.61 -10.69 -4.91
N PRO A 37 2.43 -12.01 -4.77
CA PRO A 37 1.18 -12.59 -4.29
C PRO A 37 0.93 -12.29 -2.81
N PHE A 38 2.00 -12.20 -2.04
CA PHE A 38 1.90 -11.91 -0.62
C PHE A 38 2.65 -10.63 -0.26
N LYS A 39 2.00 -9.77 0.51
CA LYS A 39 2.60 -8.51 0.93
C LYS A 39 2.31 -8.23 2.40
N CYS A 40 3.02 -7.25 2.96
CA CYS A 40 2.84 -6.88 4.36
C CYS A 40 1.90 -5.69 4.49
N ASN A 41 1.30 -5.53 5.67
CA ASN A 41 0.38 -4.43 5.93
C ASN A 41 1.03 -3.37 6.81
N TYR A 42 1.86 -3.81 7.74
CA TYR A 42 2.55 -2.89 8.65
C TYR A 42 3.63 -2.10 7.90
N CYS A 43 4.40 -2.80 7.08
CA CYS A 43 5.46 -2.16 6.32
C CYS A 43 5.37 -2.53 4.84
N SER A 44 6.27 -1.97 4.03
CA SER A 44 6.27 -2.23 2.60
C SER A 44 7.05 -3.50 2.28
N PHE A 45 6.85 -4.52 3.10
CA PHE A 45 7.53 -5.81 2.91
C PHE A 45 6.70 -6.75 2.06
N ASP A 46 7.26 -7.17 0.93
CA ASP A 46 6.57 -8.08 0.03
C ASP A 46 7.38 -9.34 -0.21
N THR A 47 6.76 -10.50 0.04
CA THR A 47 7.43 -11.78 -0.14
C THR A 47 6.60 -12.71 -1.02
N LYS A 48 7.28 -13.57 -1.78
CA LYS A 48 6.61 -14.52 -2.66
C LYS A 48 6.33 -15.83 -1.93
N GLN A 49 5.99 -15.74 -0.66
CA GLN A 49 5.70 -16.92 0.15
C GLN A 49 4.83 -16.56 1.34
N PRO A 50 3.85 -17.44 1.64
CA PRO A 50 2.92 -17.24 2.76
C PRO A 50 3.62 -17.39 4.11
N SER A 51 4.44 -18.42 4.24
CA SER A 51 5.17 -18.67 5.48
C SER A 51 6.14 -17.53 5.80
N ASN A 52 6.77 -17.00 4.76
CA ASN A 52 7.72 -15.91 4.92
C ASN A 52 7.06 -14.70 5.56
N LEU A 53 5.91 -14.32 5.02
CA LEU A 53 5.16 -13.17 5.54
C LEU A 53 4.75 -13.40 6.99
N SER A 54 3.91 -14.40 7.20
CA SER A 54 3.45 -14.72 8.55
C SER A 54 4.58 -14.62 9.56
N LYS A 55 5.66 -15.34 9.31
CA LYS A 55 6.82 -15.33 10.20
C LYS A 55 7.43 -13.93 10.27
N HIS A 56 7.53 -13.27 9.12
CA HIS A 56 8.10 -11.93 9.05
C HIS A 56 7.34 -10.97 9.96
N MET A 57 6.03 -11.15 10.03
CA MET A 57 5.18 -10.30 10.87
C MET A 57 5.63 -10.37 12.33
N LYS A 58 5.71 -11.58 12.86
CA LYS A 58 6.12 -11.79 14.24
C LYS A 58 7.61 -11.48 14.42
N LYS A 59 8.39 -11.75 13.37
CA LYS A 59 9.82 -11.51 13.41
C LYS A 59 10.12 -10.04 13.66
N PHE A 60 9.69 -9.18 12.74
CA PHE A 60 9.90 -7.75 12.85
C PHE A 60 8.90 -7.12 13.81
N HIS A 61 7.61 -7.25 13.47
CA HIS A 61 6.55 -6.69 14.30
C HIS A 61 6.23 -7.63 15.46
N GLY A 62 7.27 -8.10 16.14
CA GLY A 62 7.07 -9.00 17.27
C GLY A 62 7.05 -8.27 18.59
N ASP A 63 6.43 -7.09 18.60
CA ASP A 63 6.34 -6.29 19.82
C ASP A 63 4.92 -5.77 20.01
N MET A 64 4.38 -5.12 19.00
CA MET A 64 3.03 -4.57 19.06
C MET A 64 1.99 -5.69 18.97
N SER A 65 1.73 -6.35 20.09
CA SER A 65 0.76 -7.43 20.15
C SER A 65 -0.66 -6.90 20.24
N GLY A 66 -1.60 -7.62 19.65
CA GLY A 66 -2.99 -7.20 19.68
C GLY A 66 -3.52 -7.03 21.08
N PRO A 67 -4.01 -8.12 21.68
CA PRO A 67 -4.55 -8.11 23.04
C PRO A 67 -3.47 -7.91 24.10
N SER A 68 -3.21 -6.65 24.43
CA SER A 68 -2.19 -6.32 25.42
C SER A 68 -2.73 -5.31 26.43
N SER A 69 -3.19 -4.18 25.92
CA SER A 69 -3.73 -3.11 26.78
C SER A 69 -2.73 -2.75 27.87
N GLY A 70 -1.46 -2.65 27.49
CA GLY A 70 -0.42 -2.30 28.45
C GLY A 70 -0.37 -0.81 28.73
N GLY A 1 17.86 29.01 1.39
CA GLY A 1 16.47 29.43 1.29
C GLY A 1 15.59 28.38 0.62
N SER A 2 14.38 28.24 1.12
CA SER A 2 13.43 27.26 0.57
C SER A 2 12.18 27.95 0.06
N SER A 3 12.18 28.29 -1.22
CA SER A 3 11.04 28.96 -1.83
C SER A 3 10.13 27.96 -2.53
N GLY A 4 8.95 28.42 -2.94
CA GLY A 4 8.00 27.54 -3.61
C GLY A 4 8.17 27.55 -5.11
N SER A 5 8.81 26.50 -5.64
CA SER A 5 9.04 26.40 -7.07
C SER A 5 7.86 25.74 -7.76
N SER A 6 7.24 26.47 -8.70
CA SER A 6 6.09 25.94 -9.43
C SER A 6 6.53 25.01 -10.55
N GLY A 7 5.81 23.90 -10.70
CA GLY A 7 6.15 22.94 -11.73
C GLY A 7 4.92 22.35 -12.40
N HIS A 8 4.09 21.68 -11.61
CA HIS A 8 2.88 21.06 -12.13
C HIS A 8 1.72 21.23 -11.14
N PRO A 9 0.48 21.13 -11.66
CA PRO A 9 -0.73 21.28 -10.84
C PRO A 9 -0.92 20.10 -9.89
N GLU A 10 -0.76 18.89 -10.41
CA GLU A 10 -0.92 17.68 -9.61
C GLU A 10 0.37 16.88 -9.57
N LYS A 11 0.60 16.19 -8.46
CA LYS A 11 1.81 15.38 -8.29
C LYS A 11 1.49 14.08 -7.57
N CYS A 12 2.47 13.18 -7.52
CA CYS A 12 2.29 11.89 -6.85
C CYS A 12 2.90 11.92 -5.45
N SER A 13 2.16 11.37 -4.49
CA SER A 13 2.61 11.34 -3.10
C SER A 13 3.66 10.24 -2.90
N GLU A 14 3.59 9.21 -3.73
CA GLU A 14 4.53 8.10 -3.65
C GLU A 14 5.92 8.52 -4.15
N CYS A 15 5.96 9.05 -5.37
CA CYS A 15 7.22 9.50 -5.96
C CYS A 15 7.11 10.94 -6.45
N SER A 16 8.18 11.43 -7.06
CA SER A 16 8.21 12.80 -7.57
C SER A 16 7.65 12.85 -8.99
N TYR A 17 6.62 12.05 -9.25
CA TYR A 17 5.99 12.01 -10.56
C TYR A 17 4.78 12.92 -10.61
N SER A 18 4.81 13.92 -11.49
CA SER A 18 3.71 14.87 -11.63
C SER A 18 3.24 14.92 -13.08
N CYS A 19 1.96 15.26 -13.26
CA CYS A 19 1.37 15.35 -14.60
C CYS A 19 0.70 16.70 -14.80
N SER A 20 0.03 16.85 -15.93
CA SER A 20 -0.66 18.11 -16.26
C SER A 20 -2.06 18.12 -15.66
N SER A 21 -2.81 17.05 -15.90
CA SER A 21 -4.17 16.94 -15.38
C SER A 21 -4.30 15.76 -14.42
N LYS A 22 -5.37 15.75 -13.64
CA LYS A 22 -5.62 14.67 -12.69
C LYS A 22 -5.73 13.33 -13.39
N ALA A 23 -6.73 13.20 -14.25
CA ALA A 23 -6.94 11.96 -14.99
C ALA A 23 -5.62 11.27 -15.31
N ALA A 24 -4.75 11.99 -16.01
CA ALA A 24 -3.44 11.46 -16.39
C ALA A 24 -2.69 10.94 -15.16
N LEU A 25 -2.47 11.82 -14.19
CA LEU A 25 -1.77 11.44 -12.97
C LEU A 25 -2.24 10.09 -12.46
N ARG A 26 -3.55 9.95 -12.27
CA ARG A 26 -4.13 8.70 -11.79
C ARG A 26 -3.58 7.52 -12.57
N ILE A 27 -3.27 7.74 -13.84
CA ILE A 27 -2.74 6.69 -14.70
C ILE A 27 -1.37 6.23 -14.22
N HIS A 28 -0.50 7.19 -13.96
CA HIS A 28 0.85 6.88 -13.48
C HIS A 28 0.81 6.01 -12.23
N GLU A 29 -0.13 6.31 -11.34
CA GLU A 29 -0.27 5.56 -10.11
C GLU A 29 -0.09 4.07 -10.35
N ARG A 30 -0.63 3.59 -11.48
CA ARG A 30 -0.52 2.18 -11.83
C ARG A 30 0.86 1.62 -11.48
N ILE A 31 1.89 2.43 -11.73
CA ILE A 31 3.26 2.02 -11.45
C ILE A 31 3.36 1.32 -10.10
N HIS A 32 2.69 1.87 -9.10
CA HIS A 32 2.70 1.29 -7.76
C HIS A 32 1.65 0.19 -7.64
N CYS A 33 1.56 -0.64 -8.66
CA CYS A 33 0.60 -1.74 -8.67
C CYS A 33 1.06 -2.89 -7.78
N THR A 34 2.33 -3.26 -7.91
CA THR A 34 2.89 -4.34 -7.11
C THR A 34 4.40 -4.17 -6.97
N ASP A 35 4.85 -4.06 -5.72
CA ASP A 35 6.28 -3.90 -5.44
C ASP A 35 6.83 -5.13 -4.73
N ARG A 36 6.30 -5.43 -3.55
CA ARG A 36 6.75 -6.58 -2.78
C ARG A 36 6.35 -7.88 -3.46
N PRO A 37 7.34 -8.75 -3.71
CA PRO A 37 7.11 -10.05 -4.36
C PRO A 37 6.35 -11.02 -3.46
N PHE A 38 6.29 -10.71 -2.18
CA PHE A 38 5.58 -11.56 -1.22
C PHE A 38 4.43 -10.80 -0.56
N LYS A 39 3.36 -11.52 -0.24
CA LYS A 39 2.19 -10.92 0.39
C LYS A 39 1.57 -11.87 1.40
N CYS A 40 0.88 -11.31 2.39
CA CYS A 40 0.24 -12.11 3.42
C CYS A 40 -1.14 -12.57 2.97
N ASN A 41 -1.53 -13.78 3.38
CA ASN A 41 -2.82 -14.34 3.03
C ASN A 41 -3.90 -13.91 4.03
N TYR A 42 -3.53 -13.87 5.30
CA TYR A 42 -4.46 -13.48 6.35
C TYR A 42 -4.82 -12.00 6.24
N CYS A 43 -3.81 -11.14 6.28
CA CYS A 43 -4.02 -9.70 6.19
C CYS A 43 -3.33 -9.13 4.95
N SER A 44 -3.43 -7.82 4.77
CA SER A 44 -2.83 -7.15 3.63
C SER A 44 -1.38 -6.79 3.91
N PHE A 45 -0.70 -7.65 4.66
CA PHE A 45 0.70 -7.42 5.01
C PHE A 45 1.63 -8.01 3.95
N ASP A 46 2.50 -7.17 3.39
CA ASP A 46 3.43 -7.60 2.37
C ASP A 46 4.85 -7.14 2.69
N THR A 47 5.81 -8.03 2.51
CA THR A 47 7.21 -7.73 2.80
C THR A 47 8.11 -8.13 1.63
N LYS A 48 9.21 -7.42 1.46
CA LYS A 48 10.16 -7.70 0.39
C LYS A 48 10.87 -9.03 0.63
N GLN A 49 11.46 -9.18 1.81
CA GLN A 49 12.17 -10.41 2.16
C GLN A 49 11.19 -11.50 2.56
N PRO A 50 11.41 -12.72 2.05
CA PRO A 50 10.56 -13.88 2.34
C PRO A 50 10.71 -14.35 3.78
N SER A 51 11.60 -13.70 4.52
CA SER A 51 11.84 -14.07 5.91
C SER A 51 10.88 -13.32 6.84
N ASN A 52 10.64 -12.05 6.53
CA ASN A 52 9.75 -11.23 7.34
C ASN A 52 8.33 -11.79 7.33
N LEU A 53 7.86 -12.19 6.15
CA LEU A 53 6.52 -12.75 6.02
C LEU A 53 6.36 -14.00 6.88
N SER A 54 7.31 -14.92 6.75
CA SER A 54 7.28 -16.17 7.51
C SER A 54 7.08 -15.89 9.00
N LYS A 55 8.06 -15.21 9.60
CA LYS A 55 7.99 -14.88 11.02
C LYS A 55 6.77 -14.02 11.32
N HIS A 56 6.41 -13.16 10.37
CA HIS A 56 5.25 -12.28 10.54
C HIS A 56 3.97 -13.10 10.71
N MET A 57 3.87 -14.19 9.96
CA MET A 57 2.69 -15.06 10.03
C MET A 57 2.47 -15.55 11.46
N LYS A 58 3.51 -16.16 12.04
CA LYS A 58 3.42 -16.67 13.40
C LYS A 58 3.33 -15.53 14.41
N LYS A 59 4.14 -14.50 14.21
CA LYS A 59 4.14 -13.35 15.09
C LYS A 59 2.73 -12.84 15.35
N PHE A 60 1.98 -12.64 14.27
CA PHE A 60 0.60 -12.16 14.38
C PHE A 60 -0.39 -13.32 14.37
N HIS A 61 -0.39 -14.08 13.27
CA HIS A 61 -1.29 -15.22 13.14
C HIS A 61 -0.66 -16.48 13.74
N GLY A 62 -0.05 -16.33 14.91
CA GLY A 62 0.58 -17.44 15.57
C GLY A 62 -0.42 -18.38 16.22
N ASP A 63 -1.36 -17.81 16.97
CA ASP A 63 -2.38 -18.59 17.65
C ASP A 63 -3.63 -18.70 16.78
N MET A 64 -3.65 -19.69 15.89
CA MET A 64 -4.79 -19.90 15.00
C MET A 64 -4.87 -21.35 14.56
N SER A 65 -5.94 -22.03 14.95
CA SER A 65 -6.13 -23.44 14.60
C SER A 65 -6.42 -23.58 13.10
N GLY A 66 -7.38 -22.80 12.61
CA GLY A 66 -7.74 -22.86 11.21
C GLY A 66 -8.91 -23.78 10.95
N PRO A 67 -9.80 -23.38 10.03
CA PRO A 67 -10.98 -24.16 9.67
C PRO A 67 -10.62 -25.44 8.91
N SER A 68 -9.33 -25.66 8.71
CA SER A 68 -8.86 -26.84 7.99
C SER A 68 -8.57 -27.98 8.96
N SER A 69 -9.14 -29.15 8.68
CA SER A 69 -8.94 -30.31 9.54
C SER A 69 -8.55 -31.54 8.70
N GLY A 70 -9.24 -31.73 7.58
CA GLY A 70 -8.95 -32.86 6.72
C GLY A 70 -9.26 -32.56 5.27
N GLY A 1 -5.48 22.50 16.97
CA GLY A 1 -4.53 22.13 15.94
C GLY A 1 -5.02 22.47 14.54
N SER A 2 -4.81 23.72 14.14
CA SER A 2 -5.24 24.17 12.82
C SER A 2 -4.04 24.44 11.91
N SER A 3 -4.03 23.80 10.76
CA SER A 3 -2.93 23.97 9.80
C SER A 3 -3.47 24.07 8.37
N GLY A 4 -2.82 24.90 7.57
CA GLY A 4 -3.23 25.06 6.19
C GLY A 4 -2.83 23.90 5.31
N SER A 5 -3.72 23.51 4.41
CA SER A 5 -3.45 22.39 3.50
C SER A 5 -4.43 22.39 2.33
N SER A 6 -3.91 22.55 1.13
CA SER A 6 -4.73 22.56 -0.07
C SER A 6 -5.08 21.15 -0.52
N GLY A 7 -4.06 20.30 -0.60
CA GLY A 7 -4.28 18.92 -1.01
C GLY A 7 -3.95 18.69 -2.47
N HIS A 8 -3.71 17.44 -2.83
CA HIS A 8 -3.38 17.09 -4.21
C HIS A 8 -4.64 16.89 -5.04
N PRO A 9 -4.55 17.19 -6.34
CA PRO A 9 -5.68 17.06 -7.27
C PRO A 9 -6.04 15.60 -7.53
N GLU A 10 -5.02 14.75 -7.62
CA GLU A 10 -5.25 13.32 -7.87
C GLU A 10 -4.63 12.49 -6.75
N LYS A 11 -5.18 11.29 -6.56
CA LYS A 11 -4.70 10.38 -5.53
C LYS A 11 -4.81 8.92 -5.98
N CYS A 12 -4.12 8.04 -5.28
CA CYS A 12 -4.15 6.61 -5.61
C CYS A 12 -5.07 5.86 -4.66
N SER A 13 -5.91 5.00 -5.23
CA SER A 13 -6.85 4.21 -4.44
C SER A 13 -6.15 3.03 -3.78
N GLU A 14 -5.02 2.62 -4.36
CA GLU A 14 -4.25 1.50 -3.83
C GLU A 14 -3.50 1.91 -2.57
N CYS A 15 -2.70 2.97 -2.68
CA CYS A 15 -1.92 3.47 -1.55
C CYS A 15 -2.17 4.95 -1.33
N SER A 16 -1.43 5.53 -0.38
CA SER A 16 -1.58 6.95 -0.06
C SER A 16 -0.71 7.80 -0.97
N TYR A 17 -0.62 7.41 -2.24
CA TYR A 17 0.19 8.14 -3.21
C TYR A 17 -0.66 9.14 -3.99
N SER A 18 -0.36 10.42 -3.83
CA SER A 18 -1.10 11.47 -4.52
C SER A 18 -0.15 12.46 -5.17
N CYS A 19 -0.34 12.71 -6.46
CA CYS A 19 0.50 13.64 -7.20
C CYS A 19 -0.31 14.84 -7.68
N SER A 20 0.34 15.74 -8.41
CA SER A 20 -0.31 16.94 -8.91
C SER A 20 -0.88 16.70 -10.31
N SER A 21 -0.05 16.14 -11.19
CA SER A 21 -0.46 15.86 -12.57
C SER A 21 -0.95 14.42 -12.70
N LYS A 22 -2.15 14.27 -13.25
CA LYS A 22 -2.73 12.95 -13.45
C LYS A 22 -1.75 12.01 -14.15
N ALA A 23 -1.35 12.38 -15.36
CA ALA A 23 -0.41 11.59 -16.14
C ALA A 23 0.61 10.90 -15.23
N ALA A 24 1.09 11.63 -14.24
CA ALA A 24 2.07 11.10 -13.31
C ALA A 24 1.51 9.91 -12.54
N LEU A 25 0.35 10.10 -11.92
CA LEU A 25 -0.30 9.03 -11.15
C LEU A 25 -0.26 7.71 -11.92
N ARG A 26 -0.60 7.77 -13.20
CA ARG A 26 -0.61 6.59 -14.04
C ARG A 26 0.75 5.88 -14.00
N ILE A 27 1.81 6.66 -14.14
CA ILE A 27 3.16 6.10 -14.11
C ILE A 27 3.47 5.45 -12.77
N HIS A 28 2.78 5.92 -11.73
CA HIS A 28 2.98 5.37 -10.38
C HIS A 28 2.24 4.05 -10.22
N GLU A 29 1.06 3.96 -10.82
CA GLU A 29 0.25 2.74 -10.74
C GLU A 29 1.08 1.52 -11.11
N ARG A 30 2.08 1.72 -11.95
CA ARG A 30 2.95 0.62 -12.38
C ARG A 30 3.56 -0.09 -11.17
N ILE A 31 3.71 0.65 -10.07
CA ILE A 31 4.29 0.09 -8.85
C ILE A 31 3.51 -1.14 -8.40
N HIS A 32 2.21 -1.15 -8.64
CA HIS A 32 1.36 -2.26 -8.26
C HIS A 32 1.28 -3.29 -9.38
N CYS A 33 0.54 -2.97 -10.43
CA CYS A 33 0.38 -3.87 -11.57
C CYS A 33 0.30 -5.32 -11.10
N THR A 34 -0.33 -5.53 -9.94
CA THR A 34 -0.47 -6.87 -9.38
C THR A 34 0.81 -7.68 -9.55
N ASP A 35 1.93 -7.08 -9.17
CA ASP A 35 3.22 -7.75 -9.28
C ASP A 35 3.46 -8.68 -8.10
N ARG A 36 3.07 -8.23 -6.91
CA ARG A 36 3.24 -9.03 -5.70
C ARG A 36 2.05 -9.97 -5.49
N PRO A 37 2.30 -11.28 -5.68
CA PRO A 37 1.27 -12.31 -5.53
C PRO A 37 0.84 -12.49 -4.07
N PHE A 38 1.82 -12.60 -3.18
CA PHE A 38 1.55 -12.78 -1.77
C PHE A 38 0.83 -11.56 -1.19
N LYS A 39 -0.17 -11.82 -0.36
CA LYS A 39 -0.94 -10.75 0.27
C LYS A 39 -1.27 -11.09 1.72
N CYS A 40 -1.37 -10.05 2.56
CA CYS A 40 -1.68 -10.23 3.97
C CYS A 40 -3.18 -10.40 4.18
N ASN A 41 -3.55 -11.19 5.18
CA ASN A 41 -4.95 -11.43 5.49
C ASN A 41 -5.48 -10.37 6.46
N TYR A 42 -4.62 -9.92 7.36
CA TYR A 42 -5.00 -8.91 8.34
C TYR A 42 -5.14 -7.54 7.69
N CYS A 43 -4.07 -7.08 7.06
CA CYS A 43 -4.07 -5.79 6.39
C CYS A 43 -3.88 -5.94 4.88
N SER A 44 -3.87 -4.83 4.17
CA SER A 44 -3.70 -4.84 2.73
C SER A 44 -2.22 -4.78 2.35
N PHE A 45 -1.40 -5.54 3.06
CA PHE A 45 0.03 -5.58 2.81
C PHE A 45 0.38 -6.70 1.83
N ASP A 46 1.09 -6.35 0.77
CA ASP A 46 1.49 -7.31 -0.24
C ASP A 46 2.99 -7.26 -0.49
N THR A 47 3.62 -8.43 -0.55
CA THR A 47 5.06 -8.50 -0.79
C THR A 47 5.39 -9.51 -1.88
N LYS A 48 6.29 -9.13 -2.78
CA LYS A 48 6.69 -10.00 -3.88
C LYS A 48 7.31 -11.29 -3.35
N GLN A 49 7.98 -11.20 -2.21
CA GLN A 49 8.61 -12.36 -1.60
C GLN A 49 7.83 -12.83 -0.37
N PRO A 50 7.75 -14.16 -0.20
CA PRO A 50 7.03 -14.76 0.93
C PRO A 50 7.74 -14.53 2.25
N SER A 51 9.06 -14.77 2.27
CA SER A 51 9.85 -14.59 3.47
C SER A 51 9.51 -13.27 4.16
N ASN A 52 9.26 -12.24 3.36
CA ASN A 52 8.93 -10.93 3.88
C ASN A 52 7.57 -10.94 4.57
N LEU A 53 6.61 -11.60 3.94
CA LEU A 53 5.26 -11.70 4.50
C LEU A 53 5.28 -12.35 5.87
N SER A 54 5.82 -13.57 5.94
CA SER A 54 5.89 -14.30 7.20
C SER A 54 6.39 -13.40 8.32
N LYS A 55 7.56 -12.79 8.12
CA LYS A 55 8.14 -11.90 9.11
C LYS A 55 7.23 -10.71 9.38
N HIS A 56 6.58 -10.22 8.33
CA HIS A 56 5.67 -9.09 8.44
C HIS A 56 4.53 -9.39 9.40
N MET A 57 4.06 -10.64 9.37
CA MET A 57 2.96 -11.06 10.24
C MET A 57 3.43 -11.15 11.68
N LYS A 58 4.65 -11.64 11.88
CA LYS A 58 5.21 -11.78 13.22
C LYS A 58 5.83 -10.47 13.69
N LYS A 59 6.13 -9.59 12.74
CA LYS A 59 6.73 -8.30 13.05
C LYS A 59 5.66 -7.27 13.41
N PHE A 60 4.48 -7.43 12.81
CA PHE A 60 3.38 -6.51 13.05
C PHE A 60 2.21 -7.25 13.70
N HIS A 61 1.72 -8.28 13.03
CA HIS A 61 0.59 -9.07 13.53
C HIS A 61 1.09 -10.17 14.47
N GLY A 62 2.09 -9.86 15.27
CA GLY A 62 2.63 -10.85 16.19
C GLY A 62 1.89 -10.88 17.51
N ASP A 63 1.19 -9.79 17.82
CA ASP A 63 0.42 -9.70 19.06
C ASP A 63 -0.95 -10.36 18.91
N MET A 64 -0.95 -11.56 18.33
CA MET A 64 -2.20 -12.30 18.13
C MET A 64 -2.04 -13.76 18.54
N SER A 65 -1.31 -13.98 19.63
CA SER A 65 -1.08 -15.34 20.13
C SER A 65 -2.01 -15.65 21.29
N GLY A 66 -1.94 -14.84 22.34
CA GLY A 66 -2.78 -15.05 23.50
C GLY A 66 -3.70 -13.88 23.78
N PRO A 67 -4.74 -14.11 24.58
CA PRO A 67 -5.73 -13.07 24.93
C PRO A 67 -5.14 -12.01 25.84
N SER A 68 -4.31 -12.44 26.80
CA SER A 68 -3.68 -11.52 27.74
C SER A 68 -2.22 -11.27 27.37
N SER A 69 -1.98 -10.16 26.67
CA SER A 69 -0.64 -9.81 26.25
C SER A 69 0.24 -9.47 27.45
N GLY A 70 -0.26 -8.60 28.33
CA GLY A 70 0.49 -8.21 29.50
C GLY A 70 0.85 -9.39 30.38
N GLY A 1 -14.23 24.32 -0.25
CA GLY A 1 -13.83 24.32 -1.64
C GLY A 1 -13.48 22.93 -2.13
N SER A 2 -14.50 22.11 -2.36
CA SER A 2 -14.29 20.74 -2.83
C SER A 2 -13.93 20.72 -4.31
N SER A 3 -14.70 21.47 -5.10
CA SER A 3 -14.48 21.54 -6.55
C SER A 3 -14.02 22.94 -6.95
N GLY A 4 -12.72 23.19 -6.85
CA GLY A 4 -12.19 24.48 -7.22
C GLY A 4 -10.67 24.47 -7.35
N SER A 5 -10.00 25.28 -6.53
CA SER A 5 -8.54 25.36 -6.57
C SER A 5 -7.92 23.96 -6.72
N SER A 6 -8.30 23.06 -5.81
CA SER A 6 -7.77 21.70 -5.84
C SER A 6 -8.90 20.69 -6.01
N GLY A 7 -9.09 20.23 -7.24
CA GLY A 7 -10.14 19.26 -7.53
C GLY A 7 -9.95 18.57 -8.86
N HIS A 8 -8.72 18.15 -9.13
CA HIS A 8 -8.41 17.47 -10.39
C HIS A 8 -9.23 16.19 -10.53
N PRO A 9 -9.47 15.78 -11.79
CA PRO A 9 -10.25 14.57 -12.09
C PRO A 9 -9.51 13.30 -11.70
N GLU A 10 -8.22 13.44 -11.36
CA GLU A 10 -7.41 12.29 -10.98
C GLU A 10 -6.67 12.57 -9.68
N LYS A 11 -6.73 11.63 -8.75
CA LYS A 11 -6.05 11.77 -7.46
C LYS A 11 -5.39 10.46 -7.04
N CYS A 12 -4.26 10.57 -6.35
CA CYS A 12 -3.54 9.40 -5.88
C CYS A 12 -4.12 8.87 -4.57
N SER A 13 -4.30 7.56 -4.50
CA SER A 13 -4.86 6.93 -3.31
C SER A 13 -3.81 6.88 -2.20
N GLU A 14 -2.54 6.85 -2.58
CA GLU A 14 -1.45 6.80 -1.62
C GLU A 14 -1.30 8.13 -0.90
N CYS A 15 -1.08 9.19 -1.66
CA CYS A 15 -0.91 10.53 -1.10
C CYS A 15 -1.95 11.49 -1.65
N SER A 16 -1.86 12.75 -1.26
CA SER A 16 -2.80 13.77 -1.71
C SER A 16 -2.33 14.38 -3.03
N TYR A 17 -1.71 13.57 -3.88
CA TYR A 17 -1.22 14.04 -5.16
C TYR A 17 -2.27 13.83 -6.25
N SER A 18 -2.74 14.93 -6.83
CA SER A 18 -3.75 14.87 -7.88
C SER A 18 -3.30 15.68 -9.10
N CYS A 19 -3.50 15.10 -10.28
CA CYS A 19 -3.11 15.77 -11.53
C CYS A 19 -4.28 15.79 -12.50
N SER A 20 -4.14 16.59 -13.56
CA SER A 20 -5.19 16.71 -14.57
C SER A 20 -4.93 15.78 -15.75
N SER A 21 -4.51 14.55 -15.43
CA SER A 21 -4.22 13.56 -16.47
C SER A 21 -4.00 12.18 -15.85
N LYS A 22 -4.46 11.15 -16.54
CA LYS A 22 -4.31 9.78 -16.07
C LYS A 22 -2.87 9.31 -16.21
N ALA A 23 -2.27 9.57 -17.37
CA ALA A 23 -0.90 9.18 -17.63
C ALA A 23 0.06 9.86 -16.65
N ALA A 24 -0.11 11.16 -16.47
CA ALA A 24 0.74 11.92 -15.57
C ALA A 24 0.69 11.35 -14.15
N LEU A 25 -0.50 10.99 -13.71
CA LEU A 25 -0.68 10.42 -12.38
C LEU A 25 0.14 9.15 -12.21
N ARG A 26 0.26 8.38 -13.29
CA ARG A 26 1.02 7.13 -13.27
C ARG A 26 2.51 7.41 -13.04
N ILE A 27 3.02 8.43 -13.72
CA ILE A 27 4.43 8.79 -13.59
C ILE A 27 4.76 9.24 -12.16
N HIS A 28 3.75 9.77 -11.48
CA HIS A 28 3.93 10.23 -10.10
C HIS A 28 4.06 9.05 -9.14
N GLU A 29 3.28 8.01 -9.38
CA GLU A 29 3.31 6.82 -8.54
C GLU A 29 4.74 6.35 -8.31
N ARG A 30 5.62 6.67 -9.26
CA ARG A 30 7.02 6.29 -9.16
C ARG A 30 7.63 6.75 -7.84
N ILE A 31 7.13 7.87 -7.32
CA ILE A 31 7.62 8.42 -6.07
C ILE A 31 7.57 7.38 -4.96
N HIS A 32 6.60 6.47 -5.05
CA HIS A 32 6.44 5.42 -4.06
C HIS A 32 7.25 4.19 -4.43
N CYS A 33 6.96 3.62 -5.59
CA CYS A 33 7.67 2.43 -6.06
C CYS A 33 7.74 1.37 -4.96
N THR A 34 6.65 1.22 -4.23
CA THR A 34 6.57 0.23 -3.15
C THR A 34 7.28 -1.06 -3.54
N ASP A 35 7.10 -1.48 -4.78
CA ASP A 35 7.72 -2.71 -5.29
C ASP A 35 7.45 -3.87 -4.34
N ARG A 36 6.36 -3.78 -3.58
CA ARG A 36 6.00 -4.83 -2.65
C ARG A 36 4.48 -4.91 -2.47
N PRO A 37 3.88 -5.97 -3.04
CA PRO A 37 2.43 -6.19 -2.97
C PRO A 37 1.98 -6.55 -1.55
N PHE A 38 2.71 -7.43 -0.89
CA PHE A 38 2.38 -7.85 0.46
C PHE A 38 3.02 -6.92 1.49
N LYS A 39 2.18 -6.35 2.35
CA LYS A 39 2.66 -5.43 3.38
C LYS A 39 2.16 -5.88 4.76
N CYS A 40 2.83 -5.40 5.80
CA CYS A 40 2.45 -5.73 7.17
C CYS A 40 1.55 -4.66 7.78
N ASN A 41 0.55 -5.09 8.52
CA ASN A 41 -0.38 -4.16 9.16
C ASN A 41 0.16 -3.68 10.50
N TYR A 42 0.90 -4.56 11.18
CA TYR A 42 1.47 -4.22 12.48
C TYR A 42 2.59 -3.19 12.33
N CYS A 43 3.56 -3.51 11.48
CA CYS A 43 4.70 -2.61 11.25
C CYS A 43 4.77 -2.21 9.78
N SER A 44 5.78 -1.41 9.44
CA SER A 44 5.97 -0.96 8.08
C SER A 44 6.84 -1.93 7.30
N PHE A 45 6.60 -3.22 7.49
CA PHE A 45 7.35 -4.25 6.80
C PHE A 45 6.65 -4.70 5.53
N ASP A 46 7.38 -4.75 4.43
CA ASP A 46 6.82 -5.15 3.15
C ASP A 46 7.69 -6.22 2.48
N THR A 47 7.07 -7.29 2.03
CA THR A 47 7.78 -8.38 1.38
C THR A 47 7.12 -8.75 0.05
N LYS A 48 7.94 -9.18 -0.91
CA LYS A 48 7.44 -9.58 -2.22
C LYS A 48 6.66 -10.88 -2.13
N GLN A 49 7.26 -11.90 -1.53
CA GLN A 49 6.61 -13.19 -1.38
C GLN A 49 5.56 -13.16 -0.28
N PRO A 50 4.49 -13.95 -0.45
CA PRO A 50 3.40 -14.02 0.53
C PRO A 50 3.83 -14.71 1.82
N SER A 51 4.46 -15.87 1.70
CA SER A 51 4.92 -16.62 2.86
C SER A 51 5.90 -15.80 3.68
N ASN A 52 6.74 -15.02 3.01
CA ASN A 52 7.72 -14.19 3.68
C ASN A 52 7.06 -13.32 4.74
N LEU A 53 5.86 -12.85 4.45
CA LEU A 53 5.13 -12.00 5.39
C LEU A 53 4.55 -12.82 6.52
N SER A 54 4.03 -14.00 6.20
CA SER A 54 3.45 -14.89 7.20
C SER A 54 4.47 -15.20 8.30
N LYS A 55 5.55 -15.87 7.93
CA LYS A 55 6.60 -16.22 8.87
C LYS A 55 7.10 -14.99 9.63
N HIS A 56 7.01 -13.83 8.98
CA HIS A 56 7.45 -12.58 9.59
C HIS A 56 6.45 -12.11 10.64
N MET A 57 5.17 -12.33 10.38
CA MET A 57 4.11 -11.93 11.29
C MET A 57 4.21 -12.70 12.60
N LYS A 58 4.31 -14.03 12.50
CA LYS A 58 4.41 -14.88 13.67
C LYS A 58 5.77 -14.73 14.35
N LYS A 59 6.81 -14.58 13.53
CA LYS A 59 8.17 -14.42 14.04
C LYS A 59 8.26 -13.23 14.98
N PHE A 60 7.67 -12.10 14.57
CA PHE A 60 7.69 -10.89 15.37
C PHE A 60 6.37 -10.71 16.12
N HIS A 61 5.28 -10.61 15.35
CA HIS A 61 3.96 -10.43 15.94
C HIS A 61 3.29 -11.78 16.20
N GLY A 62 4.00 -12.65 16.94
CA GLY A 62 3.47 -13.96 17.26
C GLY A 62 2.98 -14.06 18.69
N ASP A 63 2.76 -12.90 19.32
CA ASP A 63 2.29 -12.86 20.70
C ASP A 63 0.91 -12.20 20.78
N MET A 64 0.06 -12.51 19.81
CA MET A 64 -1.29 -11.95 19.77
C MET A 64 -2.32 -13.04 19.49
N SER A 65 -3.60 -12.66 19.53
CA SER A 65 -4.68 -13.61 19.28
C SER A 65 -4.67 -14.07 17.83
N GLY A 66 -5.54 -15.02 17.51
CA GLY A 66 -5.62 -15.54 16.16
C GLY A 66 -6.13 -16.97 16.12
N PRO A 67 -7.43 -17.14 15.86
CA PRO A 67 -8.07 -18.46 15.79
C PRO A 67 -7.63 -19.24 14.56
N SER A 68 -7.54 -20.56 14.70
CA SER A 68 -7.13 -21.42 13.59
C SER A 68 -8.34 -22.09 12.96
N SER A 69 -8.83 -21.51 11.87
CA SER A 69 -9.98 -22.05 11.16
C SER A 69 -9.56 -23.12 10.16
N GLY A 70 -8.63 -22.77 9.29
CA GLY A 70 -8.16 -23.72 8.29
C GLY A 70 -7.00 -24.55 8.80
N GLY A 1 -3.79 42.19 -4.41
CA GLY A 1 -3.27 41.38 -3.31
C GLY A 1 -2.76 40.03 -3.78
N SER A 2 -3.35 38.96 -3.25
CA SER A 2 -2.95 37.61 -3.62
C SER A 2 -4.05 36.91 -4.41
N SER A 3 -3.87 36.80 -5.71
CA SER A 3 -4.85 36.16 -6.58
C SER A 3 -4.16 35.45 -7.73
N GLY A 4 -4.89 34.54 -8.38
CA GLY A 4 -4.34 33.81 -9.50
C GLY A 4 -4.81 32.36 -9.53
N SER A 5 -4.29 31.60 -10.49
CA SER A 5 -4.67 30.19 -10.64
C SER A 5 -3.90 29.33 -9.66
N SER A 6 -4.37 29.28 -8.41
CA SER A 6 -3.72 28.49 -7.38
C SER A 6 -4.04 27.00 -7.55
N GLY A 7 -5.30 26.71 -7.88
CA GLY A 7 -5.71 25.34 -8.07
C GLY A 7 -5.19 24.74 -9.36
N HIS A 8 -5.58 23.50 -9.64
CA HIS A 8 -5.14 22.82 -10.86
C HIS A 8 -6.33 22.14 -11.55
N PRO A 9 -6.17 21.90 -12.87
CA PRO A 9 -7.22 21.25 -13.67
C PRO A 9 -7.40 19.78 -13.31
N GLU A 10 -6.34 19.17 -12.79
CA GLU A 10 -6.37 17.76 -12.41
C GLU A 10 -5.65 17.53 -11.09
N LYS A 11 -6.08 16.52 -10.34
CA LYS A 11 -5.48 16.19 -9.06
C LYS A 11 -5.46 14.69 -8.83
N CYS A 12 -4.65 14.25 -7.86
CA CYS A 12 -4.54 12.84 -7.55
C CYS A 12 -5.53 12.45 -6.45
N SER A 13 -6.21 11.33 -6.64
CA SER A 13 -7.19 10.84 -5.67
C SER A 13 -6.50 10.03 -4.57
N GLU A 14 -5.18 10.04 -4.57
CA GLU A 14 -4.41 9.31 -3.58
C GLU A 14 -3.61 10.26 -2.68
N CYS A 15 -2.93 11.22 -3.31
CA CYS A 15 -2.14 12.20 -2.58
C CYS A 15 -2.40 13.61 -3.09
N SER A 16 -1.64 14.57 -2.58
CA SER A 16 -1.79 15.97 -2.98
C SER A 16 -1.02 16.24 -4.27
N TYR A 17 -0.98 15.24 -5.15
CA TYR A 17 -0.28 15.38 -6.42
C TYR A 17 -1.23 15.83 -7.52
N SER A 18 -0.95 16.99 -8.10
CA SER A 18 -1.78 17.54 -9.17
C SER A 18 -0.93 17.90 -10.38
N CYS A 19 -1.49 17.73 -11.57
CA CYS A 19 -0.79 18.04 -12.81
C CYS A 19 -1.70 18.77 -13.79
N SER A 20 -1.14 19.19 -14.92
CA SER A 20 -1.90 19.91 -15.93
C SER A 20 -2.61 18.94 -16.86
N SER A 21 -1.84 18.07 -17.51
CA SER A 21 -2.39 17.09 -18.43
C SER A 21 -2.74 15.79 -17.71
N LYS A 22 -4.01 15.41 -17.77
CA LYS A 22 -4.46 14.18 -17.12
C LYS A 22 -3.49 13.04 -17.37
N ALA A 23 -3.18 12.80 -18.64
CA ALA A 23 -2.26 11.73 -19.02
C ALA A 23 -1.12 11.62 -18.01
N ALA A 24 -0.50 12.74 -17.68
CA ALA A 24 0.59 12.77 -16.73
C ALA A 24 0.16 12.21 -15.37
N LEU A 25 -0.99 12.67 -14.89
CA LEU A 25 -1.52 12.23 -13.60
C LEU A 25 -1.57 10.70 -13.54
N ARG A 26 -1.91 10.08 -14.67
CA ARG A 26 -2.00 8.62 -14.74
C ARG A 26 -0.66 7.98 -14.40
N ILE A 27 0.40 8.45 -15.07
CA ILE A 27 1.74 7.91 -14.85
C ILE A 27 2.15 8.06 -13.38
N HIS A 28 1.74 9.17 -12.76
CA HIS A 28 2.07 9.42 -11.37
C HIS A 28 1.44 8.35 -10.47
N GLU A 29 0.17 8.04 -10.71
CA GLU A 29 -0.54 7.06 -9.92
C GLU A 29 0.37 5.87 -9.57
N ARG A 30 1.23 5.51 -10.52
CA ARG A 30 2.15 4.40 -10.32
C ARG A 30 2.77 4.45 -8.93
N ILE A 31 3.15 5.65 -8.50
CA ILE A 31 3.75 5.84 -7.18
C ILE A 31 3.10 4.93 -6.15
N HIS A 32 1.79 4.73 -6.28
CA HIS A 32 1.05 3.88 -5.36
C HIS A 32 0.92 2.46 -5.91
N CYS A 33 1.97 1.67 -5.72
CA CYS A 33 1.97 0.29 -6.20
C CYS A 33 2.83 -0.60 -5.29
N THR A 34 2.36 -1.81 -5.03
CA THR A 34 3.08 -2.74 -4.18
C THR A 34 3.91 -3.72 -5.02
N ASP A 35 4.89 -4.35 -4.38
CA ASP A 35 5.75 -5.30 -5.07
C ASP A 35 5.69 -6.68 -4.40
N ARG A 36 5.66 -6.67 -3.06
CA ARG A 36 5.61 -7.92 -2.31
C ARG A 36 4.33 -8.68 -2.60
N PRO A 37 4.47 -9.86 -3.21
CA PRO A 37 3.33 -10.72 -3.57
C PRO A 37 2.65 -11.32 -2.34
N PHE A 38 3.38 -11.35 -1.22
CA PHE A 38 2.84 -11.90 0.02
C PHE A 38 2.57 -10.79 1.04
N LYS A 39 1.50 -10.96 1.80
CA LYS A 39 1.12 -9.98 2.81
C LYS A 39 0.71 -10.67 4.11
N CYS A 40 0.54 -9.87 5.16
CA CYS A 40 0.15 -10.41 6.46
C CYS A 40 -1.36 -10.26 6.68
N ASN A 41 -1.96 -11.25 7.34
CA ASN A 41 -3.39 -11.23 7.60
C ASN A 41 -3.67 -10.74 9.02
N TYR A 42 -2.70 -10.04 9.61
CA TYR A 42 -2.84 -9.53 10.96
C TYR A 42 -2.54 -8.03 11.00
N CYS A 43 -1.54 -7.61 10.24
CA CYS A 43 -1.15 -6.21 10.19
C CYS A 43 -0.83 -5.78 8.76
N SER A 44 -0.53 -4.50 8.58
CA SER A 44 -0.21 -3.97 7.26
C SER A 44 1.23 -4.30 6.88
N PHE A 45 1.62 -5.56 7.08
CA PHE A 45 2.97 -6.01 6.75
C PHE A 45 2.97 -6.84 5.47
N ASP A 46 4.00 -6.64 4.65
CA ASP A 46 4.14 -7.37 3.40
C ASP A 46 5.59 -7.68 3.09
N THR A 47 5.90 -8.95 2.87
CA THR A 47 7.25 -9.37 2.57
C THR A 47 7.34 -10.05 1.20
N LYS A 48 8.50 -9.92 0.56
CA LYS A 48 8.70 -10.52 -0.76
C LYS A 48 8.81 -12.04 -0.66
N GLN A 49 9.60 -12.51 0.31
CA GLN A 49 9.79 -13.94 0.51
C GLN A 49 8.71 -14.51 1.42
N PRO A 50 8.26 -15.73 1.11
CA PRO A 50 7.22 -16.42 1.89
C PRO A 50 7.72 -16.84 3.27
N SER A 51 9.03 -17.05 3.38
CA SER A 51 9.63 -17.46 4.65
C SER A 51 9.52 -16.35 5.69
N ASN A 52 9.84 -15.13 5.28
CA ASN A 52 9.77 -13.97 6.18
C ASN A 52 8.40 -13.87 6.84
N LEU A 53 7.36 -14.05 6.04
CA LEU A 53 5.99 -13.98 6.54
C LEU A 53 5.74 -15.05 7.61
N SER A 54 6.08 -16.29 7.27
CA SER A 54 5.89 -17.41 8.19
C SER A 54 6.53 -17.10 9.54
N LYS A 55 7.82 -16.80 9.54
CA LYS A 55 8.54 -16.49 10.77
C LYS A 55 8.02 -15.20 11.39
N HIS A 56 7.56 -14.27 10.54
CA HIS A 56 7.03 -13.00 11.01
C HIS A 56 5.74 -13.21 11.78
N MET A 57 4.90 -14.11 11.29
CA MET A 57 3.62 -14.40 11.94
C MET A 57 3.83 -14.95 13.34
N LYS A 58 4.67 -15.97 13.46
CA LYS A 58 4.96 -16.58 14.74
C LYS A 58 5.79 -15.64 15.62
N LYS A 59 6.73 -14.95 15.00
CA LYS A 59 7.59 -14.02 15.72
C LYS A 59 6.76 -12.99 16.48
N PHE A 60 6.02 -12.17 15.75
CA PHE A 60 5.18 -11.15 16.36
C PHE A 60 3.82 -11.72 16.74
N HIS A 61 3.07 -12.18 15.76
CA HIS A 61 1.75 -12.76 16.00
C HIS A 61 1.86 -14.21 16.46
N GLY A 62 2.80 -14.46 17.37
CA GLY A 62 3.00 -15.80 17.89
C GLY A 62 1.98 -16.17 18.95
N ASP A 63 1.98 -15.41 20.05
CA ASP A 63 1.05 -15.66 21.14
C ASP A 63 -0.32 -15.07 20.85
N MET A 64 -0.78 -15.24 19.61
CA MET A 64 -2.07 -14.71 19.19
C MET A 64 -3.02 -15.85 18.81
N SER A 65 -2.60 -16.66 17.84
CA SER A 65 -3.41 -17.77 17.38
C SER A 65 -4.05 -18.51 18.55
N GLY A 66 -5.38 -18.52 18.59
CA GLY A 66 -6.09 -19.19 19.66
C GLY A 66 -5.76 -18.60 21.02
N PRO A 67 -6.46 -19.08 22.07
CA PRO A 67 -6.26 -18.63 23.44
C PRO A 67 -4.91 -19.07 24.00
N SER A 68 -4.12 -19.72 23.17
CA SER A 68 -2.80 -20.21 23.60
C SER A 68 -2.94 -21.25 24.69
N SER A 69 -3.92 -22.13 24.56
CA SER A 69 -4.17 -23.18 25.53
C SER A 69 -4.32 -24.54 24.85
N GLY A 70 -3.47 -24.80 23.86
CA GLY A 70 -3.53 -26.06 23.15
C GLY A 70 -4.53 -26.02 22.00
N GLY A 1 -20.62 28.92 -11.54
CA GLY A 1 -19.58 27.94 -11.71
C GLY A 1 -19.68 26.81 -10.70
N SER A 2 -20.89 26.27 -10.54
CA SER A 2 -21.13 25.18 -9.60
C SER A 2 -20.03 24.13 -9.70
N SER A 3 -19.53 23.69 -8.55
CA SER A 3 -18.47 22.69 -8.50
C SER A 3 -17.39 22.99 -9.54
N GLY A 4 -17.03 24.27 -9.65
CA GLY A 4 -16.01 24.67 -10.60
C GLY A 4 -14.64 24.14 -10.24
N SER A 5 -14.15 23.18 -11.01
CA SER A 5 -12.84 22.58 -10.77
C SER A 5 -12.00 22.57 -12.04
N SER A 6 -10.78 23.08 -11.95
CA SER A 6 -9.89 23.12 -13.10
C SER A 6 -9.38 21.73 -13.44
N GLY A 7 -8.79 21.06 -12.45
CA GLY A 7 -8.28 19.72 -12.67
C GLY A 7 -6.94 19.51 -12.00
N HIS A 8 -6.57 18.24 -11.81
CA HIS A 8 -5.29 17.90 -11.17
C HIS A 8 -4.14 17.99 -12.17
N PRO A 9 -2.93 18.18 -11.65
CA PRO A 9 -1.72 18.29 -12.48
C PRO A 9 -1.34 16.97 -13.13
N GLU A 10 -1.85 15.88 -12.58
CA GLU A 10 -1.57 14.54 -13.10
C GLU A 10 -2.85 13.76 -13.33
N LYS A 11 -2.88 12.96 -14.40
CA LYS A 11 -4.05 12.16 -14.72
C LYS A 11 -3.64 10.83 -15.36
N CYS A 12 -4.41 9.79 -15.08
CA CYS A 12 -4.12 8.47 -15.64
C CYS A 12 -4.73 8.31 -17.03
N SER A 13 -3.92 7.83 -17.97
CA SER A 13 -4.38 7.63 -19.34
C SER A 13 -5.31 6.43 -19.45
N GLU A 14 -5.16 5.49 -18.52
CA GLU A 14 -5.98 4.29 -18.50
C GLU A 14 -7.40 4.61 -18.02
N CYS A 15 -7.50 5.16 -16.82
CA CYS A 15 -8.79 5.51 -16.24
C CYS A 15 -8.83 6.99 -15.88
N SER A 16 -9.93 7.41 -15.25
CA SER A 16 -10.10 8.80 -14.85
C SER A 16 -9.53 9.04 -13.45
N TYR A 17 -8.41 8.38 -13.16
CA TYR A 17 -7.77 8.51 -11.87
C TYR A 17 -6.71 9.62 -11.90
N SER A 18 -6.94 10.68 -11.13
CA SER A 18 -6.01 11.80 -11.07
C SER A 18 -5.61 12.10 -9.63
N CYS A 19 -4.32 12.34 -9.41
CA CYS A 19 -3.80 12.64 -8.09
C CYS A 19 -2.82 13.80 -8.14
N SER A 20 -2.80 14.61 -7.08
CA SER A 20 -1.91 15.76 -7.00
C SER A 20 -0.45 15.31 -6.95
N SER A 21 -0.15 14.38 -6.04
CA SER A 21 1.21 13.87 -5.89
C SER A 21 1.53 12.89 -7.00
N LYS A 22 2.57 13.21 -7.78
CA LYS A 22 2.99 12.35 -8.88
C LYS A 22 3.16 10.90 -8.41
N ALA A 23 4.07 10.70 -7.47
CA ALA A 23 4.34 9.37 -6.93
C ALA A 23 3.03 8.62 -6.70
N ALA A 24 2.06 9.30 -6.10
CA ALA A 24 0.76 8.69 -5.81
C ALA A 24 0.20 8.00 -7.05
N LEU A 25 0.08 8.74 -8.13
CA LEU A 25 -0.45 8.19 -9.38
C LEU A 25 0.23 6.88 -9.73
N ARG A 26 1.56 6.90 -9.78
CA ARG A 26 2.33 5.71 -10.10
C ARG A 26 1.83 4.50 -9.32
N ILE A 27 1.69 4.67 -8.01
CA ILE A 27 1.22 3.59 -7.14
C ILE A 27 -0.13 3.08 -7.60
N HIS A 28 -0.96 3.98 -8.13
CA HIS A 28 -2.28 3.61 -8.61
C HIS A 28 -2.18 2.83 -9.92
N GLU A 29 -1.27 3.24 -10.79
CA GLU A 29 -1.07 2.58 -12.07
C GLU A 29 -0.98 1.06 -11.90
N ARG A 30 -0.52 0.64 -10.73
CA ARG A 30 -0.38 -0.79 -10.44
C ARG A 30 -1.68 -1.52 -10.71
N ILE A 31 -2.81 -0.82 -10.53
CA ILE A 31 -4.12 -1.41 -10.76
C ILE A 31 -4.19 -2.07 -12.14
N HIS A 32 -3.48 -1.49 -13.10
CA HIS A 32 -3.47 -2.03 -14.46
C HIS A 32 -2.27 -2.93 -14.68
N CYS A 33 -1.90 -3.67 -13.64
CA CYS A 33 -0.77 -4.59 -13.71
C CYS A 33 -0.67 -5.45 -12.46
N THR A 34 -0.19 -6.68 -12.62
CA THR A 34 -0.06 -7.60 -11.49
C THR A 34 1.37 -8.10 -11.37
N ASP A 35 2.11 -7.56 -10.42
CA ASP A 35 3.50 -7.96 -10.20
C ASP A 35 3.65 -8.69 -8.87
N ARG A 36 2.95 -8.21 -7.84
CA ARG A 36 3.00 -8.82 -6.52
C ARG A 36 1.63 -9.33 -6.11
N PRO A 37 1.44 -10.65 -6.18
CA PRO A 37 0.17 -11.30 -5.81
C PRO A 37 -0.09 -11.25 -4.31
N PHE A 38 0.98 -11.10 -3.54
CA PHE A 38 0.87 -11.03 -2.08
C PHE A 38 0.94 -9.59 -1.60
N LYS A 39 -0.09 -9.18 -0.86
CA LYS A 39 -0.15 -7.82 -0.33
C LYS A 39 -0.51 -7.84 1.15
N CYS A 40 -0.22 -6.74 1.84
CA CYS A 40 -0.52 -6.62 3.26
C CYS A 40 -1.89 -5.99 3.49
N ASN A 41 -2.49 -6.30 4.62
CA ASN A 41 -3.81 -5.75 4.96
C ASN A 41 -3.69 -4.55 5.90
N TYR A 42 -2.69 -4.60 6.78
CA TYR A 42 -2.47 -3.53 7.73
C TYR A 42 -1.93 -2.28 7.03
N CYS A 43 -0.86 -2.46 6.26
CA CYS A 43 -0.26 -1.36 5.52
C CYS A 43 -0.25 -1.64 4.02
N SER A 44 0.20 -0.65 3.25
CA SER A 44 0.25 -0.79 1.80
C SER A 44 1.52 -1.52 1.36
N PHE A 45 1.92 -2.51 2.15
CA PHE A 45 3.11 -3.29 1.85
C PHE A 45 2.78 -4.48 0.94
N ASP A 46 3.41 -4.52 -0.22
CA ASP A 46 3.19 -5.60 -1.19
C ASP A 46 4.50 -6.29 -1.54
N THR A 47 4.49 -7.62 -1.48
CA THR A 47 5.67 -8.41 -1.79
C THR A 47 5.34 -9.53 -2.78
N LYS A 48 6.32 -9.89 -3.59
CA LYS A 48 6.15 -10.95 -4.58
C LYS A 48 6.23 -12.32 -3.93
N GLN A 49 7.16 -12.46 -2.99
CA GLN A 49 7.35 -13.73 -2.29
C GLN A 49 6.42 -13.82 -1.08
N PRO A 50 5.85 -15.02 -0.87
CA PRO A 50 4.94 -15.27 0.26
C PRO A 50 5.66 -15.27 1.60
N SER A 51 6.88 -15.78 1.62
CA SER A 51 7.68 -15.83 2.84
C SER A 51 7.96 -14.43 3.36
N ASN A 52 8.13 -13.49 2.44
CA ASN A 52 8.42 -12.11 2.81
C ASN A 52 7.26 -11.50 3.57
N LEU A 53 6.04 -11.72 3.08
CA LEU A 53 4.84 -11.20 3.72
C LEU A 53 4.68 -11.75 5.13
N SER A 54 4.62 -13.08 5.23
CA SER A 54 4.46 -13.75 6.52
C SER A 54 5.39 -13.13 7.55
N LYS A 55 6.69 -13.14 7.26
CA LYS A 55 7.69 -12.58 8.16
C LYS A 55 7.45 -11.09 8.40
N HIS A 56 7.05 -10.39 7.33
CA HIS A 56 6.78 -8.96 7.43
C HIS A 56 5.72 -8.67 8.48
N MET A 57 4.73 -9.55 8.58
CA MET A 57 3.65 -9.39 9.55
C MET A 57 4.21 -9.28 10.97
N LYS A 58 4.98 -10.28 11.36
CA LYS A 58 5.57 -10.31 12.70
C LYS A 58 6.61 -9.19 12.84
N LYS A 59 7.43 -9.03 11.83
CA LYS A 59 8.47 -8.00 11.83
C LYS A 59 7.87 -6.63 12.08
N PHE A 60 7.07 -6.15 11.13
CA PHE A 60 6.43 -4.85 11.24
C PHE A 60 5.27 -4.90 12.24
N HIS A 61 4.36 -5.84 12.02
CA HIS A 61 3.21 -5.99 12.90
C HIS A 61 3.43 -7.12 13.90
N GLY A 62 4.49 -7.02 14.69
CA GLY A 62 4.80 -8.04 15.67
C GLY A 62 4.07 -7.82 16.98
N ASP A 63 4.18 -6.62 17.52
CA ASP A 63 3.52 -6.28 18.78
C ASP A 63 2.08 -5.84 18.54
N MET A 64 1.39 -6.54 17.65
CA MET A 64 0.00 -6.23 17.33
C MET A 64 -0.94 -7.29 17.89
N SER A 65 -2.08 -6.84 18.42
CA SER A 65 -3.05 -7.75 18.99
C SER A 65 -3.37 -8.89 18.03
N GLY A 66 -3.65 -10.06 18.58
CA GLY A 66 -3.96 -11.22 17.76
C GLY A 66 -4.49 -12.39 18.57
N PRO A 67 -5.04 -13.38 17.87
CA PRO A 67 -5.60 -14.58 18.52
C PRO A 67 -4.51 -15.47 19.12
N SER A 68 -3.50 -15.78 18.31
CA SER A 68 -2.40 -16.63 18.77
C SER A 68 -1.06 -15.96 18.50
N SER A 69 -0.99 -14.66 18.76
CA SER A 69 0.24 -13.91 18.55
C SER A 69 1.45 -14.66 19.10
N GLY A 70 2.27 -15.19 18.20
CA GLY A 70 3.45 -15.93 18.62
C GLY A 70 4.73 -15.31 18.10
N GLY A 1 -8.85 24.37 7.95
CA GLY A 1 -9.99 24.82 8.72
C GLY A 1 -11.23 25.03 7.89
N SER A 2 -11.73 23.95 7.29
CA SER A 2 -12.92 24.01 6.46
C SER A 2 -13.54 22.63 6.29
N SER A 3 -14.69 22.58 5.62
CA SER A 3 -15.39 21.33 5.39
C SER A 3 -14.46 20.28 4.82
N GLY A 4 -13.65 20.67 3.84
CA GLY A 4 -12.71 19.76 3.22
C GLY A 4 -12.65 19.93 1.71
N SER A 5 -12.28 21.13 1.28
CA SER A 5 -12.17 21.42 -0.15
C SER A 5 -10.74 21.76 -0.53
N SER A 6 -9.88 20.74 -0.54
CA SER A 6 -8.47 20.93 -0.88
C SER A 6 -7.75 19.60 -0.96
N GLY A 7 -6.55 19.61 -1.53
CA GLY A 7 -5.77 18.39 -1.66
C GLY A 7 -4.78 18.46 -2.81
N HIS A 8 -4.86 17.48 -3.70
CA HIS A 8 -3.95 17.44 -4.85
C HIS A 8 -4.72 17.65 -6.16
N PRO A 9 -4.00 18.07 -7.21
CA PRO A 9 -4.59 18.33 -8.53
C PRO A 9 -5.04 17.04 -9.21
N GLU A 10 -4.17 16.03 -9.18
CA GLU A 10 -4.47 14.75 -9.80
C GLU A 10 -4.94 13.73 -8.76
N LYS A 11 -6.06 13.07 -9.05
CA LYS A 11 -6.61 12.07 -8.14
C LYS A 11 -6.69 10.71 -8.82
N CYS A 12 -6.96 9.68 -8.03
CA CYS A 12 -7.07 8.31 -8.56
C CYS A 12 -8.53 7.93 -8.76
N SER A 13 -8.82 7.31 -9.90
CA SER A 13 -10.17 6.88 -10.22
C SER A 13 -10.57 5.65 -9.42
N GLU A 14 -9.58 4.87 -9.02
CA GLU A 14 -9.81 3.66 -8.24
C GLU A 14 -10.06 4.00 -6.78
N CYS A 15 -9.07 4.62 -6.14
CA CYS A 15 -9.17 5.00 -4.74
C CYS A 15 -9.08 6.51 -4.58
N SER A 16 -9.06 6.97 -3.33
CA SER A 16 -8.98 8.38 -3.03
C SER A 16 -7.53 8.85 -3.02
N TYR A 17 -6.68 8.16 -3.78
CA TYR A 17 -5.27 8.50 -3.86
C TYR A 17 -5.02 9.63 -4.86
N SER A 18 -4.35 10.68 -4.41
CA SER A 18 -4.05 11.82 -5.27
C SER A 18 -2.59 12.23 -5.15
N CYS A 19 -2.01 12.66 -6.26
CA CYS A 19 -0.61 13.08 -6.28
C CYS A 19 -0.47 14.48 -6.86
N SER A 20 0.75 15.00 -6.84
CA SER A 20 1.00 16.35 -7.36
C SER A 20 1.53 16.28 -8.79
N SER A 21 0.97 15.37 -9.59
CA SER A 21 1.38 15.20 -10.96
C SER A 21 0.48 14.20 -11.69
N LYS A 22 0.80 13.91 -12.94
CA LYS A 22 0.02 12.97 -13.74
C LYS A 22 0.80 11.68 -13.97
N ALA A 23 2.11 11.80 -14.14
CA ALA A 23 2.96 10.64 -14.37
C ALA A 23 3.05 9.76 -13.13
N ALA A 24 3.26 10.40 -11.98
CA ALA A 24 3.36 9.67 -10.72
C ALA A 24 2.13 8.82 -10.48
N LEU A 25 0.95 9.41 -10.66
CA LEU A 25 -0.31 8.70 -10.45
C LEU A 25 -0.35 7.41 -11.29
N ARG A 26 0.13 7.50 -12.52
CA ARG A 26 0.14 6.35 -13.41
C ARG A 26 0.87 5.18 -12.77
N ILE A 27 1.97 5.48 -12.07
CA ILE A 27 2.76 4.45 -11.41
C ILE A 27 2.04 3.92 -10.18
N HIS A 28 1.07 4.69 -9.68
CA HIS A 28 0.30 4.29 -8.51
C HIS A 28 -0.82 3.33 -8.90
N GLU A 29 -1.47 3.60 -10.02
CA GLU A 29 -2.56 2.77 -10.50
C GLU A 29 -2.19 1.29 -10.42
N ARG A 30 -0.90 1.01 -10.57
CA ARG A 30 -0.41 -0.37 -10.52
C ARG A 30 -0.90 -1.08 -9.27
N ILE A 31 -0.99 -0.34 -8.17
CA ILE A 31 -1.45 -0.89 -6.90
C ILE A 31 -2.70 -1.75 -7.10
N HIS A 32 -3.53 -1.36 -8.06
CA HIS A 32 -4.75 -2.10 -8.35
C HIS A 32 -4.53 -3.11 -9.46
N CYS A 33 -3.94 -4.25 -9.10
CA CYS A 33 -3.67 -5.30 -10.08
C CYS A 33 -3.10 -6.55 -9.38
N THR A 34 -3.01 -7.64 -10.13
CA THR A 34 -2.50 -8.89 -9.60
C THR A 34 -1.04 -9.11 -10.00
N ASP A 35 -0.13 -8.37 -9.37
CA ASP A 35 1.29 -8.49 -9.68
C ASP A 35 1.96 -9.49 -8.74
N ARG A 36 1.88 -9.24 -7.45
CA ARG A 36 2.48 -10.12 -6.45
C ARG A 36 1.45 -11.11 -5.91
N PRO A 37 1.86 -12.38 -5.77
CA PRO A 37 0.98 -13.44 -5.26
C PRO A 37 0.68 -13.28 -3.77
N PHE A 38 1.67 -12.81 -3.02
CA PHE A 38 1.52 -12.61 -1.59
C PHE A 38 1.47 -11.12 -1.24
N LYS A 39 0.41 -10.71 -0.56
CA LYS A 39 0.25 -9.31 -0.17
C LYS A 39 -0.35 -9.20 1.23
N CYS A 40 -0.11 -8.07 1.88
CA CYS A 40 -0.63 -7.83 3.22
C CYS A 40 -2.07 -7.33 3.18
N ASN A 41 -2.84 -7.67 4.20
CA ASN A 41 -4.23 -7.25 4.28
C ASN A 41 -4.38 -5.99 5.12
N TYR A 42 -3.42 -5.76 6.02
CA TYR A 42 -3.44 -4.59 6.88
C TYR A 42 -2.96 -3.35 6.14
N CYS A 43 -1.75 -3.43 5.58
CA CYS A 43 -1.18 -2.31 4.84
C CYS A 43 -0.90 -2.71 3.39
N SER A 44 -0.49 -1.74 2.59
CA SER A 44 -0.20 -1.99 1.18
C SER A 44 1.19 -2.62 1.01
N PHE A 45 1.49 -3.59 1.86
CA PHE A 45 2.78 -4.27 1.82
C PHE A 45 2.63 -5.68 1.25
N ASP A 46 3.25 -5.91 0.10
CA ASP A 46 3.20 -7.21 -0.56
C ASP A 46 4.54 -7.59 -1.16
N THR A 47 4.88 -8.87 -1.09
CA THR A 47 6.14 -9.37 -1.62
C THR A 47 5.93 -10.58 -2.51
N LYS A 48 6.82 -10.75 -3.49
CA LYS A 48 6.73 -11.88 -4.41
C LYS A 48 6.85 -13.20 -3.66
N GLN A 49 7.67 -13.22 -2.62
CA GLN A 49 7.87 -14.42 -1.82
C GLN A 49 6.97 -14.41 -0.60
N PRO A 50 6.53 -15.62 -0.19
CA PRO A 50 5.65 -15.78 0.98
C PRO A 50 6.36 -15.48 2.29
N SER A 51 7.54 -16.06 2.46
CA SER A 51 8.32 -15.87 3.67
C SER A 51 8.37 -14.40 4.06
N ASN A 52 9.03 -13.60 3.23
CA ASN A 52 9.15 -12.16 3.47
C ASN A 52 7.85 -11.61 4.07
N LEU A 53 6.74 -11.90 3.42
CA LEU A 53 5.43 -11.42 3.88
C LEU A 53 5.16 -11.89 5.31
N SER A 54 5.40 -13.17 5.55
CA SER A 54 5.18 -13.74 6.88
C SER A 54 5.97 -12.98 7.93
N LYS A 55 7.25 -12.76 7.65
CA LYS A 55 8.12 -12.04 8.58
C LYS A 55 7.60 -10.63 8.85
N HIS A 56 7.00 -10.03 7.83
CA HIS A 56 6.45 -8.69 7.95
C HIS A 56 5.16 -8.70 8.76
N MET A 57 4.41 -9.80 8.66
CA MET A 57 3.16 -9.94 9.39
C MET A 57 3.38 -9.80 10.89
N LYS A 58 4.38 -10.51 11.40
CA LYS A 58 4.69 -10.47 12.83
C LYS A 58 5.58 -9.27 13.15
N LYS A 59 6.49 -8.95 12.24
CA LYS A 59 7.39 -7.83 12.42
C LYS A 59 6.64 -6.57 12.84
N PHE A 60 5.70 -6.14 12.00
CA PHE A 60 4.90 -4.95 12.28
C PHE A 60 3.61 -5.33 13.01
N HIS A 61 2.76 -6.12 12.33
CA HIS A 61 1.50 -6.55 12.91
C HIS A 61 1.70 -7.75 13.83
N GLY A 62 2.65 -7.64 14.76
CA GLY A 62 2.92 -8.73 15.67
C GLY A 62 1.78 -8.96 16.63
N ASP A 63 1.52 -7.99 17.49
CA ASP A 63 0.44 -8.10 18.47
C ASP A 63 -0.87 -7.57 17.91
N MET A 64 -1.48 -8.34 17.02
CA MET A 64 -2.74 -7.93 16.39
C MET A 64 -3.73 -9.10 16.38
N SER A 65 -4.31 -9.39 17.54
CA SER A 65 -5.28 -10.48 17.66
C SER A 65 -5.98 -10.43 19.01
N GLY A 66 -7.13 -11.10 19.09
CA GLY A 66 -7.89 -11.12 20.33
C GLY A 66 -7.64 -12.38 21.14
N PRO A 67 -8.56 -13.35 21.02
CA PRO A 67 -8.46 -14.62 21.74
C PRO A 67 -7.33 -15.50 21.21
N SER A 68 -6.49 -15.98 22.12
CA SER A 68 -5.36 -16.82 21.74
C SER A 68 -5.32 -18.10 22.60
N SER A 69 -5.08 -19.22 21.94
CA SER A 69 -5.02 -20.51 22.63
C SER A 69 -3.78 -21.29 22.23
N GLY A 70 -3.06 -21.80 23.23
CA GLY A 70 -1.85 -22.56 22.96
C GLY A 70 -0.63 -21.66 22.74
#